data_9DNI
#
_entry.id   9DNI
#
_cell.length_a   1.00
_cell.length_b   1.00
_cell.length_c   1.00
_cell.angle_alpha   90.00
_cell.angle_beta   90.00
_cell.angle_gamma   90.00
#
_symmetry.space_group_name_H-M   'P 1'
#
loop_
_entity.id
_entity.type
_entity.pdbx_description
1 polymer 'De novo designed IR agonist "S2-F1-S1"'
2 polymer 'Isoform Short of Insulin receptor'
#
loop_
_entity_poly.entity_id
_entity_poly.type
_entity_poly.pdbx_seq_one_letter_code
_entity_poly.pdbx_strand_id
1 'polypeptide(L)'
;SKLEEIEELLKELSKTNPLAKDILWVIEVRTEDGHDPKSELVFIRQYLKTLNTPEAREILKIVAPGSEVKKEAFKAFMDL
MDALFLAKDPEIKKKAEELIKKLEEADEKNNEEELKKVVEEAKKVYKSVK
;
A,B
2 'polypeptide(L)'
;MATGGRRGAAAAPLLVAVAALLLGAAGHLYPGEVCPGMDIRNNLTRLHELENCSVIEGHLQILLMFKTRPEDFRDLSFPK
LIMITDYLLLFRVYGLESLKDLFPNLTVIRGSRLFFNYALVIFEMVHLKELGLYNLMNITRGSVRIEKNNELCYLATIDW
SRILDSVEDNYIVLNKDDNEECGDICPGTAKGKTNCPATVINGQFVERCWTHSHCQKVCPTICKSHGCTAEGLCCHSECL
GNCSQPDDPTKCVACRNFYLDGRCVETCPPPYYHFQDWRCVNFSFCQDLHHKCKNSRRQGCHQYVIHNNKCIPECPSGYT
MNSSNLLCTPCLGPCPKVCHLLEGEKTIDSVTSAQELRGCTVINGSLIINIRGGNNLAAELEANLGLIEEISGYLKIRRS
YALVSLSFFRKLRLIRGETLEIGNYSFYALDNQNLRQLWDWSKHNLTITQGKLFFHYNPKLCLSEIHKMEEVSGTKGRQE
RNDIALKTNGDQASCENELLKFSYIRTSFDKILLRWEPYWPPDFRDLLGFMLFYKEAPYQNVTEFDGQDACGSNSWTVVD
IDPPLRSNDPKSQNHPGWLMRGLKPWTQYAIFVKTLVTFSDERRTYGAKSDIIYVQTDATNPSVPLDPISVSNSSSQIIL
KWKPPSDPNGNITHYLVFWERQAEDSELFELDYCLKGLKLPSRTWSPPFESEDSQKHNQSEYEDSAGECCSCPKTDSQIL
KELEESSFRKTFEDYLHNVVFVPRPSRKRRSLGDVGNVTVAVPTVAAFPNTSSTSVPTSPEEHRPFEKVVNKESLVISGL
RHFTGYRIELQACNQDTPEERCSVAAYVSARTMPEAKADDIVGPVTHEIFENNVVHLMWQEPKEPNGLIVLYEVSYRRYG
DEELHLCVSRKHFALERGCRLRGLSPGNYSVRIRATSLAGNGSWTEPTYFYVTDYLDVPSNIAKIIIGPLIFVFLFSVVI
GSIYLFLRKRQPDGPLGPLYASSNPEYLSASDVFPCSVYVPDEWEVSREKITLLRELGQGSFGMVYEGNARDIIKGEAET
RVAVKTVNESASLRERIEFLNEASVMKGFTCHHVVRLLGVVSKGQPTLVVMELMAHGDLKSYLRSLRPEAENNPGRPPPT
LQEMIQMAAEIADGMAYLNAKKFVHRDLAARNCMVAHDFTVKIGDFGMTRDIYETDYYRKGGKGLLPVRWMAPESLKDGV
FTTSSDMWSFGVVLWEITSLAEQPYQGLSNEQVLKFVMDGGYLDQPDNCPERVTDLMRMCWQFNPKMRPTFLEIVNLLKD
DLHPSFPEVSFFHSEENKAPESEELEMEFEDMENVPLDRSSHCQREEAGGRDGGSSLGFKRSYEEHIPYTHMNGGKKNGR
ILTLPRSNPS
;
C,D
#
# COMPACT_ATOMS: atom_id res chain seq x y z
N SER A 1 -41.56 14.85 23.97
CA SER A 1 -42.13 13.52 23.64
C SER A 1 -41.02 12.50 23.46
N LYS A 2 -41.41 11.22 23.54
CA LYS A 2 -40.46 10.11 23.45
C LYS A 2 -39.45 10.36 22.34
N LEU A 3 -39.87 11.06 21.29
CA LEU A 3 -38.94 11.53 20.29
C LEU A 3 -37.92 12.49 20.90
N GLU A 4 -38.40 13.47 21.65
CA GLU A 4 -37.49 14.45 22.26
C GLU A 4 -36.55 13.79 23.25
N GLU A 5 -37.08 12.91 24.09
CA GLU A 5 -36.23 12.21 25.03
C GLU A 5 -35.28 11.27 24.32
N ILE A 6 -35.70 10.70 23.20
CA ILE A 6 -34.80 9.90 22.38
C ILE A 6 -33.62 10.76 21.95
N GLU A 7 -33.90 11.98 21.51
CA GLU A 7 -32.83 12.90 21.15
C GLU A 7 -31.94 13.19 22.33
N GLU A 8 -32.55 13.44 23.49
CA GLU A 8 -31.80 13.88 24.65
C GLU A 8 -30.85 12.79 25.13
N LEU A 9 -31.33 11.55 25.17
CA LEU A 9 -30.46 10.45 25.55
C LEU A 9 -29.47 10.12 24.43
N LEU A 10 -29.85 10.39 23.18
CA LEU A 10 -28.88 10.27 22.11
C LEU A 10 -27.76 11.26 22.28
N LYS A 11 -28.02 12.38 22.96
CA LYS A 11 -26.91 13.24 23.34
C LYS A 11 -25.88 12.44 24.11
N GLU A 12 -26.34 11.67 25.09
CA GLU A 12 -25.43 10.85 25.88
C GLU A 12 -24.77 9.80 25.00
N LEU A 13 -25.57 9.14 24.17
CA LEU A 13 -25.04 8.07 23.31
C LEU A 13 -23.96 8.60 22.39
N SER A 14 -24.23 9.73 21.73
CA SER A 14 -23.24 10.37 20.88
C SER A 14 -22.01 10.73 21.68
N LYS A 15 -22.21 11.24 22.90
CA LYS A 15 -21.09 11.43 23.80
C LYS A 15 -20.37 10.11 24.05
N THR A 16 -21.05 8.99 23.83
CA THR A 16 -20.42 7.68 23.86
C THR A 16 -20.22 7.09 22.46
N ASN A 17 -20.59 7.81 21.40
CA ASN A 17 -20.40 7.30 20.05
C ASN A 17 -20.35 8.40 19.00
N PRO A 18 -19.30 8.46 18.18
CA PRO A 18 -19.28 9.50 17.13
C PRO A 18 -20.45 9.38 16.19
N LEU A 19 -20.86 8.16 15.85
CA LEU A 19 -21.93 8.00 14.87
C LEU A 19 -23.25 8.48 15.44
N ALA A 20 -23.48 8.30 16.74
CA ALA A 20 -24.65 8.88 17.36
C ALA A 20 -24.62 10.40 17.25
N LYS A 21 -23.42 10.98 17.34
CA LYS A 21 -23.29 12.41 17.11
C LYS A 21 -23.64 12.77 15.67
N ASP A 22 -23.24 11.90 14.74
CA ASP A 22 -23.61 12.11 13.35
C ASP A 22 -25.12 12.13 13.20
N ILE A 23 -25.77 11.19 13.87
CA ILE A 23 -27.23 11.14 13.86
C ILE A 23 -27.80 12.39 14.48
N LEU A 24 -27.14 12.93 15.50
CA LEU A 24 -27.61 14.18 16.08
C LEU A 24 -27.53 15.30 15.08
N TRP A 25 -26.46 15.36 14.31
CA TRP A 25 -26.44 16.31 13.21
C TRP A 25 -27.63 16.08 12.31
N VAL A 26 -27.89 14.82 11.98
CA VAL A 26 -29.00 14.50 11.10
C VAL A 26 -30.29 15.04 11.69
N ILE A 27 -30.43 14.92 13.00
CA ILE A 27 -31.61 15.41 13.69
C ILE A 27 -31.71 16.91 13.54
N GLU A 28 -30.59 17.60 13.68
CA GLU A 28 -30.57 19.03 13.41
C GLU A 28 -31.03 19.32 12.00
N VAL A 29 -30.55 18.51 11.06
CA VAL A 29 -30.89 18.70 9.65
C VAL A 29 -32.40 18.57 9.48
N ARG A 30 -32.97 17.54 10.10
CA ARG A 30 -34.41 17.36 10.06
C ARG A 30 -35.13 18.54 10.70
N THR A 31 -34.61 19.01 11.84
CA THR A 31 -35.19 20.18 12.48
C THR A 31 -35.30 21.32 11.50
N GLU A 32 -34.20 21.62 10.80
CA GLU A 32 -34.29 22.55 9.70
C GLU A 32 -35.39 22.15 8.74
N ASP A 33 -35.43 20.88 8.36
CA ASP A 33 -36.47 20.39 7.48
C ASP A 33 -37.85 20.56 8.13
N GLY A 34 -37.96 20.19 9.39
CA GLY A 34 -39.21 20.34 10.11
C GLY A 34 -40.36 19.58 9.49
N HIS A 35 -40.09 18.42 8.90
CA HIS A 35 -41.13 17.61 8.28
C HIS A 35 -41.45 16.43 9.18
N ASP A 36 -42.27 15.50 8.68
CA ASP A 36 -42.76 14.38 9.47
C ASP A 36 -41.63 13.72 10.25
N PRO A 37 -41.60 13.88 11.58
CA PRO A 37 -40.52 13.25 12.35
C PRO A 37 -40.44 11.75 12.12
N LYS A 38 -41.59 11.08 12.04
CA LYS A 38 -41.56 9.63 11.83
C LYS A 38 -40.97 9.29 10.47
N SER A 39 -41.17 10.15 9.48
CA SER A 39 -40.63 9.88 8.16
C SER A 39 -39.12 9.74 8.20
N GLU A 40 -38.43 10.83 8.53
CA GLU A 40 -36.98 10.78 8.65
C GLU A 40 -36.57 9.76 9.69
N LEU A 41 -37.39 9.55 10.71
CA LEU A 41 -37.08 8.55 11.71
C LEU A 41 -36.91 7.18 11.08
N VAL A 42 -37.94 6.73 10.37
CA VAL A 42 -37.89 5.40 9.77
C VAL A 42 -36.82 5.35 8.70
N PHE A 43 -36.65 6.45 7.96
CA PHE A 43 -35.57 6.50 7.01
C PHE A 43 -34.24 6.23 7.68
N ILE A 44 -33.98 6.90 8.79
CA ILE A 44 -32.70 6.75 9.45
C ILE A 44 -32.59 5.36 10.03
N ARG A 45 -33.71 4.78 10.46
CA ARG A 45 -33.69 3.39 10.90
C ARG A 45 -33.21 2.49 9.77
N GLN A 46 -33.75 2.69 8.58
CA GLN A 46 -33.28 1.93 7.45
C GLN A 46 -31.84 2.27 7.11
N TYR A 47 -31.43 3.51 7.40
CA TYR A 47 -30.04 3.88 7.20
C TYR A 47 -29.14 3.08 8.12
N LEU A 48 -29.60 2.86 9.35
CA LEU A 48 -28.88 1.98 10.26
C LEU A 48 -28.82 0.57 9.69
N LYS A 49 -29.96 0.09 9.18
CA LYS A 49 -29.96 -1.19 8.48
C LYS A 49 -28.91 -1.19 7.39
N THR A 50 -28.66 -0.03 6.79
CA THR A 50 -27.71 0.09 5.71
C THR A 50 -26.28 -0.02 6.23
N LEU A 51 -25.88 0.95 7.06
CA LEU A 51 -24.54 0.92 7.63
C LEU A 51 -24.36 -0.33 8.47
N ASN A 52 -25.27 -0.56 9.41
CA ASN A 52 -25.49 -1.88 9.98
C ASN A 52 -24.21 -2.45 10.58
N THR A 53 -23.36 -1.60 11.12
CA THR A 53 -22.25 -2.07 11.91
C THR A 53 -22.77 -2.58 13.26
N PRO A 54 -21.98 -3.40 13.96
CA PRO A 54 -22.45 -3.89 15.26
C PRO A 54 -22.88 -2.74 16.15
N GLU A 55 -22.08 -1.68 16.16
CA GLU A 55 -22.43 -0.48 16.91
C GLU A 55 -23.64 0.20 16.29
N ALA A 56 -23.71 0.24 14.96
CA ALA A 56 -24.88 0.80 14.31
C ALA A 56 -26.12 0.01 14.68
N ARG A 57 -26.00 -1.32 14.69
CA ARG A 57 -27.14 -2.14 15.08
C ARG A 57 -27.53 -1.87 16.53
N GLU A 58 -26.55 -1.75 17.42
CA GLU A 58 -26.86 -1.49 18.82
C GLU A 58 -27.59 -0.17 18.96
N ILE A 59 -27.10 0.86 18.27
CA ILE A 59 -27.74 2.17 18.33
C ILE A 59 -29.16 2.08 17.79
N LEU A 60 -29.33 1.39 16.67
CA LEU A 60 -30.64 1.24 16.09
C LEU A 60 -31.58 0.59 17.09
N LYS A 61 -31.15 -0.51 17.68
CA LYS A 61 -31.97 -1.16 18.71
C LYS A 61 -32.34 -0.18 19.80
N ILE A 62 -31.36 0.60 20.25
CA ILE A 62 -31.61 1.55 21.33
C ILE A 62 -32.71 2.52 20.94
N VAL A 63 -32.57 3.13 19.77
CA VAL A 63 -33.60 4.03 19.28
C VAL A 63 -34.76 3.28 18.67
N ALA A 64 -34.52 2.06 18.20
CA ALA A 64 -35.55 1.22 17.60
C ALA A 64 -35.73 0.02 18.52
N PRO A 65 -36.69 0.06 19.43
CA PRO A 65 -36.82 -1.02 20.41
C PRO A 65 -36.81 -2.41 19.80
N GLY A 66 -37.22 -2.53 18.54
CA GLY A 66 -37.29 -3.83 17.91
C GLY A 66 -38.43 -4.64 18.49
N SER A 67 -38.36 -4.88 19.80
CA SER A 67 -39.55 -5.35 20.50
C SER A 67 -40.73 -4.45 20.18
N GLU A 68 -40.47 -3.21 19.76
CA GLU A 68 -41.47 -2.44 19.05
C GLU A 68 -42.20 -3.31 18.06
N VAL A 69 -41.43 -3.99 17.22
CA VAL A 69 -42.00 -4.88 16.22
C VAL A 69 -42.90 -5.90 16.88
N LYS A 70 -42.54 -6.38 18.07
CA LYS A 70 -43.41 -7.32 18.76
C LYS A 70 -44.70 -6.66 19.21
N LYS A 71 -44.65 -5.37 19.52
CA LYS A 71 -45.87 -4.66 19.86
C LYS A 71 -46.82 -4.60 18.66
N GLU A 72 -46.31 -4.11 17.52
CA GLU A 72 -47.13 -4.23 16.33
C GLU A 72 -47.45 -5.69 16.03
N ALA A 73 -46.67 -6.62 16.56
CA ALA A 73 -46.95 -8.02 16.33
C ALA A 73 -48.22 -8.46 17.03
N PHE A 74 -48.42 -8.05 18.28
CA PHE A 74 -49.66 -8.46 18.92
C PHE A 74 -50.82 -7.65 18.34
N LYS A 75 -50.56 -6.43 17.88
CA LYS A 75 -51.63 -5.70 17.19
C LYS A 75 -52.04 -6.43 15.91
N ALA A 76 -51.06 -6.90 15.15
CA ALA A 76 -51.35 -7.68 13.95
C ALA A 76 -52.03 -8.98 14.32
N PHE A 77 -51.71 -9.53 15.49
CA PHE A 77 -52.49 -10.65 16.01
C PHE A 77 -53.95 -10.29 16.14
N MET A 78 -54.24 -9.16 16.78
CA MET A 78 -55.63 -8.73 16.89
C MET A 78 -56.26 -8.65 15.51
N ASP A 79 -55.54 -8.04 14.57
CA ASP A 79 -56.06 -7.88 13.22
C ASP A 79 -56.36 -9.24 12.58
N LEU A 80 -55.42 -10.16 12.70
CA LEU A 80 -55.54 -11.47 12.05
C LEU A 80 -56.67 -12.28 12.66
N MET A 81 -56.74 -12.30 13.99
CA MET A 81 -57.79 -13.05 14.65
C MET A 81 -59.16 -12.42 14.42
N ASP A 82 -59.20 -11.11 14.18
CA ASP A 82 -60.45 -10.50 13.73
C ASP A 82 -60.81 -10.98 12.33
N ALA A 83 -59.84 -10.96 11.41
CA ALA A 83 -60.12 -11.28 10.01
C ALA A 83 -60.51 -12.73 9.84
N LEU A 84 -59.82 -13.65 10.52
CA LEU A 84 -60.02 -15.07 10.27
C LEU A 84 -61.48 -15.47 10.42
N PHE A 85 -62.21 -14.84 11.32
CA PHE A 85 -63.63 -15.10 11.51
C PHE A 85 -64.53 -14.03 10.92
N LEU A 86 -64.00 -12.85 10.61
CA LEU A 86 -64.80 -11.76 10.09
C LEU A 86 -64.33 -11.25 8.73
N ALA A 87 -63.33 -11.89 8.12
CA ALA A 87 -62.87 -11.46 6.81
C ALA A 87 -63.99 -11.62 5.78
N LYS A 88 -64.01 -10.71 4.82
CA LYS A 88 -65.09 -10.68 3.84
C LYS A 88 -65.04 -11.83 2.84
N ASP A 89 -63.90 -12.51 2.71
CA ASP A 89 -63.75 -13.58 1.75
C ASP A 89 -63.12 -14.79 2.41
N PRO A 90 -63.53 -16.01 2.04
CA PRO A 90 -62.88 -17.20 2.61
C PRO A 90 -61.39 -17.27 2.31
N GLU A 91 -60.94 -16.73 1.18
CA GLU A 91 -59.52 -16.74 0.88
C GLU A 91 -58.74 -15.94 1.93
N ILE A 92 -59.29 -14.79 2.35
CA ILE A 92 -58.62 -14.00 3.38
C ILE A 92 -58.59 -14.77 4.69
N LYS A 93 -59.68 -15.48 5.01
CA LYS A 93 -59.70 -16.29 6.23
C LYS A 93 -58.64 -17.38 6.19
N LYS A 94 -58.48 -18.03 5.04
CA LYS A 94 -57.46 -19.06 4.91
C LYS A 94 -56.05 -18.47 4.98
N LYS A 95 -55.87 -17.27 4.40
CA LYS A 95 -54.58 -16.60 4.53
C LYS A 95 -54.27 -16.30 5.99
N ALA A 96 -55.28 -15.85 6.74
CA ALA A 96 -55.10 -15.63 8.17
C ALA A 96 -54.81 -16.94 8.89
N GLU A 97 -55.41 -18.04 8.44
CA GLU A 97 -55.13 -19.33 9.04
C GLU A 97 -53.68 -19.74 8.80
N GLU A 98 -53.16 -19.46 7.61
CA GLU A 98 -51.74 -19.65 7.36
C GLU A 98 -50.91 -18.75 8.27
N LEU A 99 -51.32 -17.50 8.38
CA LEU A 99 -50.53 -16.49 9.07
C LEU A 99 -50.52 -16.68 10.58
N ILE A 100 -51.53 -17.32 11.16
CA ILE A 100 -51.48 -17.61 12.59
C ILE A 100 -50.41 -18.66 12.87
N LYS A 101 -50.35 -19.70 12.05
CA LYS A 101 -49.27 -20.67 12.18
C LYS A 101 -47.93 -20.01 11.95
N LYS A 102 -47.88 -19.13 10.95
CA LYS A 102 -46.66 -18.38 10.70
C LYS A 102 -46.27 -17.53 11.91
N LEU A 103 -47.25 -16.93 12.56
CA LEU A 103 -46.98 -16.15 13.75
C LEU A 103 -46.40 -17.03 14.86
N GLU A 104 -47.03 -18.17 15.09
CA GLU A 104 -46.56 -19.04 16.18
C GLU A 104 -45.13 -19.50 15.91
N GLU A 105 -44.86 -19.91 14.67
CA GLU A 105 -43.53 -20.40 14.33
C GLU A 105 -42.50 -19.27 14.38
N ALA A 106 -42.91 -18.06 13.99
CA ALA A 106 -41.97 -16.94 14.07
C ALA A 106 -41.72 -16.55 15.51
N ASP A 107 -42.76 -16.68 16.35
CA ASP A 107 -42.59 -16.46 17.78
C ASP A 107 -41.53 -17.40 18.33
N GLU A 108 -41.67 -18.68 18.02
CA GLU A 108 -40.64 -19.63 18.42
C GLU A 108 -39.29 -19.22 17.84
N LYS A 109 -39.26 -19.01 16.52
CA LYS A 109 -38.04 -18.55 15.87
C LYS A 109 -37.67 -17.14 16.33
N ASN A 110 -38.66 -16.37 16.76
CA ASN A 110 -38.43 -15.07 17.36
C ASN A 110 -37.42 -14.23 16.56
N ASN A 111 -37.45 -14.35 15.24
CA ASN A 111 -36.69 -13.45 14.38
C ASN A 111 -37.56 -12.26 14.02
N GLU A 112 -36.94 -11.08 14.01
CA GLU A 112 -37.70 -9.88 13.69
C GLU A 112 -37.82 -9.65 12.19
N GLU A 113 -37.01 -10.32 11.38
CA GLU A 113 -37.14 -10.19 9.92
C GLU A 113 -38.28 -11.06 9.42
N GLU A 114 -38.31 -12.33 9.84
CA GLU A 114 -39.48 -13.16 9.58
C GLU A 114 -40.73 -12.43 10.03
N LEU A 115 -40.66 -11.78 11.19
CA LEU A 115 -41.82 -11.12 11.73
C LEU A 115 -42.16 -9.85 10.96
N LYS A 116 -41.14 -9.15 10.45
CA LYS A 116 -41.40 -8.02 9.57
C LYS A 116 -42.20 -8.46 8.36
N LYS A 117 -41.74 -9.54 7.72
CA LYS A 117 -42.46 -10.05 6.57
C LYS A 117 -43.87 -10.48 6.95
N VAL A 118 -43.99 -11.16 8.09
CA VAL A 118 -45.30 -11.65 8.53
C VAL A 118 -46.24 -10.50 8.78
N VAL A 119 -45.75 -9.43 9.41
CA VAL A 119 -46.61 -8.29 9.69
C VAL A 119 -46.95 -7.54 8.43
N GLU A 120 -46.06 -7.54 7.44
CA GLU A 120 -46.43 -6.99 6.15
C GLU A 120 -47.58 -7.78 5.54
N GLU A 121 -47.50 -9.11 5.63
CA GLU A 121 -48.60 -9.95 5.18
C GLU A 121 -49.87 -9.65 5.95
N ALA A 122 -49.75 -9.46 7.26
CA ALA A 122 -50.91 -9.18 8.10
C ALA A 122 -51.52 -7.83 7.73
N LYS A 123 -50.68 -6.84 7.46
CA LYS A 123 -51.18 -5.55 7.00
C LYS A 123 -51.94 -5.69 5.70
N LYS A 124 -51.40 -6.47 4.76
CA LYS A 124 -52.09 -6.69 3.50
C LYS A 124 -53.43 -7.37 3.71
N VAL A 125 -53.47 -8.39 4.57
CA VAL A 125 -54.71 -9.11 4.84
C VAL A 125 -55.73 -8.19 5.48
N TYR A 126 -55.29 -7.40 6.46
CA TYR A 126 -56.19 -6.49 7.15
C TYR A 126 -56.73 -5.44 6.19
N LYS A 127 -55.88 -4.93 5.29
CA LYS A 127 -56.35 -4.00 4.26
C LYS A 127 -57.38 -4.67 3.36
N SER A 128 -57.16 -5.93 3.00
CA SER A 128 -58.15 -6.66 2.21
C SER A 128 -59.47 -6.73 2.96
N VAL A 129 -59.42 -7.06 4.25
CA VAL A 129 -60.63 -7.04 5.06
C VAL A 129 -61.17 -5.62 5.20
N LYS A 130 -60.28 -4.66 5.45
CA LYS A 130 -60.67 -3.26 5.59
C LYS A 130 -59.79 -2.36 4.75
N SER B 1 43.14 -14.37 -21.31
CA SER B 1 42.84 -13.75 -22.63
C SER B 1 42.08 -12.46 -22.48
N LYS B 2 41.82 -11.79 -23.60
CA LYS B 2 41.06 -10.55 -23.56
C LYS B 2 39.69 -10.76 -22.94
N LEU B 3 39.14 -11.97 -23.01
CA LEU B 3 37.93 -12.25 -22.28
C LEU B 3 38.19 -12.30 -20.78
N GLU B 4 39.34 -12.86 -20.39
CA GLU B 4 39.73 -12.78 -18.98
C GLU B 4 39.96 -11.35 -18.56
N GLU B 5 40.50 -10.52 -19.46
CA GLU B 5 40.63 -9.11 -19.17
C GLU B 5 39.25 -8.48 -19.00
N ILE B 6 38.30 -8.87 -19.83
CA ILE B 6 36.93 -8.38 -19.67
C ILE B 6 36.42 -8.75 -18.30
N GLU B 7 36.68 -9.99 -17.88
CA GLU B 7 36.23 -10.45 -16.57
C GLU B 7 36.86 -9.64 -15.46
N GLU B 8 38.15 -9.33 -15.58
CA GLU B 8 38.85 -8.62 -14.52
C GLU B 8 38.38 -7.17 -14.43
N LEU B 9 38.30 -6.49 -15.57
CA LEU B 9 37.72 -5.17 -15.57
C LEU B 9 36.27 -5.20 -15.14
N LEU B 10 35.60 -6.34 -15.28
CA LEU B 10 34.27 -6.46 -14.72
C LEU B 10 34.32 -6.61 -13.21
N LYS B 11 35.37 -7.23 -12.68
CA LYS B 11 35.59 -7.15 -11.24
C LYS B 11 35.67 -5.69 -10.84
N GLU B 12 36.43 -4.92 -11.62
CA GLU B 12 36.56 -3.49 -11.35
C GLU B 12 35.20 -2.82 -11.36
N LEU B 13 34.43 -3.07 -12.41
CA LEU B 13 33.12 -2.45 -12.56
C LEU B 13 32.17 -2.87 -11.44
N SER B 14 32.13 -4.16 -11.14
CA SER B 14 31.29 -4.65 -10.06
C SER B 14 31.66 -3.98 -8.76
N LYS B 15 32.96 -3.74 -8.54
CA LYS B 15 33.37 -2.93 -7.42
C LYS B 15 32.80 -1.53 -7.53
N THR B 16 32.35 -1.13 -8.71
CA THR B 16 31.58 0.09 -8.91
C THR B 16 30.14 -0.20 -9.33
N ASN B 17 29.69 -1.46 -9.27
CA ASN B 17 28.34 -1.78 -9.69
C ASN B 17 27.86 -3.09 -9.07
N PRO B 18 26.63 -3.16 -8.59
CA PRO B 18 26.11 -4.46 -8.13
C PRO B 18 25.83 -5.40 -9.28
N LEU B 19 25.27 -4.88 -10.38
CA LEU B 19 24.88 -5.74 -11.48
C LEU B 19 26.10 -6.43 -12.08
N ALA B 20 27.21 -5.69 -12.22
CA ALA B 20 28.45 -6.32 -12.63
C ALA B 20 28.84 -7.44 -11.68
N LYS B 21 28.55 -7.26 -10.39
CA LYS B 21 28.82 -8.33 -9.44
C LYS B 21 27.97 -9.56 -9.74
N ASP B 22 26.69 -9.35 -10.06
CA ASP B 22 25.84 -10.47 -10.41
C ASP B 22 26.36 -11.15 -11.66
N ILE B 23 26.86 -10.35 -12.60
CA ILE B 23 27.43 -10.92 -13.81
C ILE B 23 28.65 -11.77 -13.47
N LEU B 24 29.46 -11.30 -12.52
CA LEU B 24 30.61 -12.08 -12.10
C LEU B 24 30.17 -13.40 -11.48
N TRP B 25 29.10 -13.37 -10.70
CA TRP B 25 28.51 -14.61 -10.21
C TRP B 25 28.15 -15.52 -11.38
N VAL B 26 27.51 -14.95 -12.39
CA VAL B 26 27.17 -15.71 -13.58
C VAL B 26 28.42 -16.31 -14.18
N ILE B 27 29.48 -15.52 -14.19
CA ILE B 27 30.72 -15.93 -14.83
C ILE B 27 31.29 -17.13 -14.10
N GLU B 28 31.35 -17.06 -12.77
CA GLU B 28 31.93 -18.16 -12.02
C GLU B 28 31.07 -19.42 -12.15
N VAL B 29 29.76 -19.28 -12.17
CA VAL B 29 28.93 -20.47 -12.34
C VAL B 29 29.14 -21.05 -13.73
N ARG B 30 29.30 -20.20 -14.73
CA ARG B 30 29.61 -20.69 -16.06
C ARG B 30 30.95 -21.39 -16.08
N THR B 31 31.92 -20.84 -15.36
CA THR B 31 33.21 -21.51 -15.22
C THR B 31 33.02 -22.90 -14.66
N GLU B 32 32.17 -23.03 -13.63
CA GLU B 32 31.78 -24.34 -13.16
C GLU B 32 31.28 -25.18 -14.32
N ASP B 33 30.38 -24.63 -15.13
CA ASP B 33 29.97 -25.32 -16.34
C ASP B 33 31.16 -25.51 -17.26
N GLY B 34 31.93 -24.46 -17.48
CA GLY B 34 33.08 -24.53 -18.37
C GLY B 34 32.72 -24.88 -19.79
N HIS B 35 31.57 -24.44 -20.28
CA HIS B 35 31.15 -24.72 -21.64
C HIS B 35 31.59 -23.57 -22.54
N ASP B 36 31.09 -23.54 -23.77
CA ASP B 36 31.54 -22.53 -24.73
C ASP B 36 31.44 -21.14 -24.12
N PRO B 37 32.57 -20.49 -23.87
CA PRO B 37 32.51 -19.13 -23.30
C PRO B 37 31.69 -18.17 -24.16
N LYS B 38 31.86 -18.23 -25.48
CA LYS B 38 31.16 -17.27 -26.33
C LYS B 38 29.65 -17.47 -26.27
N SER B 39 29.21 -18.73 -26.21
CA SER B 39 27.78 -18.99 -26.13
C SER B 39 27.19 -18.36 -24.89
N GLU B 40 27.80 -18.65 -23.74
CA GLU B 40 27.33 -18.09 -22.49
C GLU B 40 27.39 -16.58 -22.54
N LEU B 41 28.46 -16.05 -23.13
CA LEU B 41 28.61 -14.61 -23.28
C LEU B 41 27.43 -14.02 -24.05
N VAL B 42 27.14 -14.58 -25.21
CA VAL B 42 26.08 -14.04 -26.04
C VAL B 42 24.75 -14.16 -25.33
N PHE B 43 24.53 -15.28 -24.64
CA PHE B 43 23.33 -15.39 -23.83
C PHE B 43 23.25 -14.27 -22.83
N ILE B 44 24.34 -13.99 -22.14
CA ILE B 44 24.31 -12.94 -21.13
C ILE B 44 24.04 -11.60 -21.79
N ARG B 45 24.56 -11.41 -22.99
CA ARG B 45 24.28 -10.18 -23.72
C ARG B 45 22.79 -10.08 -23.99
N GLN B 46 22.17 -11.18 -24.38
CA GLN B 46 20.73 -11.16 -24.60
C GLN B 46 19.99 -10.95 -23.30
N TYR B 47 20.55 -11.48 -22.21
CA TYR B 47 19.96 -11.23 -20.90
C TYR B 47 20.02 -9.75 -20.57
N LEU B 48 21.08 -9.08 -20.99
CA LEU B 48 21.16 -7.63 -20.84
C LEU B 48 20.09 -6.96 -21.69
N LYS B 49 19.91 -7.43 -22.92
CA LYS B 49 18.78 -6.96 -23.72
C LYS B 49 17.49 -7.10 -22.93
N THR B 50 17.41 -8.17 -22.14
CA THR B 50 16.19 -8.44 -21.37
C THR B 50 16.04 -7.41 -20.24
N LEU B 51 16.99 -7.41 -19.31
CA LEU B 51 16.92 -6.48 -18.19
C LEU B 51 16.97 -5.05 -18.69
N ASN B 52 17.99 -4.74 -19.49
CA ASN B 52 17.97 -3.58 -20.35
C ASN B 52 17.70 -2.29 -19.57
N THR B 53 18.16 -2.24 -18.34
CA THR B 53 18.15 -0.98 -17.63
C THR B 53 19.22 -0.06 -18.20
N PRO B 54 19.11 1.25 -17.96
CA PRO B 54 20.15 2.15 -18.48
C PRO B 54 21.52 1.69 -18.07
N GLU B 55 21.64 1.30 -16.80
CA GLU B 55 22.89 0.75 -16.31
C GLU B 55 23.19 -0.58 -16.98
N ALA B 56 22.17 -1.41 -17.16
CA ALA B 56 22.38 -2.67 -17.88
C ALA B 56 22.85 -2.40 -19.30
N ARG B 57 22.24 -1.41 -19.96
CA ARG B 57 22.67 -1.09 -21.31
C ARG B 57 24.11 -0.61 -21.31
N GLU B 58 24.48 0.24 -20.35
CA GLU B 58 25.86 0.72 -20.28
C GLU B 58 26.82 -0.44 -20.10
N ILE B 59 26.50 -1.34 -19.17
CA ILE B 59 27.36 -2.48 -18.91
C ILE B 59 27.48 -3.34 -20.14
N LEU B 60 26.35 -3.61 -20.79
CA LEU B 60 26.35 -4.38 -22.02
C LEU B 60 27.29 -3.76 -23.04
N LYS B 61 27.11 -2.47 -23.30
CA LYS B 61 27.98 -1.77 -24.23
C LYS B 61 29.43 -1.96 -23.85
N ILE B 62 29.72 -1.83 -22.56
CA ILE B 62 31.10 -1.99 -22.10
C ILE B 62 31.63 -3.36 -22.49
N VAL B 63 30.87 -4.40 -22.16
CA VAL B 63 31.26 -5.75 -22.54
C VAL B 63 30.86 -6.05 -23.98
N ALA B 64 29.95 -5.25 -24.54
CA ALA B 64 29.46 -5.43 -25.91
C ALA B 64 29.75 -4.12 -26.63
N PRO B 65 30.97 -3.93 -27.10
CA PRO B 65 31.36 -2.62 -27.63
C PRO B 65 30.37 -2.01 -28.61
N GLY B 66 29.48 -2.81 -29.17
CA GLY B 66 28.51 -2.29 -30.11
C GLY B 66 29.19 -1.96 -31.42
N SER B 67 30.18 -1.07 -31.36
CA SER B 67 31.15 -0.99 -32.45
C SER B 67 31.72 -2.37 -32.74
N GLU B 68 31.67 -3.27 -31.76
CA GLU B 68 31.84 -4.68 -32.06
C GLU B 68 30.91 -5.09 -33.19
N VAL B 69 29.65 -4.72 -33.06
CA VAL B 69 28.69 -4.94 -34.14
C VAL B 69 29.12 -4.19 -35.39
N LYS B 70 29.75 -3.04 -35.23
CA LYS B 70 30.21 -2.29 -36.39
C LYS B 70 31.27 -3.06 -37.17
N LYS B 71 32.25 -3.64 -36.46
CA LYS B 71 33.28 -4.44 -37.13
C LYS B 71 32.66 -5.65 -37.77
N GLU B 72 31.75 -6.31 -37.06
CA GLU B 72 31.10 -7.50 -37.61
C GLU B 72 30.31 -7.14 -38.86
N ALA B 73 29.65 -6.00 -38.85
CA ALA B 73 28.94 -5.52 -40.02
C ALA B 73 29.91 -5.20 -41.15
N PHE B 74 31.10 -4.72 -40.81
CA PHE B 74 32.10 -4.50 -41.85
C PHE B 74 32.52 -5.80 -42.50
N LYS B 75 32.70 -6.83 -41.68
CA LYS B 75 33.02 -8.15 -42.23
C LYS B 75 31.90 -8.65 -43.12
N ALA B 76 30.65 -8.52 -42.67
CA ALA B 76 29.51 -8.88 -43.51
C ALA B 76 29.51 -8.06 -44.79
N PHE B 77 29.93 -6.80 -44.71
CA PHE B 77 30.03 -5.99 -45.91
C PHE B 77 31.09 -6.53 -46.86
N MET B 78 32.21 -7.01 -46.33
CA MET B 78 33.18 -7.64 -47.22
C MET B 78 32.59 -8.88 -47.87
N ASP B 79 31.84 -9.65 -47.09
CA ASP B 79 31.15 -10.81 -47.64
C ASP B 79 30.27 -10.40 -48.81
N LEU B 80 29.43 -9.39 -48.59
CA LEU B 80 28.52 -8.93 -49.64
C LEU B 80 29.27 -8.24 -50.77
N MET B 81 30.42 -7.62 -50.48
CA MET B 81 31.25 -7.01 -51.52
C MET B 81 31.80 -8.07 -52.45
N ASP B 82 32.03 -9.27 -51.92
CA ASP B 82 32.34 -10.40 -52.78
C ASP B 82 31.10 -10.88 -53.51
N ALA B 83 29.98 -10.97 -52.78
CA ALA B 83 28.79 -11.63 -53.30
C ALA B 83 28.18 -10.89 -54.48
N LEU B 84 28.05 -9.56 -54.39
CA LEU B 84 27.20 -8.83 -55.31
C LEU B 84 27.63 -9.02 -56.76
N PHE B 85 28.88 -9.40 -57.00
CA PHE B 85 29.36 -9.60 -58.36
C PHE B 85 29.83 -11.03 -58.56
N LEU B 86 30.31 -11.67 -57.48
CA LEU B 86 30.83 -13.02 -57.56
C LEU B 86 29.87 -14.06 -56.99
N ALA B 87 28.65 -13.67 -56.65
CA ALA B 87 27.68 -14.63 -56.15
C ALA B 87 27.36 -15.67 -57.23
N LYS B 88 26.76 -16.77 -56.78
CA LYS B 88 26.49 -17.90 -57.68
C LYS B 88 25.20 -17.73 -58.48
N ASP B 89 24.36 -16.77 -58.14
CA ASP B 89 23.10 -16.55 -58.83
C ASP B 89 22.87 -15.05 -59.04
N PRO B 90 22.24 -14.65 -60.15
CA PRO B 90 21.90 -13.23 -60.31
C PRO B 90 20.97 -12.72 -59.21
N GLU B 91 20.08 -13.57 -58.69
CA GLU B 91 19.20 -13.12 -57.61
C GLU B 91 20.00 -12.73 -56.38
N ILE B 92 21.02 -13.52 -56.04
CA ILE B 92 21.88 -13.18 -54.91
C ILE B 92 22.56 -11.84 -55.15
N LYS B 93 23.05 -11.62 -56.37
CA LYS B 93 23.71 -10.36 -56.69
C LYS B 93 22.74 -9.18 -56.57
N LYS B 94 21.51 -9.35 -57.03
CA LYS B 94 20.52 -8.27 -56.93
C LYS B 94 20.17 -7.99 -55.48
N LYS B 95 20.01 -9.03 -54.67
CA LYS B 95 19.72 -8.83 -53.25
C LYS B 95 20.87 -8.10 -52.58
N ALA B 96 22.11 -8.48 -52.91
CA ALA B 96 23.26 -7.75 -52.41
C ALA B 96 23.29 -6.32 -52.89
N GLU B 97 22.84 -6.07 -54.13
CA GLU B 97 22.76 -4.71 -54.62
C GLU B 97 21.79 -3.88 -53.80
N GLU B 98 20.64 -4.46 -53.47
CA GLU B 98 19.73 -3.81 -52.54
C GLU B 98 20.42 -3.56 -51.21
N LEU B 99 21.18 -4.54 -50.75
CA LEU B 99 21.69 -4.52 -49.38
C LEU B 99 22.83 -3.54 -49.20
N ILE B 100 23.64 -3.32 -50.24
CA ILE B 100 24.69 -2.32 -50.14
C ILE B 100 24.08 -0.94 -49.97
N LYS B 101 23.01 -0.66 -50.71
CA LYS B 101 22.29 0.60 -50.52
C LYS B 101 21.72 0.66 -49.11
N LYS B 102 21.07 -0.42 -48.69
CA LYS B 102 20.51 -0.49 -47.35
C LYS B 102 21.57 -0.23 -46.30
N LEU B 103 22.78 -0.74 -46.52
CA LEU B 103 23.84 -0.57 -45.54
C LEU B 103 24.40 0.84 -45.55
N GLU B 104 24.56 1.44 -46.73
CA GLU B 104 24.93 2.85 -46.77
C GLU B 104 23.94 3.67 -45.96
N GLU B 105 22.66 3.39 -46.18
CA GLU B 105 21.61 4.05 -45.40
C GLU B 105 21.83 3.83 -43.91
N ALA B 106 21.86 2.56 -43.50
CA ALA B 106 22.00 2.25 -42.08
C ALA B 106 23.24 2.91 -41.48
N ASP B 107 24.33 2.96 -42.24
CA ASP B 107 25.54 3.60 -41.77
C ASP B 107 25.28 5.07 -41.50
N GLU B 108 24.65 5.76 -42.45
CA GLU B 108 24.31 7.17 -42.20
C GLU B 108 23.40 7.28 -40.98
N LYS B 109 22.35 6.49 -40.94
CA LYS B 109 21.40 6.48 -39.84
C LYS B 109 21.96 5.76 -38.62
N ASN B 110 22.95 4.90 -38.82
CA ASN B 110 23.75 4.35 -37.73
C ASN B 110 22.90 3.89 -36.56
N ASN B 111 21.84 3.13 -36.83
CA ASN B 111 21.04 2.54 -35.76
C ASN B 111 21.54 1.14 -35.45
N GLU B 112 21.78 0.88 -34.17
CA GLU B 112 22.21 -0.46 -33.77
C GLU B 112 21.20 -1.50 -34.21
N GLU B 113 19.91 -1.21 -34.07
CA GLU B 113 18.88 -2.18 -34.44
C GLU B 113 18.83 -2.37 -35.94
N GLU B 114 18.79 -1.27 -36.70
CA GLU B 114 18.77 -1.39 -38.15
C GLU B 114 20.00 -2.16 -38.62
N LEU B 115 21.15 -1.87 -38.03
CA LEU B 115 22.39 -2.52 -38.45
C LEU B 115 22.36 -4.00 -38.09
N LYS B 116 21.82 -4.33 -36.91
CA LYS B 116 21.68 -5.73 -36.54
C LYS B 116 20.83 -6.47 -37.56
N LYS B 117 19.68 -5.90 -37.90
CA LYS B 117 18.79 -6.56 -38.85
C LYS B 117 19.49 -6.71 -40.20
N VAL B 118 20.19 -5.65 -40.62
CA VAL B 118 20.87 -5.68 -41.91
C VAL B 118 21.90 -6.77 -41.93
N VAL B 119 22.70 -6.89 -40.87
CA VAL B 119 23.77 -7.88 -40.86
C VAL B 119 23.21 -9.28 -40.78
N GLU B 120 22.12 -9.46 -40.02
CA GLU B 120 21.50 -10.78 -39.97
C GLU B 120 21.00 -11.17 -41.34
N GLU B 121 20.35 -10.25 -42.04
CA GLU B 121 19.91 -10.52 -43.39
C GLU B 121 21.10 -10.78 -44.31
N ALA B 122 22.20 -10.06 -44.10
CA ALA B 122 23.39 -10.25 -44.92
C ALA B 122 23.95 -11.65 -44.74
N LYS B 123 23.99 -12.12 -43.50
CA LYS B 123 24.38 -13.50 -43.25
C LYS B 123 23.43 -14.46 -43.93
N LYS B 124 22.12 -14.18 -43.85
CA LYS B 124 21.14 -15.04 -44.49
C LYS B 124 21.40 -15.17 -45.98
N VAL B 125 21.69 -14.05 -46.64
CA VAL B 125 21.95 -14.08 -48.07
C VAL B 125 23.28 -14.76 -48.36
N TYR B 126 24.32 -14.43 -47.60
CA TYR B 126 25.63 -15.02 -47.82
C TYR B 126 25.62 -16.52 -47.58
N LYS B 127 24.59 -17.04 -46.91
CA LYS B 127 24.41 -18.48 -46.86
C LYS B 127 24.47 -19.08 -48.26
N SER B 128 23.77 -18.45 -49.21
CA SER B 128 23.79 -18.94 -50.58
C SER B 128 25.19 -18.86 -51.16
N VAL B 129 25.88 -17.74 -50.95
CA VAL B 129 27.26 -17.61 -51.43
C VAL B 129 28.16 -18.61 -50.72
N LYS B 130 28.01 -18.73 -49.41
CA LYS B 130 28.80 -19.66 -48.61
C LYS B 130 28.00 -20.17 -47.42
N GLY C 32 -49.35 -32.61 42.77
CA GLY C 32 -49.02 -31.69 41.65
C GLY C 32 -48.97 -32.40 40.31
N GLU C 33 -50.12 -32.47 39.64
CA GLU C 33 -50.21 -33.11 38.34
C GLU C 33 -49.50 -32.25 37.30
N VAL C 34 -49.41 -32.77 36.07
CA VAL C 34 -48.77 -32.06 34.97
C VAL C 34 -49.43 -32.48 33.67
N CYS C 35 -49.53 -31.54 32.73
CA CYS C 35 -50.14 -31.79 31.43
C CYS C 35 -49.37 -31.02 30.37
N PRO C 36 -49.41 -31.48 29.12
CA PRO C 36 -48.78 -30.72 28.05
C PRO C 36 -49.54 -29.44 27.74
N GLY C 37 -48.80 -28.45 27.25
CA GLY C 37 -49.43 -27.24 26.76
C GLY C 37 -50.38 -27.57 25.64
N MET C 38 -51.61 -27.07 25.71
CA MET C 38 -52.64 -27.40 24.74
C MET C 38 -53.45 -26.16 24.41
N ASP C 39 -54.17 -26.24 23.29
CA ASP C 39 -54.92 -25.11 22.76
C ASP C 39 -56.43 -25.41 22.82
N ILE C 40 -57.20 -24.39 23.16
CA ILE C 40 -58.65 -24.43 23.06
C ILE C 40 -59.04 -23.30 22.11
N ARG C 41 -59.13 -23.63 20.82
CA ARG C 41 -59.45 -22.66 19.79
C ARG C 41 -60.54 -23.24 18.89
N ASN C 42 -61.56 -22.44 18.60
CA ASN C 42 -62.70 -22.79 17.76
C ASN C 42 -63.62 -23.82 18.42
N ASN C 43 -63.29 -24.31 19.61
CA ASN C 43 -64.08 -25.36 20.25
C ASN C 43 -63.77 -25.37 21.75
N LEU C 44 -64.81 -25.43 22.57
CA LEU C 44 -64.66 -25.50 24.03
C LEU C 44 -64.73 -26.92 24.56
N THR C 45 -64.81 -27.92 23.68
CA THR C 45 -65.04 -29.29 24.12
C THR C 45 -63.90 -29.81 24.99
N ARG C 46 -62.68 -29.28 24.80
CA ARG C 46 -61.50 -29.81 25.47
C ARG C 46 -61.23 -29.16 26.82
N LEU C 47 -62.12 -28.27 27.27
CA LEU C 47 -61.89 -27.58 28.54
C LEU C 47 -61.84 -28.55 29.72
N HIS C 48 -62.79 -29.49 29.75
CA HIS C 48 -62.98 -30.34 30.93
C HIS C 48 -61.82 -31.30 31.17
N GLU C 49 -60.99 -31.57 30.16
CA GLU C 49 -59.81 -32.39 30.37
C GLU C 49 -58.78 -31.71 31.26
N LEU C 50 -58.94 -30.42 31.53
CA LEU C 50 -58.00 -29.68 32.36
C LEU C 50 -58.06 -30.11 33.82
N GLU C 51 -59.06 -30.89 34.22
CA GLU C 51 -59.21 -31.28 35.61
C GLU C 51 -58.04 -32.12 36.11
N ASN C 52 -57.36 -32.84 35.22
CA ASN C 52 -56.26 -33.73 35.59
C ASN C 52 -54.92 -33.02 35.59
N CYS C 53 -54.91 -31.70 35.78
CA CYS C 53 -53.73 -30.89 35.52
C CYS C 53 -53.45 -29.99 36.71
N SER C 54 -52.19 -29.94 37.11
CA SER C 54 -51.70 -28.91 38.02
C SER C 54 -50.61 -28.05 37.39
N VAL C 55 -49.76 -28.65 36.57
CA VAL C 55 -48.74 -27.93 35.81
C VAL C 55 -49.02 -28.13 34.33
N ILE C 56 -49.07 -27.04 33.58
CA ILE C 56 -49.29 -27.09 32.15
C ILE C 56 -47.95 -26.94 31.46
N GLU C 57 -47.45 -28.03 30.92
CA GLU C 57 -46.16 -28.04 30.24
C GLU C 57 -46.32 -27.31 28.91
N GLY C 58 -46.34 -25.99 28.97
CA GLY C 58 -46.58 -25.17 27.80
C GLY C 58 -47.47 -23.99 28.13
N HIS C 59 -48.60 -23.89 27.43
CA HIS C 59 -49.50 -22.74 27.51
C HIS C 59 -50.93 -23.22 27.65
N LEU C 60 -51.85 -22.26 27.63
CA LEU C 60 -53.27 -22.53 27.50
C LEU C 60 -53.87 -21.43 26.63
N GLN C 61 -54.59 -21.83 25.57
CA GLN C 61 -55.03 -20.92 24.53
C GLN C 61 -56.54 -21.03 24.35
N ILE C 62 -57.26 -19.99 24.76
CA ILE C 62 -58.72 -19.95 24.68
C ILE C 62 -59.10 -18.80 23.76
N LEU C 63 -59.76 -19.10 22.65
CA LEU C 63 -60.14 -18.07 21.69
C LEU C 63 -60.92 -18.68 20.54
N LEU C 64 -61.38 -17.80 19.65
CA LEU C 64 -61.82 -18.08 18.26
C LEU C 64 -63.16 -18.78 18.12
N MET C 65 -63.97 -18.90 19.16
CA MET C 65 -65.32 -19.43 19.03
C MET C 65 -66.30 -18.43 19.64
N PHE C 66 -67.01 -17.71 18.78
CA PHE C 66 -68.02 -16.76 19.25
C PHE C 66 -69.17 -17.46 19.96
N LYS C 67 -69.35 -18.76 19.74
CA LYS C 67 -70.48 -19.47 20.31
C LYS C 67 -70.43 -19.52 21.83
N THR C 68 -69.26 -19.36 22.45
CA THR C 68 -69.16 -19.47 23.89
C THR C 68 -69.94 -18.34 24.55
N ARG C 69 -70.52 -18.65 25.71
CA ARG C 69 -71.32 -17.70 26.47
C ARG C 69 -70.97 -17.82 27.94
N PRO C 70 -71.52 -16.96 28.81
CA PRO C 70 -71.25 -17.11 30.25
C PRO C 70 -71.62 -18.48 30.79
N GLU C 71 -72.61 -19.15 30.19
CA GLU C 71 -73.01 -20.46 30.69
C GLU C 71 -71.91 -21.50 30.57
N ASP C 72 -70.87 -21.24 29.79
CA ASP C 72 -69.80 -22.20 29.59
C ASP C 72 -68.68 -22.09 30.62
N PHE C 73 -68.60 -20.98 31.36
CA PHE C 73 -67.45 -20.71 32.22
C PHE C 73 -67.79 -20.21 33.61
N ARG C 74 -68.99 -19.68 33.85
CA ARG C 74 -69.23 -18.96 35.10
C ARG C 74 -69.02 -19.87 36.31
N ASP C 75 -69.24 -21.18 36.16
CA ASP C 75 -69.10 -22.13 37.24
C ASP C 75 -68.00 -23.15 37.04
N LEU C 76 -67.46 -23.26 35.83
CA LEU C 76 -66.41 -24.25 35.58
C LEU C 76 -65.21 -23.97 36.49
N SER C 77 -64.61 -25.04 36.99
CA SER C 77 -63.50 -24.92 37.92
C SER C 77 -62.51 -26.07 37.72
N PHE C 78 -61.23 -25.74 37.78
CA PHE C 78 -60.14 -26.73 37.76
C PHE C 78 -59.17 -26.37 38.87
N PRO C 79 -59.54 -26.63 40.13
CA PRO C 79 -58.70 -26.18 41.25
C PRO C 79 -57.29 -26.73 41.22
N LYS C 80 -57.10 -27.95 40.71
CA LYS C 80 -55.77 -28.55 40.71
C LYS C 80 -54.76 -27.68 39.97
N LEU C 81 -55.23 -26.88 39.01
CA LEU C 81 -54.31 -26.10 38.19
C LEU C 81 -53.48 -25.17 39.06
N ILE C 82 -52.17 -25.13 38.79
CA ILE C 82 -51.23 -24.38 39.61
C ILE C 82 -50.42 -23.43 38.74
N MET C 83 -49.76 -23.96 37.71
CA MET C 83 -48.78 -23.21 36.94
C MET C 83 -48.91 -23.51 35.45
N ILE C 84 -48.71 -22.48 34.63
CA ILE C 84 -48.60 -22.60 33.19
C ILE C 84 -47.23 -22.11 32.78
N THR C 85 -46.48 -22.96 32.07
CA THR C 85 -45.11 -22.58 31.73
C THR C 85 -45.09 -21.34 30.85
N ASP C 86 -45.94 -21.29 29.83
CA ASP C 86 -45.84 -20.24 28.83
C ASP C 86 -46.76 -19.05 29.08
N TYR C 87 -48.07 -19.25 29.04
CA TYR C 87 -48.98 -18.11 29.07
C TYR C 87 -50.46 -18.53 29.06
N LEU C 88 -51.35 -17.54 29.08
CA LEU C 88 -52.80 -17.72 29.01
C LEU C 88 -53.37 -16.89 27.86
N LEU C 89 -54.68 -16.95 27.70
CA LEU C 89 -55.35 -16.18 26.66
C LEU C 89 -56.86 -16.27 26.85
N LEU C 90 -57.55 -15.18 26.52
CA LEU C 90 -59.01 -15.19 26.51
C LEU C 90 -59.50 -14.03 25.65
N PHE C 91 -60.09 -14.34 24.50
CA PHE C 91 -60.79 -13.35 23.69
C PHE C 91 -61.54 -14.08 22.59
N ARG C 92 -62.78 -13.65 22.35
CA ARG C 92 -63.70 -14.27 21.39
C ARG C 92 -64.26 -15.57 21.95
N VAL C 93 -63.78 -15.98 23.11
CA VAL C 93 -64.44 -17.01 23.92
C VAL C 93 -65.10 -16.24 25.07
N TYR C 94 -66.33 -15.81 24.86
CA TYR C 94 -67.02 -14.93 25.78
C TYR C 94 -67.70 -15.74 26.88
N GLY C 95 -67.73 -15.18 28.08
CA GLY C 95 -68.52 -15.77 29.15
C GLY C 95 -67.88 -15.76 30.52
N LEU C 96 -66.55 -15.75 30.59
CA LEU C 96 -65.87 -15.87 31.87
C LEU C 96 -66.33 -14.78 32.83
N GLU C 97 -66.64 -15.18 34.06
CA GLU C 97 -67.09 -14.26 35.10
C GLU C 97 -66.00 -13.91 36.10
N SER C 98 -65.17 -14.88 36.49
CA SER C 98 -64.07 -14.61 37.39
C SER C 98 -63.00 -15.66 37.21
N LEU C 99 -61.74 -15.22 37.13
CA LEU C 99 -60.63 -16.17 36.96
C LEU C 99 -60.41 -17.01 38.22
N LYS C 100 -60.82 -16.50 39.38
CA LYS C 100 -60.61 -17.25 40.61
C LYS C 100 -61.38 -18.57 40.60
N ASP C 101 -62.62 -18.54 40.10
CA ASP C 101 -63.44 -19.75 40.12
C ASP C 101 -62.81 -20.84 39.28
N LEU C 102 -62.29 -20.50 38.11
CA LEU C 102 -61.74 -21.51 37.22
C LEU C 102 -60.49 -22.15 37.82
N PHE C 103 -59.54 -21.33 38.26
CA PHE C 103 -58.25 -21.80 38.77
C PHE C 103 -57.92 -21.05 40.05
N PRO C 104 -58.60 -21.37 41.14
CA PRO C 104 -58.30 -20.67 42.41
C PRO C 104 -56.86 -20.83 42.85
N ASN C 105 -56.22 -21.95 42.55
CA ASN C 105 -54.86 -22.22 43.00
C ASN C 105 -53.80 -21.81 41.99
N LEU C 106 -54.18 -21.23 40.86
CA LEU C 106 -53.20 -20.79 39.88
C LEU C 106 -52.26 -19.79 40.51
N THR C 107 -50.97 -20.10 40.51
CA THR C 107 -49.97 -19.32 41.25
C THR C 107 -48.83 -18.82 40.38
N VAL C 108 -48.30 -19.63 39.48
CA VAL C 108 -47.04 -19.33 38.80
C VAL C 108 -47.23 -19.40 37.30
N ILE C 109 -46.40 -18.63 36.59
CA ILE C 109 -46.26 -18.73 35.14
C ILE C 109 -44.78 -18.60 34.81
N ARG C 110 -44.15 -19.71 34.42
CA ARG C 110 -42.73 -19.66 34.09
C ARG C 110 -42.47 -18.81 32.86
N GLY C 111 -43.46 -18.69 31.97
CA GLY C 111 -43.27 -17.89 30.77
C GLY C 111 -42.15 -18.39 29.89
N SER C 112 -42.04 -19.71 29.73
CA SER C 112 -40.97 -20.27 28.91
C SER C 112 -40.95 -19.60 27.54
N ARG C 113 -42.10 -19.57 26.88
CA ARG C 113 -42.36 -18.62 25.82
C ARG C 113 -43.68 -17.94 26.13
N LEU C 114 -43.82 -16.72 25.65
CA LEU C 114 -44.88 -15.84 26.12
C LEU C 114 -45.72 -15.35 24.95
N PHE C 115 -46.95 -14.99 25.28
CA PHE C 115 -47.85 -14.39 24.30
C PHE C 115 -47.39 -12.99 23.98
N PHE C 116 -46.57 -12.83 22.93
CA PHE C 116 -45.96 -11.52 22.65
C PHE C 116 -45.29 -10.98 23.89
N ASN C 117 -44.60 -11.86 24.61
CA ASN C 117 -44.00 -11.57 25.91
C ASN C 117 -45.03 -11.29 26.98
N TYR C 118 -46.32 -11.50 26.70
CA TYR C 118 -47.35 -11.46 27.72
C TYR C 118 -47.69 -12.87 28.17
N ALA C 119 -47.89 -13.02 29.48
CA ALA C 119 -48.34 -14.27 30.04
C ALA C 119 -49.82 -14.53 29.76
N LEU C 120 -50.57 -13.53 29.32
CA LEU C 120 -51.98 -13.72 29.00
C LEU C 120 -52.48 -12.49 28.28
N VAL C 121 -53.70 -12.59 27.75
CA VAL C 121 -54.40 -11.44 27.22
C VAL C 121 -55.89 -11.66 27.41
N ILE C 122 -56.53 -10.73 28.12
CA ILE C 122 -57.98 -10.70 28.28
C ILE C 122 -58.46 -9.43 27.61
N PHE C 123 -59.32 -9.58 26.59
CA PHE C 123 -59.70 -8.45 25.77
C PHE C 123 -61.20 -8.47 25.50
N GLU C 124 -61.82 -7.29 25.60
CA GLU C 124 -63.23 -7.12 25.27
C GLU C 124 -64.13 -8.09 26.03
N MET C 125 -63.73 -8.44 27.25
CA MET C 125 -64.53 -9.33 28.09
C MET C 125 -65.44 -8.47 28.97
N VAL C 126 -66.68 -8.28 28.53
CA VAL C 126 -67.67 -7.57 29.33
C VAL C 126 -68.26 -8.45 30.42
N HIS C 127 -67.82 -9.70 30.54
CA HIS C 127 -68.40 -10.67 31.45
C HIS C 127 -67.64 -10.78 32.76
N LEU C 128 -66.31 -10.67 32.73
CA LEU C 128 -65.53 -10.75 33.96
C LEU C 128 -65.93 -9.62 34.90
N LYS C 129 -66.17 -9.98 36.17
CA LYS C 129 -66.32 -8.99 37.23
C LYS C 129 -65.00 -8.75 37.96
N GLU C 130 -64.09 -9.71 37.90
CA GLU C 130 -62.77 -9.61 38.53
C GLU C 130 -61.96 -10.83 38.14
N LEU C 131 -60.65 -10.67 38.12
CA LEU C 131 -59.79 -11.85 38.02
C LEU C 131 -59.79 -12.61 39.33
N GLY C 132 -59.76 -11.90 40.45
CA GLY C 132 -59.97 -12.50 41.76
C GLY C 132 -59.06 -13.65 42.11
N LEU C 133 -58.03 -13.90 41.31
CA LEU C 133 -57.14 -15.03 41.54
C LEU C 133 -56.33 -14.76 42.80
N TYR C 134 -56.74 -15.38 43.90
CA TYR C 134 -56.14 -15.12 45.21
C TYR C 134 -54.91 -15.98 45.47
N ASN C 135 -54.42 -16.72 44.48
CA ASN C 135 -53.22 -17.51 44.62
C ASN C 135 -52.12 -17.13 43.64
N LEU C 136 -52.40 -16.27 42.67
CA LEU C 136 -51.36 -15.80 41.77
C LEU C 136 -50.26 -15.12 42.58
N MET C 137 -49.02 -15.53 42.36
CA MET C 137 -47.93 -14.99 43.16
C MET C 137 -46.76 -14.55 42.31
N ASN C 138 -46.48 -15.27 41.23
CA ASN C 138 -45.26 -15.02 40.48
C ASN C 138 -45.49 -15.26 39.00
N ILE C 139 -44.84 -14.44 38.18
CA ILE C 139 -44.75 -14.64 36.75
C ILE C 139 -43.27 -14.51 36.42
N THR C 140 -42.61 -15.64 36.18
CA THR C 140 -41.16 -15.63 36.01
C THR C 140 -40.72 -14.80 34.82
N ARG C 141 -41.65 -14.48 33.91
CA ARG C 141 -41.30 -13.73 32.72
C ARG C 141 -42.58 -13.18 32.10
N GLY C 142 -42.53 -11.91 31.69
CA GLY C 142 -43.62 -11.29 30.96
C GLY C 142 -44.28 -10.18 31.74
N SER C 143 -45.26 -9.55 31.09
CA SER C 143 -46.03 -8.44 31.64
C SER C 143 -47.52 -8.74 31.46
N VAL C 144 -48.35 -7.78 31.84
CA VAL C 144 -49.80 -7.94 31.82
C VAL C 144 -50.37 -7.20 30.62
N ARG C 145 -51.30 -7.84 29.91
CA ARG C 145 -52.10 -7.17 28.89
C ARG C 145 -53.57 -7.50 29.12
N ILE C 146 -54.35 -6.48 29.45
CA ILE C 146 -55.80 -6.61 29.58
C ILE C 146 -56.42 -5.30 29.11
N GLU C 147 -57.16 -5.33 28.02
CA GLU C 147 -57.69 -4.11 27.44
C GLU C 147 -59.15 -4.29 27.04
N LYS C 148 -59.92 -3.21 27.19
CA LYS C 148 -61.29 -3.11 26.71
C LYS C 148 -62.24 -4.08 27.39
N ASN C 149 -61.82 -4.71 28.48
CA ASN C 149 -62.65 -5.71 29.16
C ASN C 149 -63.57 -4.99 30.13
N ASN C 150 -64.84 -4.86 29.76
CA ASN C 150 -65.81 -4.18 30.60
C ASN C 150 -66.19 -5.06 31.79
N GLU C 151 -66.63 -4.41 32.86
CA GLU C 151 -67.05 -5.03 34.11
C GLU C 151 -65.88 -5.62 34.89
N LEU C 152 -64.66 -5.59 34.35
CA LEU C 152 -63.51 -6.19 35.00
C LEU C 152 -62.86 -5.15 35.91
N CYS C 153 -63.01 -5.33 37.21
CA CYS C 153 -62.49 -4.39 38.20
C CYS C 153 -61.23 -4.93 38.86
N TYR C 154 -60.58 -4.07 39.65
CA TYR C 154 -59.44 -4.46 40.46
C TYR C 154 -58.26 -4.88 39.59
N LEU C 155 -57.91 -4.02 38.63
CA LEU C 155 -56.73 -4.20 37.79
C LEU C 155 -55.59 -3.30 38.22
N ALA C 156 -55.85 -2.00 38.39
CA ALA C 156 -54.84 -1.10 38.93
C ALA C 156 -54.53 -1.42 40.39
N THR C 157 -55.45 -2.06 41.10
CA THR C 157 -55.23 -2.43 42.50
C THR C 157 -54.25 -3.59 42.64
N ILE C 158 -53.96 -4.32 41.57
CA ILE C 158 -53.09 -5.48 41.66
C ILE C 158 -51.69 -5.05 42.07
N ASP C 159 -51.08 -5.82 42.98
CA ASP C 159 -49.68 -5.61 43.36
C ASP C 159 -48.79 -6.35 42.35
N TRP C 160 -48.84 -5.87 41.10
CA TRP C 160 -48.13 -6.53 40.02
C TRP C 160 -46.61 -6.51 40.20
N SER C 161 -46.09 -5.59 41.02
CA SER C 161 -44.64 -5.49 41.16
C SER C 161 -44.04 -6.77 41.72
N ARG C 162 -44.67 -7.34 42.75
CA ARG C 162 -44.17 -8.55 43.37
C ARG C 162 -44.58 -9.82 42.64
N ILE C 163 -45.40 -9.72 41.60
CA ILE C 163 -45.90 -10.90 40.91
C ILE C 163 -45.13 -11.11 39.60
N LEU C 164 -45.09 -10.08 38.75
CA LEU C 164 -44.49 -10.20 37.43
C LEU C 164 -43.05 -9.72 37.45
N ASP C 165 -42.16 -10.52 36.87
CA ASP C 165 -40.77 -10.10 36.73
C ASP C 165 -40.63 -8.92 35.78
N SER C 166 -41.63 -8.65 34.96
CA SER C 166 -41.62 -7.51 34.04
C SER C 166 -42.99 -6.85 34.08
N VAL C 167 -43.09 -5.75 34.82
CA VAL C 167 -44.33 -5.00 34.92
C VAL C 167 -44.30 -3.72 34.09
N GLU C 168 -43.11 -3.18 33.78
CA GLU C 168 -43.03 -1.96 33.01
C GLU C 168 -43.67 -2.12 31.64
N ASP C 169 -43.80 -3.34 31.16
CA ASP C 169 -44.39 -3.63 29.87
C ASP C 169 -45.88 -3.93 29.96
N ASN C 170 -46.47 -3.76 31.14
CA ASN C 170 -47.90 -4.03 31.31
C ASN C 170 -48.71 -3.15 30.37
N TYR C 171 -49.81 -3.71 29.86
CA TYR C 171 -50.73 -2.98 29.00
C TYR C 171 -52.14 -3.19 29.53
N ILE C 172 -52.59 -2.29 30.39
CA ILE C 172 -53.89 -2.38 31.04
C ILE C 172 -54.61 -1.06 30.77
N VAL C 173 -55.52 -1.05 29.79
CA VAL C 173 -56.20 0.16 29.37
C VAL C 173 -57.64 -0.16 28.97
N LEU C 174 -58.51 0.83 29.13
CA LEU C 174 -59.87 0.79 28.61
C LEU C 174 -60.74 -0.26 29.30
N ASN C 175 -60.33 -0.72 30.48
CA ASN C 175 -61.13 -1.64 31.26
C ASN C 175 -61.90 -0.87 32.33
N LYS C 176 -62.75 -1.58 33.08
CA LYS C 176 -63.55 -0.92 34.10
C LYS C 176 -62.67 -0.29 35.17
N ASP C 177 -61.64 -1.01 35.61
CA ASP C 177 -60.69 -0.48 36.59
C ASP C 177 -59.40 -0.08 35.90
N ASN C 195 -60.24 -2.95 52.36
CA ASN C 195 -59.93 -3.73 53.55
C ASN C 195 -58.53 -4.33 53.44
N CYS C 196 -58.07 -4.53 52.22
CA CYS C 196 -56.81 -5.19 51.95
C CYS C 196 -55.65 -4.23 52.09
N PRO C 197 -54.43 -4.74 52.30
CA PRO C 197 -53.27 -3.85 52.47
C PRO C 197 -53.08 -2.96 51.26
N ALA C 198 -52.65 -1.72 51.52
CA ALA C 198 -52.44 -0.72 50.49
C ALA C 198 -50.96 -0.40 50.36
N THR C 199 -50.50 -0.30 49.11
CA THR C 199 -49.13 0.06 48.82
C THR C 199 -49.11 1.18 47.77
N VAL C 200 -48.15 2.07 47.89
CA VAL C 200 -48.03 3.20 46.98
C VAL C 200 -46.58 3.33 46.53
N VAL C 206 -53.15 2.80 47.12
CA VAL C 206 -54.44 2.11 46.99
C VAL C 206 -54.35 0.72 47.59
N GLU C 207 -55.48 0.21 48.08
CA GLU C 207 -55.52 -1.14 48.62
C GLU C 207 -55.12 -2.13 47.53
N ARG C 208 -54.23 -3.06 47.88
CA ARG C 208 -53.72 -4.05 46.94
C ARG C 208 -54.55 -5.32 47.09
N CYS C 209 -55.24 -5.71 46.02
CA CYS C 209 -56.16 -6.84 46.07
C CYS C 209 -56.71 -7.09 44.68
N TRP C 210 -57.19 -8.32 44.47
CA TRP C 210 -57.99 -8.64 43.30
C TRP C 210 -59.47 -8.35 43.54
N THR C 211 -59.89 -8.39 44.79
CA THR C 211 -61.22 -7.95 45.20
C THR C 211 -61.12 -7.42 46.62
N HIS C 212 -62.18 -6.72 47.05
CA HIS C 212 -62.19 -6.23 48.42
C HIS C 212 -62.05 -7.36 49.43
N SER C 213 -62.44 -8.57 49.04
CA SER C 213 -62.26 -9.76 49.88
C SER C 213 -61.05 -10.58 49.47
N HIS C 214 -60.80 -10.74 48.17
CA HIS C 214 -59.65 -11.49 47.68
C HIS C 214 -58.45 -10.56 47.72
N CYS C 215 -57.91 -10.41 48.93
CA CYS C 215 -56.82 -9.47 49.16
C CYS C 215 -55.51 -10.00 48.58
N GLN C 216 -54.54 -9.10 48.49
CA GLN C 216 -53.22 -9.48 48.01
C GLN C 216 -52.68 -10.65 48.82
N LYS C 217 -52.22 -11.68 48.12
CA LYS C 217 -51.58 -12.84 48.77
C LYS C 217 -50.20 -12.39 49.25
N VAL C 218 -50.18 -11.84 50.46
CA VAL C 218 -48.97 -11.17 50.95
C VAL C 218 -47.95 -12.21 51.37
N CYS C 219 -46.79 -12.20 50.69
CA CYS C 219 -45.61 -12.95 51.13
C CYS C 219 -44.56 -11.97 51.62
N PRO C 220 -44.06 -12.10 52.84
CA PRO C 220 -42.97 -11.22 53.28
C PRO C 220 -41.86 -11.17 52.24
N THR C 221 -41.18 -10.02 52.17
CA THR C 221 -40.15 -9.83 51.15
C THR C 221 -39.09 -10.93 51.22
N ILE C 222 -38.86 -11.48 52.42
CA ILE C 222 -37.88 -12.55 52.57
C ILE C 222 -38.27 -13.81 51.79
N CYS C 223 -39.54 -13.95 51.44
CA CYS C 223 -39.97 -15.13 50.69
C CYS C 223 -39.45 -15.12 49.26
N LYS C 224 -39.07 -13.96 48.73
CA LYS C 224 -38.59 -13.85 47.36
C LYS C 224 -39.62 -14.40 46.38
N SER C 225 -39.25 -14.52 45.10
CA SER C 225 -40.15 -15.11 44.12
C SER C 225 -40.46 -16.57 44.44
N HIS C 226 -39.68 -17.20 45.30
CA HIS C 226 -39.92 -18.59 45.65
C HIS C 226 -41.33 -18.77 46.21
N GLY C 227 -41.91 -17.73 46.79
CA GLY C 227 -43.30 -17.74 47.21
C GLY C 227 -43.46 -18.07 48.67
N CYS C 228 -44.73 -18.06 49.08
CA CYS C 228 -45.11 -18.36 50.46
C CYS C 228 -46.38 -19.19 50.44
N THR C 229 -46.60 -19.90 51.55
CA THR C 229 -47.79 -20.74 51.67
C THR C 229 -49.05 -19.88 51.55
N ALA C 230 -50.19 -20.56 51.45
CA ALA C 230 -51.46 -19.85 51.39
C ALA C 230 -51.69 -18.99 52.63
N GLU C 231 -51.01 -19.30 53.73
CA GLU C 231 -51.13 -18.54 54.96
C GLU C 231 -50.17 -17.36 55.01
N GLY C 232 -49.28 -17.22 54.03
CA GLY C 232 -48.34 -16.11 53.99
C GLY C 232 -46.94 -16.42 54.47
N LEU C 233 -46.62 -17.69 54.75
CA LEU C 233 -45.32 -18.07 55.25
C LEU C 233 -44.44 -18.57 54.11
N CYS C 234 -43.20 -18.09 54.06
CA CYS C 234 -42.34 -18.30 52.91
C CYS C 234 -42.20 -19.79 52.60
N CYS C 235 -41.73 -20.06 51.38
CA CYS C 235 -41.49 -21.39 50.87
C CYS C 235 -40.00 -21.65 50.73
N HIS C 236 -39.66 -22.89 50.40
CA HIS C 236 -38.27 -23.26 50.22
C HIS C 236 -37.68 -22.55 49.01
N SER C 237 -36.35 -22.38 49.03
CA SER C 237 -35.68 -21.67 47.95
C SER C 237 -35.94 -22.35 46.60
N GLU C 238 -36.17 -23.66 46.60
CA GLU C 238 -36.50 -24.36 45.37
C GLU C 238 -37.96 -24.22 44.96
N CYS C 239 -38.82 -23.76 45.87
CA CYS C 239 -40.21 -23.51 45.51
C CYS C 239 -40.32 -22.26 44.65
N LEU C 240 -41.53 -22.05 44.12
CA LEU C 240 -41.81 -20.88 43.29
C LEU C 240 -43.29 -20.57 43.39
N GLY C 241 -43.62 -19.39 43.92
CA GLY C 241 -45.01 -18.95 43.98
C GLY C 241 -45.72 -19.35 45.26
N ASN C 242 -45.82 -20.65 45.53
CA ASN C 242 -46.59 -21.10 46.68
C ASN C 242 -46.13 -22.50 47.05
N CYS C 243 -46.54 -22.93 48.24
CA CYS C 243 -46.24 -24.28 48.72
C CYS C 243 -47.31 -24.65 49.74
N SER C 244 -47.66 -25.95 49.76
CA SER C 244 -48.65 -26.40 50.72
C SER C 244 -48.18 -26.19 52.14
N GLN C 245 -46.89 -26.42 52.40
CA GLN C 245 -46.28 -26.16 53.69
C GLN C 245 -45.01 -25.36 53.49
N PRO C 246 -44.62 -24.56 54.47
CA PRO C 246 -43.47 -23.66 54.28
C PRO C 246 -42.14 -24.36 54.39
N ASP C 247 -41.14 -23.80 53.69
CA ASP C 247 -39.75 -24.23 53.82
C ASP C 247 -39.58 -25.73 53.59
N ASP C 248 -40.30 -26.28 52.62
CA ASP C 248 -40.20 -27.70 52.29
C ASP C 248 -40.10 -27.86 50.78
N PRO C 249 -38.97 -28.31 50.23
CA PRO C 249 -38.88 -28.45 48.77
C PRO C 249 -39.85 -29.45 48.18
N THR C 250 -40.32 -30.42 48.96
CA THR C 250 -41.27 -31.41 48.47
C THR C 250 -42.71 -30.91 48.49
N LYS C 251 -42.98 -29.80 49.19
CA LYS C 251 -44.32 -29.24 49.30
C LYS C 251 -44.53 -28.06 48.36
N CYS C 252 -43.59 -27.81 47.46
CA CYS C 252 -43.72 -26.69 46.54
C CYS C 252 -44.87 -26.93 45.57
N VAL C 253 -45.44 -25.84 45.06
CA VAL C 253 -46.39 -25.97 43.96
C VAL C 253 -45.67 -25.85 42.62
N ALA C 254 -44.65 -25.00 42.54
CA ALA C 254 -43.78 -24.91 41.38
C ALA C 254 -42.35 -24.82 41.87
N CYS C 255 -41.42 -25.26 41.03
CA CYS C 255 -40.02 -25.40 41.43
C CYS C 255 -39.15 -24.38 40.71
N ARG C 256 -38.18 -23.85 41.46
CA ARG C 256 -37.25 -22.88 40.89
C ARG C 256 -36.36 -23.53 39.83
N ASN C 257 -35.78 -24.68 40.14
CA ASN C 257 -34.83 -25.33 39.24
C ASN C 257 -35.46 -26.49 38.47
N PHE C 258 -35.97 -27.50 39.19
CA PHE C 258 -36.47 -28.69 38.51
C PHE C 258 -37.51 -29.40 39.38
N TYR C 259 -38.67 -29.64 38.80
CA TYR C 259 -39.66 -30.55 39.39
C TYR C 259 -39.22 -31.99 39.18
N LEU C 260 -39.24 -32.77 40.27
CA LEU C 260 -38.80 -34.16 40.22
C LEU C 260 -39.73 -34.98 41.11
N ASP C 261 -40.68 -35.67 40.48
CA ASP C 261 -41.52 -36.66 41.17
C ASP C 261 -42.11 -36.08 42.45
N GLY C 262 -42.83 -34.98 42.31
CA GLY C 262 -43.45 -34.34 43.46
C GLY C 262 -42.51 -33.56 44.34
N ARG C 263 -41.26 -33.38 43.92
CA ARG C 263 -40.26 -32.67 44.71
C ARG C 263 -39.44 -31.77 43.79
N CYS C 264 -38.84 -30.75 44.38
CA CYS C 264 -38.02 -29.79 43.66
C CYS C 264 -36.56 -30.04 43.97
N VAL C 265 -35.74 -30.13 42.92
CA VAL C 265 -34.32 -30.42 43.05
C VAL C 265 -33.54 -29.43 42.19
N GLU C 266 -32.44 -28.92 42.73
CA GLU C 266 -31.60 -28.01 41.96
C GLU C 266 -30.99 -28.71 40.75
N THR C 267 -30.89 -30.05 40.79
CA THR C 267 -30.31 -30.81 39.69
C THR C 267 -31.17 -32.03 39.44
N CYS C 268 -31.13 -32.52 38.20
CA CYS C 268 -31.92 -33.67 37.79
C CYS C 268 -31.03 -34.90 37.69
N PRO C 269 -31.29 -35.97 38.42
CA PRO C 269 -30.45 -37.16 38.34
C PRO C 269 -30.84 -38.03 37.17
N PRO C 270 -29.90 -38.36 36.29
CA PRO C 270 -30.23 -39.29 35.21
C PRO C 270 -30.65 -40.64 35.77
N PRO C 271 -31.41 -41.43 35.01
CA PRO C 271 -31.87 -41.20 33.63
C PRO C 271 -32.88 -40.08 33.57
N TYR C 272 -33.30 -39.58 34.74
CA TYR C 272 -34.15 -38.41 34.83
C TYR C 272 -33.27 -37.18 34.67
N TYR C 273 -32.93 -36.90 33.41
CA TYR C 273 -32.04 -35.79 33.09
C TYR C 273 -32.72 -34.46 33.40
N HIS C 274 -31.99 -33.37 33.13
CA HIS C 274 -32.55 -32.04 33.28
C HIS C 274 -33.52 -31.75 32.14
N PHE C 275 -34.71 -31.27 32.49
CA PHE C 275 -35.77 -31.02 31.51
C PHE C 275 -36.10 -29.53 31.49
N GLN C 276 -35.59 -28.83 30.49
CA GLN C 276 -36.01 -27.48 30.17
C GLN C 276 -35.96 -26.58 31.41
N ASP C 277 -35.02 -26.84 32.30
CA ASP C 277 -34.78 -26.01 33.47
C ASP C 277 -35.99 -25.97 34.41
N TRP C 278 -36.93 -26.90 34.29
CA TRP C 278 -38.09 -26.90 35.16
C TRP C 278 -38.50 -28.26 35.69
N ARG C 279 -37.98 -29.37 35.19
CA ARG C 279 -38.31 -30.67 35.76
C ARG C 279 -37.32 -31.70 35.25
N CYS C 280 -37.57 -32.97 35.60
CA CYS C 280 -36.71 -34.09 35.24
C CYS C 280 -37.56 -35.14 34.52
N VAL C 281 -36.98 -35.75 33.49
CA VAL C 281 -37.66 -36.80 32.74
C VAL C 281 -36.68 -37.92 32.44
N ASN C 282 -37.12 -39.16 32.59
CA ASN C 282 -36.26 -40.31 32.37
C ASN C 282 -35.83 -40.38 30.91
N PHE C 283 -34.78 -41.16 30.66
CA PHE C 283 -34.31 -41.34 29.29
C PHE C 283 -35.40 -41.93 28.40
N SER C 284 -36.26 -42.77 28.97
CA SER C 284 -37.32 -43.39 28.17
C SER C 284 -38.22 -42.34 27.55
N PHE C 285 -38.67 -41.38 28.34
CA PHE C 285 -39.51 -40.32 27.79
C PHE C 285 -38.72 -39.39 26.88
N CYS C 286 -37.42 -39.22 27.15
CA CYS C 286 -36.59 -38.45 26.25
C CYS C 286 -36.58 -39.07 24.86
N GLN C 287 -36.42 -40.39 24.79
CA GLN C 287 -36.50 -41.08 23.50
C GLN C 287 -37.90 -41.00 22.92
N ASP C 288 -38.93 -41.14 23.76
CA ASP C 288 -40.29 -41.03 23.27
C ASP C 288 -40.51 -39.70 22.56
N LEU C 289 -40.06 -38.61 23.17
CA LEU C 289 -40.08 -37.31 22.50
C LEU C 289 -39.20 -37.33 21.26
N HIS C 290 -38.07 -38.02 21.34
CA HIS C 290 -37.16 -38.10 20.19
C HIS C 290 -37.85 -38.75 18.99
N HIS C 291 -38.62 -39.80 19.23
CA HIS C 291 -39.33 -40.51 18.17
C HIS C 291 -40.72 -39.97 17.93
N LYS C 292 -40.96 -38.70 18.25
CA LYS C 292 -42.27 -38.09 18.07
C LYS C 292 -43.32 -38.81 18.92
N TYR C 304 -35.16 -35.20 20.59
CA TYR C 304 -34.74 -34.84 21.93
C TYR C 304 -33.49 -35.63 22.32
N VAL C 305 -32.54 -34.95 22.94
CA VAL C 305 -31.19 -35.47 23.08
C VAL C 305 -30.59 -34.97 24.39
N ILE C 306 -29.75 -35.80 24.99
CA ILE C 306 -29.09 -35.47 26.26
C ILE C 306 -27.92 -34.54 25.96
N HIS C 307 -27.97 -33.33 26.50
CA HIS C 307 -26.89 -32.37 26.41
C HIS C 307 -26.60 -31.83 27.79
N ASN C 308 -25.35 -31.94 28.22
CA ASN C 308 -24.97 -31.52 29.57
C ASN C 308 -25.84 -32.21 30.62
N ASN C 309 -26.13 -33.48 30.37
CA ASN C 309 -27.06 -34.24 31.20
C ASN C 309 -28.46 -33.63 31.17
N LYS C 310 -28.78 -32.94 30.07
CA LYS C 310 -30.08 -32.31 29.89
C LYS C 310 -30.67 -32.80 28.59
N CYS C 311 -31.85 -33.41 28.66
CA CYS C 311 -32.55 -33.91 27.47
C CYS C 311 -33.16 -32.71 26.75
N ILE C 312 -32.40 -32.12 25.84
CA ILE C 312 -32.89 -30.96 25.10
C ILE C 312 -33.39 -31.44 23.75
N PRO C 313 -34.29 -30.70 23.09
CA PRO C 313 -34.82 -31.18 21.81
C PRO C 313 -33.73 -31.52 20.81
N GLU C 314 -32.65 -30.74 20.78
CA GLU C 314 -31.55 -30.97 19.86
C GLU C 314 -30.26 -30.47 20.49
N CYS C 315 -29.15 -31.07 20.07
CA CYS C 315 -27.86 -30.66 20.56
C CYS C 315 -27.49 -29.28 20.00
N PRO C 316 -26.64 -28.53 20.70
CA PRO C 316 -26.19 -27.25 20.16
C PRO C 316 -25.17 -27.43 19.05
N SER C 317 -24.69 -26.33 18.49
CA SER C 317 -23.78 -26.40 17.36
C SER C 317 -22.51 -27.15 17.73
N GLY C 318 -21.95 -27.86 16.76
CA GLY C 318 -20.76 -28.65 17.02
C GLY C 318 -21.05 -29.96 17.71
N TYR C 319 -22.22 -30.53 17.51
CA TYR C 319 -22.63 -31.74 18.20
C TYR C 319 -23.24 -32.72 17.22
N THR C 320 -23.18 -34.00 17.61
CA THR C 320 -23.70 -35.08 16.78
C THR C 320 -24.29 -36.15 17.69
N MET C 321 -25.18 -36.94 17.10
CA MET C 321 -25.86 -37.99 17.84
C MET C 321 -24.89 -39.07 18.29
N ASN C 322 -25.15 -39.63 19.47
CA ASN C 322 -24.51 -40.87 19.92
C ASN C 322 -25.59 -41.64 20.69
N SER C 323 -26.29 -42.52 19.99
CA SER C 323 -27.36 -43.30 20.59
C SER C 323 -26.82 -44.19 21.69
N LEU C 326 -28.98 -41.15 22.84
CA LEU C 326 -29.42 -39.79 22.64
C LEU C 326 -28.35 -38.81 23.13
N LEU C 327 -27.14 -39.30 23.33
CA LEU C 327 -26.06 -38.47 23.83
C LEU C 327 -25.65 -37.44 22.78
N CYS C 328 -25.37 -36.22 23.24
CA CYS C 328 -24.95 -35.13 22.35
C CYS C 328 -23.44 -35.15 22.24
N THR C 329 -22.93 -36.13 21.50
CA THR C 329 -21.50 -36.18 21.27
C THR C 329 -21.08 -35.02 20.37
N PRO C 330 -20.02 -34.29 20.72
CA PRO C 330 -19.56 -33.20 19.85
C PRO C 330 -19.22 -33.73 18.47
N CYS C 331 -19.58 -32.95 17.45
CA CYS C 331 -19.20 -33.24 16.08
C CYS C 331 -17.91 -32.51 15.77
N LEU C 332 -17.54 -32.46 14.50
CA LEU C 332 -16.36 -31.72 14.06
C LEU C 332 -16.56 -30.20 14.10
N GLY C 333 -17.62 -29.72 14.73
CA GLY C 333 -17.99 -28.32 14.71
C GLY C 333 -19.05 -28.03 13.66
N PRO C 334 -18.70 -28.14 12.39
CA PRO C 334 -19.74 -28.12 11.36
C PRO C 334 -20.68 -29.32 11.51
N CYS C 335 -21.97 -29.08 11.23
CA CYS C 335 -22.99 -30.12 11.36
C CYS C 335 -23.57 -30.48 9.99
N PRO C 336 -23.85 -31.77 9.73
CA PRO C 336 -24.34 -32.16 8.39
C PRO C 336 -25.77 -31.72 8.09
N LYS C 337 -26.04 -30.42 8.07
CA LYS C 337 -27.39 -29.96 7.83
C LYS C 337 -27.80 -30.27 6.39
N VAL C 338 -28.93 -30.95 6.24
CA VAL C 338 -29.45 -31.34 4.93
C VAL C 338 -30.40 -30.24 4.47
N CYS C 339 -29.95 -29.43 3.53
CA CYS C 339 -30.71 -28.25 3.11
C CYS C 339 -31.66 -28.64 1.97
N HIS C 340 -32.96 -28.69 2.28
CA HIS C 340 -33.99 -28.81 1.25
C HIS C 340 -34.23 -27.41 0.71
N LEU C 341 -33.40 -27.01 -0.24
CA LEU C 341 -33.39 -25.62 -0.67
C LEU C 341 -34.78 -25.20 -1.14
N LEU C 342 -34.92 -23.90 -1.33
CA LEU C 342 -36.09 -23.40 -2.02
C LEU C 342 -36.31 -24.24 -3.27
N GLU C 343 -37.43 -24.96 -3.30
CA GLU C 343 -37.69 -25.94 -4.35
C GLU C 343 -36.51 -26.87 -4.53
N GLY C 344 -35.67 -27.00 -3.51
CA GLY C 344 -34.41 -27.67 -3.69
C GLY C 344 -33.57 -27.04 -4.79
N GLU C 345 -33.54 -25.71 -4.86
CA GLU C 345 -32.85 -25.04 -5.95
C GLU C 345 -32.24 -23.74 -5.47
N LYS C 346 -31.28 -23.26 -6.26
CA LYS C 346 -30.73 -21.92 -6.08
C LYS C 346 -29.87 -21.58 -7.28
N THR C 347 -29.69 -20.27 -7.48
CA THR C 347 -28.79 -19.75 -8.50
C THR C 347 -27.89 -18.72 -7.84
N ILE C 348 -26.69 -18.56 -8.39
CA ILE C 348 -25.65 -17.77 -7.74
C ILE C 348 -25.06 -16.77 -8.73
N ASP C 349 -25.08 -15.50 -8.34
CA ASP C 349 -24.33 -14.47 -9.05
C ASP C 349 -23.59 -13.51 -8.12
N SER C 350 -23.91 -13.47 -6.83
CA SER C 350 -23.29 -12.55 -5.90
C SER C 350 -23.01 -13.28 -4.59
N VAL C 351 -21.97 -12.80 -3.89
CA VAL C 351 -21.50 -13.50 -2.70
C VAL C 351 -22.59 -13.53 -1.63
N THR C 352 -23.49 -12.55 -1.63
CA THR C 352 -24.53 -12.50 -0.62
C THR C 352 -25.32 -13.80 -0.58
N SER C 353 -25.60 -14.37 -1.75
CA SER C 353 -26.37 -15.62 -1.79
C SER C 353 -25.67 -16.71 -0.99
N ALA C 354 -24.39 -16.96 -1.28
CA ALA C 354 -23.68 -18.01 -0.57
C ALA C 354 -23.58 -17.69 0.91
N GLN C 355 -23.29 -16.44 1.25
CA GLN C 355 -23.25 -16.05 2.65
C GLN C 355 -24.56 -16.39 3.33
N GLU C 356 -25.68 -16.13 2.67
CA GLU C 356 -26.97 -16.54 3.19
C GLU C 356 -27.02 -18.05 3.37
N LEU C 357 -26.44 -18.79 2.43
CA LEU C 357 -26.57 -20.24 2.38
C LEU C 357 -25.35 -20.93 2.97
N ARG C 358 -24.71 -20.31 3.95
CA ARG C 358 -23.58 -20.95 4.60
C ARG C 358 -24.06 -22.14 5.42
N GLY C 359 -23.20 -23.14 5.53
CA GLY C 359 -23.42 -24.23 6.45
C GLY C 359 -24.06 -25.47 5.88
N CYS C 360 -24.52 -25.45 4.63
CA CYS C 360 -25.22 -26.62 4.10
C CYS C 360 -24.25 -27.74 3.81
N THR C 361 -23.54 -28.20 4.83
CA THR C 361 -22.66 -29.36 4.69
C THR C 361 -23.41 -30.57 4.15
N VAL C 362 -24.74 -30.55 4.20
CA VAL C 362 -25.57 -31.50 3.49
C VAL C 362 -26.65 -30.70 2.79
N ILE C 363 -27.31 -31.34 1.84
CA ILE C 363 -28.14 -30.65 0.87
C ILE C 363 -29.36 -31.50 0.50
N ASN C 364 -30.38 -30.82 -0.02
CA ASN C 364 -31.46 -31.48 -0.74
C ASN C 364 -31.94 -30.50 -1.81
N GLY C 365 -31.41 -30.63 -3.01
CA GLY C 365 -31.75 -29.75 -4.11
C GLY C 365 -30.64 -29.72 -5.14
N SER C 366 -30.77 -28.76 -6.06
CA SER C 366 -29.75 -28.45 -7.04
C SER C 366 -29.43 -26.96 -6.97
N LEU C 367 -28.63 -26.48 -7.92
CA LEU C 367 -28.22 -25.09 -7.85
C LEU C 367 -27.71 -24.63 -9.21
N ILE C 368 -27.61 -23.31 -9.34
CA ILE C 368 -27.16 -22.66 -10.57
C ILE C 368 -26.13 -21.60 -10.23
N ILE C 369 -25.33 -21.25 -11.24
CA ILE C 369 -24.17 -20.38 -11.05
C ILE C 369 -24.09 -19.39 -12.21
N ASN C 370 -23.85 -18.12 -11.89
CA ASN C 370 -23.52 -17.14 -12.93
C ASN C 370 -22.81 -15.95 -12.29
N ILE C 371 -21.48 -15.89 -12.42
CA ILE C 371 -20.67 -14.89 -11.73
C ILE C 371 -19.69 -14.23 -12.68
N ARG C 372 -19.24 -13.04 -12.29
CA ARG C 372 -18.33 -12.20 -13.05
C ARG C 372 -16.87 -12.52 -12.69
N GLY C 373 -15.96 -11.63 -13.08
CA GLY C 373 -14.56 -11.72 -12.70
C GLY C 373 -13.67 -10.80 -13.53
N GLY C 374 -12.65 -10.20 -12.90
CA GLY C 374 -11.78 -9.29 -13.62
C GLY C 374 -10.29 -9.37 -13.32
N ASN C 375 -9.90 -10.17 -12.34
CA ASN C 375 -8.49 -10.34 -11.99
C ASN C 375 -8.40 -11.45 -10.94
N ASN C 376 -7.22 -11.60 -10.35
CA ASN C 376 -6.99 -12.60 -9.30
C ASN C 376 -7.66 -12.12 -8.02
N LEU C 377 -8.99 -12.28 -7.95
CA LEU C 377 -9.78 -11.71 -6.86
C LEU C 377 -10.85 -12.68 -6.36
N ALA C 378 -10.59 -13.98 -6.41
CA ALA C 378 -11.60 -14.97 -6.07
C ALA C 378 -11.56 -15.40 -4.60
N ALA C 379 -10.70 -14.80 -3.78
CA ALA C 379 -10.64 -15.19 -2.39
C ALA C 379 -11.99 -15.04 -1.71
N GLU C 380 -12.81 -14.11 -2.19
CA GLU C 380 -14.09 -13.83 -1.55
C GLU C 380 -15.03 -15.02 -1.63
N LEU C 381 -14.75 -15.99 -2.49
CA LEU C 381 -15.78 -16.88 -2.99
C LEU C 381 -15.80 -18.23 -2.28
N GLU C 382 -14.72 -19.01 -2.37
CA GLU C 382 -14.81 -20.38 -1.87
C GLU C 382 -15.05 -20.42 -0.37
N ALA C 383 -14.75 -19.34 0.33
CA ALA C 383 -15.05 -19.28 1.76
C ALA C 383 -16.46 -19.75 2.05
N ASN C 384 -17.36 -19.59 1.07
CA ASN C 384 -18.74 -20.00 1.21
C ASN C 384 -19.05 -21.32 0.52
N LEU C 385 -18.03 -22.01 0.01
CA LEU C 385 -18.24 -23.02 -1.01
C LEU C 385 -17.64 -24.37 -0.63
N GLY C 386 -18.19 -25.42 -1.23
CA GLY C 386 -17.69 -26.75 -1.04
C GLY C 386 -18.27 -27.47 0.14
N LEU C 387 -19.56 -27.29 0.42
CA LEU C 387 -20.12 -27.78 1.67
C LEU C 387 -20.30 -29.29 1.65
N ILE C 388 -20.72 -29.86 0.53
CA ILE C 388 -21.07 -31.27 0.47
C ILE C 388 -20.03 -31.95 -0.42
N GLU C 389 -19.99 -33.28 -0.33
CA GLU C 389 -19.14 -34.08 -1.21
C GLU C 389 -19.83 -34.43 -2.51
N GLU C 390 -21.10 -34.07 -2.68
CA GLU C 390 -21.86 -34.46 -3.86
C GLU C 390 -23.03 -33.50 -4.00
N ILE C 391 -23.76 -33.63 -5.11
CA ILE C 391 -25.00 -32.90 -5.32
C ILE C 391 -26.07 -33.91 -5.72
N SER C 392 -27.18 -33.93 -4.99
CA SER C 392 -28.29 -34.81 -5.33
C SER C 392 -28.68 -34.64 -6.78
N GLY C 393 -28.91 -33.41 -7.18
CA GLY C 393 -29.27 -33.14 -8.55
C GLY C 393 -28.13 -32.53 -9.32
N TYR C 394 -28.40 -31.41 -9.95
CA TYR C 394 -27.50 -30.78 -10.89
C TYR C 394 -26.88 -29.52 -10.30
N LEU C 395 -25.83 -29.06 -10.95
CA LEU C 395 -25.32 -27.71 -10.78
C LEU C 395 -25.23 -27.05 -12.15
N LYS C 396 -25.54 -25.77 -12.20
CA LYS C 396 -25.61 -25.07 -13.47
C LYS C 396 -24.72 -23.84 -13.45
N ILE C 397 -24.00 -23.66 -14.54
CA ILE C 397 -23.15 -22.50 -14.76
C ILE C 397 -23.46 -21.96 -16.14
N ARG C 398 -23.66 -20.65 -16.22
CA ARG C 398 -23.86 -20.00 -17.51
C ARG C 398 -23.39 -18.56 -17.41
N ARG C 399 -22.77 -18.08 -18.48
CA ARG C 399 -22.41 -16.68 -18.60
C ARG C 399 -21.59 -16.22 -17.39
N SER C 400 -20.77 -17.12 -16.87
CA SER C 400 -19.73 -16.74 -15.91
C SER C 400 -18.39 -16.62 -16.66
N TYR C 401 -18.37 -15.64 -17.55
CA TYR C 401 -17.28 -15.50 -18.52
C TYR C 401 -15.92 -15.59 -17.86
N ALA C 402 -15.73 -14.89 -16.74
CA ALA C 402 -14.42 -14.65 -16.18
C ALA C 402 -13.94 -15.76 -15.27
N LEU C 403 -14.76 -16.76 -15.01
CA LEU C 403 -14.45 -17.72 -13.96
C LEU C 403 -13.21 -18.53 -14.34
N VAL C 404 -12.30 -18.65 -13.38
CA VAL C 404 -11.00 -19.26 -13.66
C VAL C 404 -10.99 -20.76 -13.41
N SER C 405 -11.91 -21.27 -12.59
CA SER C 405 -11.90 -22.68 -12.28
C SER C 405 -13.27 -23.10 -11.78
N LEU C 406 -13.46 -24.41 -11.72
CA LEU C 406 -14.63 -25.02 -11.12
C LEU C 406 -14.21 -25.85 -9.92
N SER C 407 -13.11 -25.45 -9.30
CA SER C 407 -12.53 -26.14 -8.16
C SER C 407 -12.86 -25.46 -6.85
N PHE C 408 -13.83 -24.55 -6.84
CA PHE C 408 -14.09 -23.68 -5.71
C PHE C 408 -15.01 -24.30 -4.69
N PHE C 409 -15.03 -25.63 -4.58
CA PHE C 409 -16.08 -26.29 -3.82
C PHE C 409 -15.53 -27.45 -3.02
N ARG C 410 -14.37 -27.23 -2.40
CA ARG C 410 -13.87 -28.06 -1.31
C ARG C 410 -14.33 -29.50 -1.38
N LYS C 411 -15.49 -29.77 -0.79
CA LYS C 411 -15.88 -31.13 -0.47
C LYS C 411 -16.40 -31.89 -1.68
N LEU C 412 -17.04 -31.20 -2.62
CA LEU C 412 -17.81 -31.89 -3.66
C LEU C 412 -16.99 -32.98 -4.33
N ARG C 413 -17.64 -34.13 -4.56
CA ARG C 413 -16.99 -35.31 -5.12
C ARG C 413 -17.82 -36.05 -6.14
N LEU C 414 -19.11 -35.79 -6.28
CA LEU C 414 -19.92 -36.54 -7.24
C LEU C 414 -21.23 -35.81 -7.49
N ILE C 415 -21.58 -35.63 -8.76
CA ILE C 415 -22.89 -35.10 -9.12
C ILE C 415 -23.84 -36.28 -9.20
N ARG C 416 -24.68 -36.44 -8.18
CA ARG C 416 -25.73 -37.44 -8.25
C ARG C 416 -26.70 -37.14 -9.39
N GLY C 417 -26.85 -35.87 -9.75
CA GLY C 417 -27.62 -35.51 -10.92
C GLY C 417 -29.05 -36.02 -10.83
N GLU C 418 -29.49 -36.35 -9.62
CA GLU C 418 -30.82 -36.91 -9.43
C GLU C 418 -31.87 -35.99 -10.01
N THR C 419 -31.83 -34.72 -9.64
CA THR C 419 -32.59 -33.71 -10.37
C THR C 419 -31.93 -33.51 -11.74
N LEU C 420 -32.67 -33.77 -12.80
CA LEU C 420 -32.14 -33.80 -14.15
C LEU C 420 -32.56 -32.54 -14.91
N GLU C 421 -31.58 -31.89 -15.54
CA GLU C 421 -31.90 -30.83 -16.47
C GLU C 421 -32.69 -31.39 -17.65
N ILE C 422 -33.42 -30.49 -18.31
CA ILE C 422 -34.23 -30.88 -19.46
C ILE C 422 -33.38 -31.74 -20.39
N GLY C 423 -34.03 -32.70 -21.04
CA GLY C 423 -33.31 -33.70 -21.79
C GLY C 423 -32.59 -34.68 -20.91
N ASN C 424 -33.03 -34.86 -19.67
CA ASN C 424 -32.38 -35.74 -18.71
C ASN C 424 -30.94 -35.33 -18.49
N TYR C 425 -30.64 -34.05 -18.75
CA TYR C 425 -29.30 -33.54 -18.48
C TYR C 425 -29.09 -33.37 -16.99
N SER C 426 -27.82 -33.29 -16.59
CA SER C 426 -27.46 -33.04 -15.22
C SER C 426 -26.41 -31.96 -15.06
N PHE C 427 -25.85 -31.44 -16.16
CA PHE C 427 -24.96 -30.30 -16.07
C PHE C 427 -25.04 -29.48 -17.36
N TYR C 428 -24.63 -28.23 -17.23
CA TYR C 428 -24.64 -27.29 -18.33
C TYR C 428 -23.43 -26.39 -18.19
N ALA C 429 -22.89 -25.90 -19.30
CA ALA C 429 -21.80 -24.95 -19.21
C ALA C 429 -21.74 -24.11 -20.47
N LEU C 430 -21.60 -22.80 -20.28
CA LEU C 430 -21.60 -21.86 -21.39
C LEU C 430 -20.96 -20.55 -20.96
N ASP C 431 -20.21 -19.93 -21.86
CA ASP C 431 -19.73 -18.56 -21.71
C ASP C 431 -18.92 -18.38 -20.43
N ASN C 432 -17.80 -19.10 -20.36
CA ASN C 432 -16.90 -19.03 -19.23
C ASN C 432 -15.45 -19.10 -19.72
N GLN C 433 -15.14 -18.35 -20.76
CA GLN C 433 -13.88 -18.51 -21.48
C GLN C 433 -12.71 -17.87 -20.72
N ASN C 434 -12.55 -18.27 -19.45
CA ASN C 434 -11.52 -17.67 -18.63
C ASN C 434 -10.87 -18.66 -17.66
N LEU C 435 -10.78 -19.93 -18.04
CA LEU C 435 -10.30 -20.95 -17.12
C LEU C 435 -8.78 -21.03 -17.17
N ARG C 436 -8.13 -20.85 -16.01
CA ARG C 436 -6.73 -21.24 -15.84
C ARG C 436 -6.60 -22.56 -15.11
N GLN C 437 -7.61 -22.93 -14.32
CA GLN C 437 -7.63 -24.17 -13.56
C GLN C 437 -9.07 -24.65 -13.52
N LEU C 438 -9.28 -25.92 -13.20
CA LEU C 438 -10.65 -26.38 -13.02
C LEU C 438 -10.86 -27.20 -11.76
N TRP C 439 -9.90 -28.06 -11.42
CA TRP C 439 -10.10 -29.13 -10.45
C TRP C 439 -8.78 -29.81 -10.17
N ASP C 440 -8.57 -30.30 -8.95
CA ASP C 440 -7.35 -31.04 -8.64
C ASP C 440 -7.52 -32.51 -9.02
N TRP C 441 -7.74 -32.73 -10.31
CA TRP C 441 -7.99 -34.08 -10.80
C TRP C 441 -6.91 -35.04 -10.35
N SER C 442 -5.67 -34.56 -10.25
CA SER C 442 -4.59 -35.35 -9.71
C SER C 442 -5.07 -36.17 -8.52
N LYS C 443 -5.92 -35.55 -7.70
CA LYS C 443 -6.56 -36.22 -6.59
C LYS C 443 -8.07 -36.05 -6.58
N HIS C 444 -8.60 -35.14 -7.38
CA HIS C 444 -10.03 -34.82 -7.31
C HIS C 444 -10.78 -35.91 -8.05
N ASN C 445 -11.28 -36.89 -7.29
CA ASN C 445 -12.11 -37.96 -7.84
C ASN C 445 -13.57 -37.49 -7.84
N LEU C 446 -13.83 -36.50 -8.69
CA LEU C 446 -15.15 -35.91 -8.83
C LEU C 446 -15.93 -36.75 -9.84
N THR C 447 -16.78 -37.64 -9.34
CA THR C 447 -17.54 -38.52 -10.20
C THR C 447 -18.83 -37.84 -10.66
N ILE C 448 -19.55 -38.52 -11.56
CA ILE C 448 -20.89 -38.10 -11.97
C ILE C 448 -21.76 -39.33 -12.08
N THR C 449 -23.00 -39.21 -11.61
CA THR C 449 -23.90 -40.36 -11.56
C THR C 449 -24.59 -40.59 -12.90
N GLN C 450 -25.37 -39.61 -13.36
CA GLN C 450 -26.29 -39.82 -14.45
C GLN C 450 -26.52 -38.52 -15.21
N GLY C 451 -27.13 -38.65 -16.39
CA GLY C 451 -27.55 -37.52 -17.17
C GLY C 451 -26.51 -37.05 -18.16
N LYS C 452 -26.95 -36.27 -19.14
CA LYS C 452 -26.07 -35.67 -20.11
C LYS C 452 -25.67 -34.26 -19.67
N LEU C 453 -24.70 -33.69 -20.39
CA LEU C 453 -24.01 -32.49 -19.95
C LEU C 453 -23.73 -31.59 -21.15
N PHE C 454 -23.43 -30.33 -20.86
CA PHE C 454 -23.29 -29.31 -21.88
C PHE C 454 -22.14 -28.38 -21.54
N PHE C 455 -21.28 -28.13 -22.52
CA PHE C 455 -20.06 -27.40 -22.23
C PHE C 455 -19.68 -26.45 -23.36
N HIS C 456 -20.66 -25.94 -24.09
CA HIS C 456 -20.33 -25.22 -25.31
C HIS C 456 -19.93 -23.80 -24.98
N TYR C 457 -19.60 -23.07 -26.05
CA TYR C 457 -19.16 -21.68 -25.93
C TYR C 457 -18.08 -21.54 -24.86
N ASN C 458 -17.34 -22.62 -24.65
CA ASN C 458 -16.22 -22.62 -23.71
C ASN C 458 -15.02 -23.34 -24.31
N PRO C 459 -14.69 -23.07 -25.59
CA PRO C 459 -13.51 -23.69 -26.20
C PRO C 459 -12.21 -23.08 -25.73
N LYS C 460 -12.24 -22.03 -24.89
CA LYS C 460 -11.01 -21.46 -24.37
C LYS C 460 -10.15 -22.55 -23.77
N LEU C 461 -10.78 -23.49 -23.09
CA LEU C 461 -10.15 -24.72 -22.65
C LEU C 461 -10.67 -25.85 -23.51
N CYS C 462 -9.77 -26.72 -23.96
CA CYS C 462 -10.03 -27.61 -25.09
C CYS C 462 -10.36 -29.01 -24.61
N LEU C 463 -10.66 -29.87 -25.59
CA LEU C 463 -11.11 -31.23 -25.30
C LEU C 463 -10.05 -32.03 -24.56
N SER C 464 -8.78 -31.63 -24.67
CA SER C 464 -7.72 -32.45 -24.10
C SER C 464 -7.96 -32.72 -22.61
N GLU C 465 -8.58 -31.78 -21.92
CA GLU C 465 -8.91 -31.96 -20.51
C GLU C 465 -10.38 -32.28 -20.29
N ILE C 466 -11.23 -31.95 -21.26
CA ILE C 466 -12.61 -32.40 -21.19
C ILE C 466 -12.64 -33.92 -21.19
N HIS C 467 -11.71 -34.54 -21.88
CA HIS C 467 -11.51 -35.97 -21.76
C HIS C 467 -11.33 -36.35 -20.29
N LYS C 468 -10.42 -35.64 -19.62
CA LYS C 468 -10.11 -35.93 -18.23
C LYS C 468 -11.36 -35.82 -17.38
N MET C 469 -12.08 -34.71 -17.53
CA MET C 469 -13.33 -34.54 -16.81
C MET C 469 -14.27 -35.71 -17.08
N GLU C 470 -14.34 -36.16 -18.33
CA GLU C 470 -15.24 -37.27 -18.64
C GLU C 470 -14.81 -38.54 -17.92
N GLU C 471 -13.52 -38.85 -17.95
CA GLU C 471 -13.06 -40.08 -17.32
C GLU C 471 -13.31 -40.04 -15.82
N VAL C 472 -12.85 -38.97 -15.16
CA VAL C 472 -13.01 -38.91 -13.70
C VAL C 472 -14.49 -38.85 -13.35
N SER C 473 -15.28 -38.14 -14.15
CA SER C 473 -16.72 -38.16 -14.00
C SER C 473 -17.30 -39.53 -14.31
N GLY C 474 -16.54 -40.41 -14.95
CA GLY C 474 -17.08 -41.68 -15.39
C GLY C 474 -18.19 -41.57 -16.40
N THR C 475 -18.34 -40.40 -17.03
CA THR C 475 -19.41 -40.15 -17.97
C THR C 475 -19.06 -40.60 -19.38
N LYS C 476 -18.08 -41.49 -19.51
CA LYS C 476 -17.66 -41.94 -20.83
C LYS C 476 -18.84 -42.53 -21.60
N GLY C 477 -19.76 -43.18 -20.89
CA GLY C 477 -20.92 -43.76 -21.52
C GLY C 477 -22.17 -42.91 -21.37
N ARG C 478 -21.99 -41.63 -21.04
CA ARG C 478 -23.12 -40.73 -20.82
C ARG C 478 -23.08 -39.47 -21.66
N GLN C 479 -22.02 -39.23 -22.42
CA GLN C 479 -21.83 -37.96 -23.11
C GLN C 479 -21.61 -38.19 -24.59
N GLU C 480 -21.74 -37.09 -25.33
CA GLU C 480 -21.47 -37.06 -26.76
C GLU C 480 -20.80 -35.72 -27.08
N ARG C 481 -20.15 -35.67 -28.23
CA ARG C 481 -19.46 -34.44 -28.61
C ARG C 481 -20.41 -33.26 -28.65
N ASN C 482 -21.71 -33.52 -28.85
CA ASN C 482 -22.71 -32.46 -28.79
C ASN C 482 -22.78 -31.79 -27.44
N ASP C 483 -22.06 -32.30 -26.44
CA ASP C 483 -22.06 -31.70 -25.11
C ASP C 483 -21.08 -30.54 -24.99
N ILE C 484 -20.33 -30.23 -26.05
CA ILE C 484 -19.16 -29.36 -25.96
C ILE C 484 -19.17 -28.36 -27.10
N ALA C 485 -18.44 -27.26 -26.90
CA ALA C 485 -18.34 -26.19 -27.88
C ALA C 485 -17.85 -26.72 -29.22
N GLN C 492 -8.65 -18.15 -29.71
CA GLN C 492 -8.87 -17.78 -28.32
C GLN C 492 -8.39 -18.88 -27.40
N ALA C 493 -8.53 -20.12 -27.85
CA ALA C 493 -8.13 -21.26 -27.03
C ALA C 493 -6.66 -21.14 -26.65
N SER C 494 -6.36 -21.46 -25.40
CA SER C 494 -5.02 -21.32 -24.84
C SER C 494 -4.52 -22.64 -24.28
N CYS C 495 -4.76 -23.73 -25.02
CA CYS C 495 -4.44 -25.07 -24.54
C CYS C 495 -3.07 -25.47 -25.10
N GLU C 496 -2.01 -25.03 -24.41
CA GLU C 496 -0.66 -25.31 -24.86
C GLU C 496 -0.52 -26.78 -25.22
N ASN C 497 -0.30 -27.07 -26.49
CA ASN C 497 -0.37 -28.42 -27.02
C ASN C 497 0.95 -29.14 -26.92
N GLU C 498 1.96 -28.53 -26.33
CA GLU C 498 3.26 -29.15 -26.13
C GLU C 498 3.68 -28.94 -24.67
N LEU C 499 4.86 -29.44 -24.34
CA LEU C 499 5.41 -29.27 -23.00
C LEU C 499 6.79 -28.64 -23.11
N LEU C 500 6.98 -27.53 -22.41
CA LEU C 500 8.28 -26.94 -22.23
C LEU C 500 8.96 -27.55 -21.01
N LYS C 501 10.28 -27.63 -21.07
CA LYS C 501 11.10 -28.23 -20.02
C LYS C 501 12.24 -27.31 -19.65
N PHE C 502 12.81 -27.56 -18.48
CA PHE C 502 13.87 -26.72 -17.92
C PHE C 502 15.17 -27.50 -17.98
N SER C 503 16.24 -26.86 -18.47
CA SER C 503 17.49 -27.58 -18.64
C SER C 503 18.38 -27.49 -17.41
N TYR C 504 18.44 -26.34 -16.74
CA TYR C 504 19.30 -26.23 -15.59
C TYR C 504 18.92 -25.04 -14.73
N ILE C 505 19.33 -25.13 -13.46
CA ILE C 505 19.03 -24.15 -12.44
C ILE C 505 20.23 -24.07 -11.50
N ARG C 506 20.40 -22.90 -10.89
CA ARG C 506 21.33 -22.76 -9.79
C ARG C 506 20.78 -21.72 -8.84
N THR C 507 21.17 -21.86 -7.57
CA THR C 507 20.53 -21.13 -6.50
C THR C 507 21.56 -20.39 -5.68
N SER C 508 21.34 -19.10 -5.50
CA SER C 508 21.89 -18.37 -4.38
C SER C 508 20.79 -18.18 -3.36
N PHE C 509 21.11 -17.42 -2.32
CA PHE C 509 20.09 -17.05 -1.34
C PHE C 509 19.03 -16.13 -1.94
N ASP C 510 19.38 -15.38 -2.98
CA ASP C 510 18.47 -14.38 -3.51
C ASP C 510 18.37 -14.44 -5.03
N LYS C 511 19.43 -14.91 -5.66
CA LYS C 511 19.53 -14.95 -7.11
C LYS C 511 19.64 -16.39 -7.54
N ILE C 512 18.74 -16.81 -8.43
CA ILE C 512 18.57 -18.21 -8.78
C ILE C 512 18.62 -18.35 -10.30
N LEU C 513 19.52 -19.20 -10.78
CA LEU C 513 19.69 -19.42 -12.20
C LEU C 513 18.58 -20.28 -12.77
N LEU C 514 18.46 -20.24 -14.09
CA LEU C 514 17.61 -21.17 -14.81
C LEU C 514 18.23 -21.45 -16.16
N ARG C 515 17.87 -22.59 -16.74
CA ARG C 515 18.24 -22.89 -18.12
C ARG C 515 17.18 -23.76 -18.76
N TRP C 516 17.16 -23.73 -20.09
CA TRP C 516 16.30 -24.61 -20.87
C TRP C 516 16.75 -24.54 -22.31
N GLU C 517 16.01 -25.24 -23.17
CA GLU C 517 16.44 -25.55 -24.52
C GLU C 517 16.09 -24.45 -25.50
N PRO C 518 16.77 -24.38 -26.65
CA PRO C 518 16.36 -23.44 -27.72
C PRO C 518 15.18 -23.97 -28.52
N TYR C 519 14.04 -24.13 -27.85
CA TYR C 519 12.89 -24.74 -28.51
C TYR C 519 12.43 -23.88 -29.69
N TRP C 520 11.91 -24.56 -30.71
CA TRP C 520 11.29 -23.91 -31.84
C TRP C 520 10.00 -24.62 -32.20
N PRO C 521 8.93 -23.89 -32.50
CA PRO C 521 7.80 -24.51 -33.15
C PRO C 521 8.19 -25.00 -34.53
N PRO C 522 7.46 -25.97 -35.09
CA PRO C 522 7.76 -26.36 -36.47
C PRO C 522 7.77 -25.15 -37.38
N ASP C 523 6.79 -24.27 -37.21
CA ASP C 523 6.92 -22.89 -37.69
C ASP C 523 7.65 -22.10 -36.62
N PHE C 524 8.93 -22.42 -36.49
CA PHE C 524 9.82 -21.78 -35.53
C PHE C 524 9.56 -20.29 -35.46
N ARG C 525 9.16 -19.70 -36.59
CA ARG C 525 8.83 -18.29 -36.62
C ARG C 525 7.82 -17.93 -35.55
N ASP C 526 6.83 -18.80 -35.33
CA ASP C 526 5.72 -18.45 -34.47
C ASP C 526 6.18 -18.08 -33.07
N LEU C 527 7.29 -18.66 -32.60
CA LEU C 527 7.73 -18.41 -31.24
C LEU C 527 7.99 -16.92 -31.02
N LEU C 528 7.51 -16.41 -29.88
CA LEU C 528 7.77 -15.04 -29.47
C LEU C 528 8.48 -14.96 -28.14
N GLY C 529 8.90 -16.10 -27.59
CA GLY C 529 9.56 -16.13 -26.30
C GLY C 529 8.67 -16.76 -25.25
N PHE C 530 9.01 -16.49 -23.99
CA PHE C 530 8.48 -17.29 -22.91
C PHE C 530 8.04 -16.40 -21.76
N MET C 531 6.82 -16.63 -21.27
CA MET C 531 6.25 -15.91 -20.14
C MET C 531 6.41 -16.73 -18.87
N LEU C 532 7.34 -16.29 -18.02
CA LEU C 532 7.52 -16.91 -16.72
C LEU C 532 6.50 -16.39 -15.73
N PHE C 533 5.99 -17.28 -14.90
CA PHE C 533 5.30 -16.89 -13.67
C PHE C 533 5.76 -17.77 -12.54
N TYR C 534 6.17 -17.12 -11.46
CA TYR C 534 6.60 -17.78 -10.24
C TYR C 534 5.75 -17.25 -9.12
N LYS C 535 5.98 -17.82 -7.93
CA LYS C 535 5.62 -17.25 -6.63
C LYS C 535 6.44 -17.96 -5.57
N GLU C 536 6.43 -17.40 -4.37
CA GLU C 536 7.00 -18.09 -3.22
C GLU C 536 6.13 -19.27 -2.83
N ALA C 537 6.76 -20.39 -2.48
CA ALA C 537 6.07 -21.66 -2.28
C ALA C 537 6.45 -22.28 -0.95
N PRO C 538 5.95 -21.73 0.16
CA PRO C 538 6.07 -22.43 1.44
C PRO C 538 5.05 -23.54 1.55
N TYR C 539 3.90 -23.34 0.93
CA TYR C 539 2.86 -24.34 0.89
C TYR C 539 2.10 -24.23 -0.41
N GLN C 540 1.43 -25.32 -0.78
CA GLN C 540 0.90 -25.51 -2.12
C GLN C 540 -0.63 -25.61 -2.08
N ASN C 541 -1.25 -24.75 -1.28
CA ASN C 541 -2.70 -24.70 -1.16
C ASN C 541 -3.37 -24.02 -2.35
N VAL C 542 -2.65 -23.80 -3.45
CA VAL C 542 -3.24 -23.23 -4.65
C VAL C 542 -2.74 -23.98 -5.87
N VAL C 558 7.12 -14.30 -13.12
CA VAL C 558 6.05 -13.39 -13.49
C VAL C 558 6.59 -12.40 -14.50
N VAL C 559 7.26 -12.92 -15.52
CA VAL C 559 7.94 -12.09 -16.51
C VAL C 559 7.96 -12.86 -17.83
N ASP C 560 8.26 -12.14 -18.92
CA ASP C 560 8.29 -12.74 -20.25
C ASP C 560 9.70 -12.81 -20.80
N ILE C 561 9.82 -13.58 -21.88
CA ILE C 561 11.07 -13.82 -22.56
C ILE C 561 10.80 -13.75 -24.07
N ASP C 562 11.87 -13.68 -24.83
CA ASP C 562 11.85 -13.70 -26.28
C ASP C 562 12.30 -15.07 -26.79
N PRO C 563 12.21 -15.31 -28.10
CA PRO C 563 12.60 -16.61 -28.62
C PRO C 563 14.10 -16.83 -28.48
N PRO C 564 14.54 -18.08 -28.27
CA PRO C 564 15.98 -18.38 -28.40
C PRO C 564 16.38 -18.57 -29.85
N LEU C 565 17.59 -19.05 -30.11
CA LEU C 565 17.97 -19.46 -31.45
C LEU C 565 19.00 -20.58 -31.35
N ARG C 566 19.58 -20.94 -32.48
CA ARG C 566 20.55 -22.02 -32.54
C ARG C 566 21.77 -21.71 -31.68
N ASN C 574 22.04 -21.73 -28.14
CA ASN C 574 21.04 -22.77 -27.93
C ASN C 574 20.27 -22.58 -26.63
N HIS C 575 20.66 -23.28 -25.58
CA HIS C 575 19.86 -23.33 -24.37
C HIS C 575 19.73 -21.95 -23.72
N PRO C 576 18.53 -21.42 -23.57
CA PRO C 576 18.32 -20.23 -22.75
C PRO C 576 18.29 -20.56 -21.26
N GLY C 577 18.07 -19.51 -20.47
CA GLY C 577 18.17 -19.57 -19.02
C GLY C 577 17.64 -18.31 -18.39
N TRP C 578 17.66 -18.29 -17.07
CA TRP C 578 17.24 -17.09 -16.36
C TRP C 578 17.93 -16.98 -15.01
N LEU C 579 18.08 -15.74 -14.57
CA LEU C 579 18.54 -15.40 -13.24
C LEU C 579 17.83 -14.14 -12.76
N MET C 580 17.42 -14.13 -11.50
CA MET C 580 16.90 -12.94 -10.84
C MET C 580 17.92 -12.47 -9.82
N ARG C 581 17.52 -11.47 -9.03
CA ARG C 581 18.43 -10.87 -8.06
C ARG C 581 17.97 -11.09 -6.62
N GLY C 582 16.78 -10.62 -6.27
CA GLY C 582 16.47 -10.34 -4.89
C GLY C 582 15.50 -11.27 -4.20
N LEU C 583 15.70 -12.57 -4.29
CA LEU C 583 14.93 -13.46 -3.43
C LEU C 583 15.48 -13.42 -2.01
N LYS C 584 14.78 -14.03 -1.14
CA LYS C 584 15.21 -14.17 0.23
C LYS C 584 15.90 -15.51 0.44
N PRO C 585 16.84 -15.60 1.36
CA PRO C 585 17.55 -16.87 1.57
C PRO C 585 16.56 -17.97 1.95
N TRP C 586 16.98 -19.21 1.68
CA TRP C 586 16.30 -20.40 2.18
C TRP C 586 14.78 -20.24 2.10
N THR C 587 14.29 -19.70 0.98
CA THR C 587 12.87 -19.51 0.75
C THR C 587 12.44 -20.25 -0.52
N GLN C 588 11.51 -21.18 -0.37
CA GLN C 588 11.03 -21.93 -1.52
C GLN C 588 10.13 -21.06 -2.40
N TYR C 589 10.22 -21.29 -3.70
CA TYR C 589 9.40 -20.58 -4.67
C TYR C 589 8.88 -21.56 -5.70
N ALA C 590 7.60 -21.41 -6.04
CA ALA C 590 7.00 -22.12 -7.15
C ALA C 590 7.27 -21.33 -8.43
N ILE C 591 7.82 -22.00 -9.43
CA ILE C 591 8.21 -21.33 -10.66
C ILE C 591 7.70 -22.15 -11.84
N PHE C 592 7.22 -21.44 -12.85
CA PHE C 592 6.59 -22.08 -13.99
C PHE C 592 6.41 -21.04 -15.09
N VAL C 593 6.45 -21.51 -16.33
CA VAL C 593 6.52 -20.64 -17.50
C VAL C 593 5.50 -21.10 -18.53
N LYS C 594 5.01 -20.13 -19.30
CA LYS C 594 4.25 -20.38 -20.51
C LYS C 594 4.93 -19.63 -21.65
N THR C 595 4.78 -20.16 -22.86
CA THR C 595 5.53 -19.61 -23.99
C THR C 595 4.85 -18.37 -24.55
N LEU C 596 5.62 -17.32 -24.79
CA LEU C 596 5.17 -16.17 -25.56
C LEU C 596 5.26 -16.52 -27.04
N VAL C 597 4.13 -16.48 -27.73
CA VAL C 597 4.05 -16.99 -29.09
C VAL C 597 3.02 -16.16 -29.86
N THR C 598 3.19 -16.11 -31.18
CA THR C 598 2.22 -15.45 -32.04
C THR C 598 0.97 -16.31 -32.18
N PHE C 599 -0.18 -15.71 -31.95
CA PHE C 599 -1.44 -16.43 -32.17
C PHE C 599 -1.68 -16.54 -33.67
N SER C 600 -1.78 -17.78 -34.14
CA SER C 600 -2.11 -18.06 -35.52
C SER C 600 -3.56 -18.51 -35.57
N ASP C 601 -4.40 -17.75 -36.27
CA ASP C 601 -5.84 -17.92 -36.21
C ASP C 601 -6.31 -19.21 -36.86
N GLU C 602 -5.45 -19.92 -37.59
CA GLU C 602 -5.77 -21.25 -38.06
C GLU C 602 -5.62 -22.18 -36.86
N ARG C 603 -5.54 -23.49 -37.08
CA ARG C 603 -5.18 -24.34 -35.95
C ARG C 603 -3.95 -23.69 -35.34
N ARG C 604 -4.11 -23.14 -34.16
CA ARG C 604 -3.09 -22.25 -33.63
C ARG C 604 -1.99 -23.06 -32.98
N THR C 605 -0.78 -22.51 -33.02
CA THR C 605 0.32 -23.09 -32.27
C THR C 605 0.08 -22.84 -30.80
N TYR C 606 -0.50 -23.83 -30.10
CA TYR C 606 -0.95 -23.59 -28.74
C TYR C 606 0.21 -23.42 -27.77
N GLY C 607 1.34 -24.03 -28.05
CA GLY C 607 2.57 -23.77 -27.33
C GLY C 607 2.97 -24.94 -26.44
N ALA C 608 4.22 -24.86 -25.98
CA ALA C 608 4.82 -25.89 -25.15
C ALA C 608 4.74 -25.44 -23.70
N LYS C 609 3.74 -25.93 -22.99
CA LYS C 609 3.58 -25.58 -21.58
C LYS C 609 4.81 -26.02 -20.81
N SER C 610 5.35 -25.10 -20.02
CA SER C 610 6.54 -25.39 -19.25
C SER C 610 6.17 -26.20 -18.01
N ASP C 611 7.13 -26.31 -17.09
CA ASP C 611 6.98 -27.14 -15.92
C ASP C 611 6.99 -26.29 -14.65
N ILE C 612 6.44 -26.86 -13.58
CA ILE C 612 6.32 -26.19 -12.29
C ILE C 612 7.41 -26.73 -11.38
N ILE C 613 8.10 -25.83 -10.69
CA ILE C 613 9.15 -26.21 -9.76
C ILE C 613 9.02 -25.37 -8.50
N TYR C 614 9.16 -26.03 -7.36
CA TYR C 614 9.11 -25.39 -6.06
C TYR C 614 10.52 -25.45 -5.50
N VAL C 615 11.22 -24.33 -5.53
CA VAL C 615 12.66 -24.31 -5.29
C VAL C 615 12.97 -23.27 -4.21
N GLN C 616 13.91 -23.62 -3.34
CA GLN C 616 14.29 -22.80 -2.20
C GLN C 616 15.68 -22.20 -2.43
N THR C 617 15.82 -20.93 -2.08
CA THR C 617 17.09 -20.24 -2.24
C THR C 617 18.07 -20.72 -1.18
N ASP C 618 19.32 -20.26 -1.30
CA ASP C 618 20.33 -20.63 -0.32
C ASP C 618 20.08 -19.90 0.99
N ALA C 619 20.33 -20.60 2.10
CA ALA C 619 20.44 -19.92 3.38
C ALA C 619 21.66 -19.01 3.38
N THR C 620 21.67 -18.04 4.28
CA THR C 620 22.81 -17.14 4.39
C THR C 620 22.98 -16.71 5.84
N ASN C 621 23.97 -15.87 6.08
CA ASN C 621 24.23 -15.37 7.42
C ASN C 621 22.99 -14.67 7.94
N PRO C 622 22.47 -15.06 9.09
CA PRO C 622 21.24 -14.42 9.58
C PRO C 622 21.46 -12.96 9.96
N SER C 623 20.44 -12.32 10.51
CA SER C 623 20.58 -11.00 11.08
C SER C 623 21.00 -11.11 12.55
N VAL C 624 21.19 -9.96 13.19
CA VAL C 624 21.65 -9.95 14.58
C VAL C 624 20.53 -10.43 15.50
N PRO C 625 20.80 -11.27 16.49
CA PRO C 625 19.75 -11.64 17.46
C PRO C 625 19.52 -10.50 18.43
N LEU C 626 18.26 -10.18 18.68
CA LEU C 626 17.92 -8.97 19.41
C LEU C 626 17.53 -9.30 20.84
N ASP C 627 17.06 -8.28 21.57
CA ASP C 627 16.72 -8.35 22.99
C ASP C 627 17.90 -8.81 23.84
N PRO C 628 19.12 -8.33 23.58
CA PRO C 628 20.25 -8.80 24.40
C PRO C 628 20.21 -8.20 25.80
N ILE C 629 19.83 -9.00 26.80
CA ILE C 629 19.74 -8.54 28.17
C ILE C 629 20.55 -9.49 29.05
N SER C 630 21.58 -8.96 29.69
CA SER C 630 22.49 -9.75 30.50
C SER C 630 22.08 -9.67 31.97
N VAL C 631 20.92 -10.27 32.25
CA VAL C 631 20.35 -10.17 33.58
C VAL C 631 21.17 -11.00 34.56
N SER C 632 21.41 -10.44 35.75
CA SER C 632 22.28 -11.03 36.75
C SER C 632 21.43 -11.81 37.74
N ASN C 633 21.54 -13.14 37.70
CA ASN C 633 20.91 -13.97 38.72
C ASN C 633 21.73 -14.04 39.99
N SER C 634 23.00 -13.66 39.93
CA SER C 634 23.84 -13.66 41.12
C SER C 634 25.05 -12.77 40.84
N SER C 635 25.82 -12.52 41.90
CA SER C 635 26.99 -11.66 41.81
C SER C 635 27.89 -12.09 40.66
N SER C 636 28.22 -13.38 40.59
CA SER C 636 29.06 -13.93 39.55
C SER C 636 28.28 -14.64 38.47
N GLN C 637 26.95 -14.56 38.50
CA GLN C 637 26.10 -15.26 37.55
C GLN C 637 25.24 -14.27 36.78
N ILE C 638 25.12 -14.51 35.48
CA ILE C 638 24.34 -13.67 34.58
C ILE C 638 23.39 -14.56 33.80
N ILE C 639 22.09 -14.35 34.00
CA ILE C 639 21.08 -15.04 33.19
C ILE C 639 20.89 -14.16 31.95
N LEU C 640 21.78 -14.34 30.99
CA LEU C 640 21.69 -13.61 29.75
C LEU C 640 20.44 -14.04 28.98
N LYS C 641 19.93 -13.11 28.16
CA LYS C 641 18.76 -13.40 27.35
C LYS C 641 18.78 -12.51 26.12
N TRP C 642 18.39 -13.09 24.99
CA TRP C 642 18.23 -12.37 23.73
C TRP C 642 16.92 -12.82 23.13
N LYS C 643 16.69 -12.44 21.87
CA LYS C 643 15.60 -13.03 21.10
C LYS C 643 16.06 -13.13 19.65
N PRO C 644 15.46 -14.01 18.88
CA PRO C 644 16.00 -14.34 17.56
C PRO C 644 16.21 -13.10 16.71
N PRO C 645 16.95 -13.22 15.63
CA PRO C 645 17.24 -12.06 14.80
C PRO C 645 16.05 -11.70 13.91
N SER C 646 16.28 -10.69 13.08
CA SER C 646 15.28 -10.32 12.09
C SER C 646 15.34 -11.20 10.85
N ASP C 647 16.42 -11.96 10.66
CA ASP C 647 16.65 -12.71 9.43
C ASP C 647 17.30 -14.03 9.76
N PRO C 648 16.51 -15.10 9.95
CA PRO C 648 17.12 -16.41 10.19
C PRO C 648 18.02 -16.85 9.05
N ASN C 649 17.63 -16.55 7.82
CA ASN C 649 18.47 -16.80 6.64
C ASN C 649 18.93 -18.24 6.57
N GLY C 650 18.17 -19.15 7.15
CA GLY C 650 18.45 -20.56 7.09
C GLY C 650 18.02 -21.24 8.37
N ASN C 651 17.94 -22.56 8.30
CA ASN C 651 17.61 -23.34 9.50
C ASN C 651 18.62 -23.00 10.58
N ILE C 652 18.14 -22.37 11.65
CA ILE C 652 19.03 -21.92 12.70
C ILE C 652 19.70 -23.11 13.35
N THR C 653 20.95 -22.92 13.78
CA THR C 653 21.76 -24.00 14.32
C THR C 653 22.16 -23.79 15.78
N HIS C 654 22.71 -22.64 16.13
CA HIS C 654 23.17 -22.41 17.49
C HIS C 654 23.34 -20.93 17.75
N TYR C 655 23.68 -20.61 19.00
CA TYR C 655 23.98 -19.26 19.47
C TYR C 655 25.44 -19.29 19.91
N LEU C 656 26.34 -18.90 19.02
CA LEU C 656 27.76 -18.84 19.38
C LEU C 656 27.98 -17.57 20.19
N VAL C 657 27.83 -17.70 21.49
CA VAL C 657 27.99 -16.57 22.38
C VAL C 657 29.47 -16.30 22.59
N PHE C 658 29.79 -15.07 22.98
CA PHE C 658 31.14 -14.65 23.26
C PHE C 658 31.11 -13.55 24.30
N TRP C 659 31.97 -13.65 25.30
CA TRP C 659 31.98 -12.67 26.38
C TRP C 659 33.42 -12.46 26.82
N GLU C 660 33.58 -11.66 27.88
CA GLU C 660 34.89 -11.30 28.40
C GLU C 660 34.66 -10.46 29.64
N ARG C 661 35.65 -10.46 30.54
CA ARG C 661 35.66 -9.58 31.70
C ARG C 661 36.43 -8.32 31.33
N GLN C 662 35.74 -7.19 31.27
CA GLN C 662 36.36 -5.95 30.87
C GLN C 662 37.15 -5.37 32.04
N ALA C 663 38.40 -4.98 31.77
CA ALA C 663 39.18 -4.24 32.74
C ALA C 663 38.57 -2.85 32.89
N GLU C 664 38.39 -2.41 34.14
CA GLU C 664 37.71 -1.16 34.40
C GLU C 664 38.51 0.02 33.85
N ASP C 665 37.82 1.12 33.62
CA ASP C 665 38.42 2.25 32.92
C ASP C 665 39.63 2.80 33.67
N SER C 666 40.61 3.28 32.90
CA SER C 666 41.82 3.83 33.49
C SER C 666 41.51 5.06 34.34
N GLU C 667 40.60 5.92 33.87
CA GLU C 667 40.28 7.13 34.62
C GLU C 667 39.82 6.79 36.03
N LEU C 668 38.97 5.77 36.17
CA LEU C 668 38.58 5.31 37.49
C LEU C 668 39.76 4.77 38.28
N PHE C 669 40.83 4.36 37.59
CA PHE C 669 42.04 3.87 38.24
C PHE C 669 43.05 4.96 38.53
N GLU C 670 42.80 6.21 38.11
CA GLU C 670 43.78 7.27 38.24
C GLU C 670 43.30 8.45 39.07
N LEU C 671 42.17 9.04 38.70
CA LEU C 671 41.78 10.34 39.24
C LEU C 671 41.32 10.24 40.69
N ASP C 672 41.53 11.31 41.44
CA ASP C 672 41.08 11.40 42.81
C ASP C 672 39.60 11.76 42.86
N TYR C 673 38.89 11.21 43.86
CA TYR C 673 37.46 11.44 44.02
C TYR C 673 37.10 11.69 45.48
N CYS C 674 37.94 12.42 46.20
CA CYS C 674 37.75 12.65 47.64
C CYS C 674 37.39 14.10 47.94
N LEU C 675 36.62 14.73 47.05
CA LEU C 675 36.02 16.02 47.35
C LEU C 675 34.74 15.78 48.14
N LYS C 676 34.63 16.37 49.32
CA LYS C 676 33.46 16.15 50.15
C LYS C 676 32.20 16.55 49.37
N GLY C 677 31.15 15.76 49.54
CA GLY C 677 30.13 15.68 48.51
C GLY C 677 30.65 14.73 47.45
N LEU C 678 30.82 13.47 47.84
CA LEU C 678 31.65 12.52 47.12
C LEU C 678 31.47 12.61 45.60
N LYS C 679 32.59 12.53 44.89
CA LYS C 679 32.64 12.53 43.44
C LYS C 679 32.84 11.11 42.89
N LEU C 680 32.23 10.11 43.53
CA LEU C 680 32.41 8.73 43.12
C LEU C 680 32.00 8.57 41.66
N PRO C 681 32.85 8.00 40.80
CA PRO C 681 32.46 7.83 39.39
C PRO C 681 31.36 6.79 39.26
N SER C 682 30.79 6.75 38.05
CA SER C 682 29.73 5.81 37.73
C SER C 682 29.81 5.46 36.25
N ARG C 683 29.75 4.16 35.96
CA ARG C 683 29.83 3.69 34.58
C ARG C 683 28.99 2.42 34.40
N GLU C 781 47.17 -14.25 20.94
CA GLU C 781 45.77 -14.60 20.72
C GLU C 781 44.87 -13.71 21.56
N GLU C 782 43.58 -13.69 21.22
CA GLU C 782 42.57 -13.00 22.03
C GLU C 782 41.37 -13.93 22.08
N HIS C 783 41.33 -14.78 23.10
CA HIS C 783 40.22 -15.72 23.28
C HIS C 783 39.16 -15.07 24.15
N ARG C 784 38.11 -14.58 23.52
CA ARG C 784 36.92 -14.22 24.27
C ARG C 784 36.17 -15.50 24.60
N PRO C 785 35.93 -15.80 25.87
CA PRO C 785 35.20 -17.04 26.19
C PRO C 785 33.85 -17.04 25.50
N PHE C 786 33.43 -18.23 25.06
CA PHE C 786 32.34 -18.34 24.11
C PHE C 786 31.58 -19.64 24.37
N GLU C 787 30.51 -19.81 23.61
CA GLU C 787 29.71 -21.03 23.66
C GLU C 787 28.67 -20.99 22.54
N LYS C 788 28.42 -22.15 21.95
CA LYS C 788 27.38 -22.30 20.93
C LYS C 788 26.08 -22.68 21.63
N VAL C 789 25.51 -21.69 22.34
CA VAL C 789 24.23 -21.93 23.00
C VAL C 789 23.20 -22.31 21.94
N VAL C 790 22.49 -23.41 22.20
CA VAL C 790 21.59 -24.00 21.22
C VAL C 790 20.22 -24.16 21.86
N ASN C 791 19.18 -23.75 21.14
CA ASN C 791 17.78 -23.87 21.55
C ASN C 791 17.48 -23.00 22.76
N LYS C 792 18.46 -22.32 23.32
CA LYS C 792 18.28 -21.49 24.50
C LYS C 792 18.49 -20.04 24.08
N GLU C 793 17.42 -19.25 24.13
CA GLU C 793 17.51 -17.83 23.84
C GLU C 793 18.10 -17.06 25.00
N SER C 794 18.58 -17.77 26.03
CA SER C 794 19.13 -17.17 27.23
C SER C 794 20.33 -18.00 27.66
N LEU C 795 21.10 -17.47 28.61
CA LEU C 795 22.25 -18.20 29.10
C LEU C 795 22.60 -17.74 30.51
N VAL C 796 23.09 -18.69 31.29
CA VAL C 796 23.68 -18.42 32.61
C VAL C 796 25.19 -18.52 32.47
N ILE C 797 25.90 -17.46 32.84
CA ILE C 797 27.34 -17.39 32.70
C ILE C 797 27.95 -17.33 34.09
N SER C 798 28.94 -18.20 34.32
CA SER C 798 29.54 -18.37 35.64
C SER C 798 31.00 -17.91 35.63
N GLY C 799 31.60 -17.91 36.82
CA GLY C 799 32.98 -17.49 36.97
C GLY C 799 33.19 -15.99 36.83
N LEU C 800 32.13 -15.21 36.99
CA LEU C 800 32.19 -13.77 36.77
C LEU C 800 32.49 -13.07 38.09
N ARG C 801 32.36 -11.74 38.10
CA ARG C 801 32.59 -10.94 39.30
C ARG C 801 31.51 -9.89 39.42
N HIS C 802 30.96 -9.76 40.63
CA HIS C 802 30.00 -8.73 40.95
C HIS C 802 30.42 -7.38 40.37
N PHE C 803 29.51 -6.77 39.62
CA PHE C 803 29.64 -5.39 39.17
C PHE C 803 30.87 -5.18 38.30
N THR C 804 31.54 -6.24 37.88
CA THR C 804 32.67 -6.11 36.98
C THR C 804 32.18 -5.95 35.55
N GLY C 805 32.95 -5.22 34.76
CA GLY C 805 32.57 -5.01 33.38
C GLY C 805 32.83 -6.24 32.54
N TYR C 806 31.87 -6.56 31.67
CA TYR C 806 31.99 -7.70 30.78
C TYR C 806 31.47 -7.31 29.41
N ARG C 807 32.25 -7.59 28.37
CA ARG C 807 31.86 -7.31 27.00
C ARG C 807 31.30 -8.59 26.40
N ILE C 808 30.03 -8.57 26.04
CA ILE C 808 29.33 -9.76 25.60
C ILE C 808 29.27 -9.77 24.09
N GLU C 809 29.05 -10.96 23.55
CA GLU C 809 29.00 -11.14 22.10
C GLU C 809 28.24 -12.41 21.78
N LEU C 810 27.58 -12.42 20.62
CA LEU C 810 26.89 -13.61 20.17
C LEU C 810 26.83 -13.59 18.66
N GLN C 811 27.60 -14.47 18.02
CA GLN C 811 27.47 -14.71 16.58
C GLN C 811 26.37 -15.74 16.38
N ALA C 812 25.14 -15.26 16.23
CA ALA C 812 24.04 -16.16 15.94
C ALA C 812 24.26 -16.81 14.58
N CYS C 813 23.97 -18.10 14.50
CA CYS C 813 24.41 -18.91 13.37
C CYS C 813 23.30 -19.87 13.00
N ASN C 814 23.06 -20.00 11.71
CA ASN C 814 22.24 -21.07 11.16
C ASN C 814 23.10 -22.15 10.51
N GLN C 815 24.40 -22.15 10.82
CA GLN C 815 25.34 -23.17 10.39
C GLN C 815 26.42 -23.23 11.45
N ASP C 816 26.87 -24.43 11.77
CA ASP C 816 27.81 -24.54 12.89
C ASP C 816 29.11 -25.24 12.58
N THR C 817 29.09 -26.37 11.87
CA THR C 817 30.29 -27.19 11.87
C THR C 817 31.33 -26.68 10.86
N PRO C 818 30.98 -26.42 9.60
CA PRO C 818 31.97 -25.79 8.71
C PRO C 818 32.01 -24.30 8.98
N GLU C 819 32.68 -23.54 8.12
CA GLU C 819 32.43 -22.10 8.08
C GLU C 819 30.95 -21.87 8.23
N GLU C 820 30.59 -20.91 9.09
CA GLU C 820 29.25 -20.80 9.61
C GLU C 820 28.57 -19.53 9.11
N ARG C 821 27.37 -19.69 8.54
CA ARG C 821 26.56 -18.55 8.14
C ARG C 821 26.03 -17.85 9.37
N CYS C 822 26.72 -16.81 9.83
CA CYS C 822 26.38 -16.14 11.08
C CYS C 822 26.28 -14.65 10.86
N SER C 823 25.30 -14.04 11.50
CA SER C 823 25.20 -12.58 11.53
C SER C 823 26.39 -12.00 12.27
N VAL C 824 26.73 -10.76 11.93
CA VAL C 824 27.59 -9.99 12.80
C VAL C 824 27.01 -10.04 14.19
N ALA C 825 27.84 -10.42 15.16
CA ALA C 825 27.32 -10.79 16.46
C ALA C 825 26.60 -9.63 17.13
N ALA C 826 25.65 -9.97 18.00
CA ALA C 826 25.13 -9.00 18.94
C ALA C 826 26.15 -8.78 20.05
N TYR C 827 26.00 -7.67 20.77
CA TYR C 827 26.98 -7.31 21.78
C TYR C 827 26.32 -6.50 22.90
N VAL C 828 26.98 -6.53 24.05
CA VAL C 828 26.62 -5.65 25.15
C VAL C 828 27.77 -5.67 26.15
N SER C 829 28.08 -4.51 26.72
CA SER C 829 29.13 -4.40 27.74
C SER C 829 28.51 -4.65 29.11
N ALA C 830 28.15 -5.91 29.34
CA ALA C 830 27.42 -6.29 30.53
C ALA C 830 28.27 -6.06 31.78
N ARG C 831 27.58 -5.70 32.86
CA ARG C 831 28.18 -5.57 34.19
C ARG C 831 27.37 -6.40 35.17
N THR C 832 28.07 -7.19 35.98
CA THR C 832 27.39 -8.09 36.89
C THR C 832 26.69 -7.33 38.01
N MET C 833 25.81 -8.02 38.71
CA MET C 833 25.18 -7.42 39.87
C MET C 833 26.18 -7.28 41.00
N PRO C 834 26.18 -6.17 41.72
CA PRO C 834 27.22 -5.92 42.73
C PRO C 834 27.00 -6.73 44.00
N GLU C 835 28.03 -6.72 44.83
CA GLU C 835 27.97 -7.23 46.19
C GLU C 835 28.41 -6.13 47.14
N ALA C 836 27.57 -5.81 48.11
CA ALA C 836 27.97 -4.83 49.12
C ALA C 836 28.76 -5.51 50.22
N LYS C 837 29.74 -6.31 49.83
CA LYS C 837 30.71 -6.88 50.75
C LYS C 837 32.10 -6.78 50.16
N ALA C 838 32.20 -6.77 48.82
CA ALA C 838 33.47 -6.61 48.15
C ALA C 838 33.76 -5.14 47.87
N ASP C 839 33.55 -4.32 48.89
CA ASP C 839 34.04 -2.97 48.96
C ASP C 839 34.44 -2.66 50.40
N ASP C 840 34.81 -3.69 51.15
CA ASP C 840 35.14 -3.57 52.56
C ASP C 840 36.59 -3.12 52.71
N ILE C 841 37.08 -3.14 53.94
CA ILE C 841 38.49 -2.94 54.24
C ILE C 841 38.90 -3.99 55.25
N VAL C 842 39.52 -5.07 54.78
CA VAL C 842 39.78 -6.23 55.63
C VAL C 842 40.66 -5.83 56.80
N GLY C 843 40.28 -6.28 57.99
CA GLY C 843 41.06 -6.05 59.18
C GLY C 843 40.87 -4.66 59.74
N PRO C 844 41.51 -4.38 60.87
CA PRO C 844 41.43 -3.05 61.48
C PRO C 844 42.25 -2.05 60.69
N VAL C 845 42.31 -0.82 61.21
CA VAL C 845 43.05 0.25 60.59
C VAL C 845 44.49 0.21 61.07
N THR C 846 45.41 -0.24 60.22
CA THR C 846 46.82 -0.16 60.53
C THR C 846 47.23 1.30 60.65
N HIS C 847 48.05 1.61 61.65
CA HIS C 847 48.32 3.00 61.99
C HIS C 847 49.65 3.12 62.71
N GLU C 848 50.15 4.36 62.76
CA GLU C 848 51.28 4.73 63.59
C GLU C 848 51.10 6.18 64.02
N ILE C 849 51.61 6.49 65.21
CA ILE C 849 51.36 7.78 65.85
C ILE C 849 52.63 8.61 65.86
N PHE C 850 52.46 9.93 65.89
CA PHE C 850 53.56 10.87 66.00
C PHE C 850 53.30 11.82 67.17
N GLU C 851 54.39 12.35 67.72
CA GLU C 851 54.29 13.18 68.93
C GLU C 851 53.49 14.46 68.71
N ASN C 852 53.41 14.95 67.48
CA ASN C 852 52.74 16.21 67.18
C ASN C 852 51.26 16.03 66.86
N ASN C 853 50.62 15.01 67.43
CA ASN C 853 49.20 14.75 67.21
C ASN C 853 48.91 14.49 65.74
N VAL C 854 49.79 13.72 65.10
CA VAL C 854 49.62 13.28 63.73
C VAL C 854 49.70 11.76 63.72
N VAL C 855 48.76 11.11 63.05
CA VAL C 855 48.67 9.66 63.01
C VAL C 855 48.48 9.21 61.57
N HIS C 856 49.32 8.29 61.13
CA HIS C 856 49.23 7.69 59.81
C HIS C 856 48.32 6.47 59.85
N LEU C 857 47.67 6.18 58.72
CA LEU C 857 46.72 5.08 58.62
C LEU C 857 47.00 4.27 57.37
N MET C 858 46.98 2.94 57.52
CA MET C 858 47.17 2.00 56.43
C MET C 858 46.10 0.92 56.52
N TRP C 859 45.76 0.33 55.39
CA TRP C 859 44.71 -0.69 55.35
C TRP C 859 44.78 -1.39 54.00
N GLN C 860 43.85 -2.34 53.80
CA GLN C 860 43.83 -3.16 52.60
C GLN C 860 42.40 -3.30 52.10
N GLU C 861 42.26 -3.62 50.82
CA GLU C 861 40.98 -3.72 50.15
C GLU C 861 40.73 -5.14 49.65
N PRO C 862 39.47 -5.54 49.48
CA PRO C 862 39.20 -6.84 48.87
C PRO C 862 39.74 -6.91 47.45
N LYS C 863 40.23 -8.09 47.06
CA LYS C 863 40.87 -8.26 45.78
C LYS C 863 39.91 -8.63 44.66
N GLU C 864 38.61 -8.76 44.96
CA GLU C 864 37.57 -8.98 43.97
C GLU C 864 36.48 -7.93 44.20
N PRO C 865 36.77 -6.67 43.91
CA PRO C 865 35.84 -5.59 44.26
C PRO C 865 34.66 -5.52 43.29
N ASN C 866 33.76 -4.58 43.58
CA ASN C 866 32.62 -4.30 42.71
C ASN C 866 33.14 -3.50 41.52
N GLY C 867 33.65 -4.24 40.54
CA GLY C 867 34.33 -3.62 39.42
C GLY C 867 35.70 -3.14 39.84
N LEU C 868 35.74 -2.12 40.70
CA LEU C 868 36.98 -1.65 41.30
C LEU C 868 36.64 -0.70 42.44
N ILE C 869 37.65 -0.41 43.25
CA ILE C 869 37.54 0.48 44.41
C ILE C 869 38.37 1.72 44.12
N VAL C 870 37.75 2.88 44.21
CA VAL C 870 38.38 4.13 43.82
C VAL C 870 38.76 4.99 45.01
N LEU C 871 38.02 4.92 46.12
CA LEU C 871 38.25 5.82 47.24
C LEU C 871 37.83 5.12 48.52
N TYR C 872 38.30 5.66 49.64
CA TYR C 872 38.03 5.11 50.95
C TYR C 872 37.50 6.20 51.87
N GLU C 873 36.59 5.80 52.75
CA GLU C 873 36.00 6.70 53.73
C GLU C 873 36.64 6.43 55.09
N VAL C 874 37.17 7.47 55.71
CA VAL C 874 37.86 7.38 56.99
C VAL C 874 37.01 8.07 58.04
N SER C 875 36.71 7.36 59.13
CA SER C 875 35.96 7.90 60.26
C SER C 875 36.81 7.78 61.51
N TYR C 876 36.82 8.84 62.32
CA TYR C 876 37.70 8.89 63.48
C TYR C 876 36.99 9.63 64.61
N ARG C 877 37.35 9.29 65.84
CA ARG C 877 36.72 9.89 67.00
C ARG C 877 37.66 9.83 68.20
N ARG C 878 37.42 10.73 69.15
CA ARG C 878 38.06 10.71 70.45
C ARG C 878 36.97 10.81 71.52
N TYR C 879 37.26 10.26 72.70
CA TYR C 879 36.27 10.27 73.77
C TYR C 879 35.89 11.72 74.11
N GLY C 880 34.61 11.93 74.38
CA GLY C 880 34.10 13.27 74.63
C GLY C 880 33.75 14.01 73.36
N ASP C 881 34.51 13.74 72.28
CA ASP C 881 34.25 14.34 70.99
C ASP C 881 33.25 13.48 70.21
N GLU C 882 33.06 13.80 68.93
CA GLU C 882 32.16 13.07 68.07
C GLU C 882 32.90 12.60 66.81
N GLU C 883 32.45 11.48 66.26
CA GLU C 883 33.11 10.91 65.10
C GLU C 883 33.02 11.87 63.91
N LEU C 884 34.11 11.94 63.14
CA LEU C 884 34.20 12.80 61.97
C LEU C 884 34.77 12.00 60.81
N HIS C 885 34.41 12.41 59.60
CA HIS C 885 34.69 11.65 58.40
C HIS C 885 35.72 12.35 57.52
N LEU C 886 36.56 11.54 56.88
CA LEU C 886 37.52 12.02 55.88
C LEU C 886 37.59 10.99 54.76
N CYS C 887 37.99 11.45 53.58
CA CYS C 887 38.07 10.60 52.40
C CYS C 887 39.53 10.41 52.00
N VAL C 888 39.85 9.20 51.54
CA VAL C 888 41.17 8.87 51.03
C VAL C 888 40.99 8.19 49.68
N SER C 889 41.48 8.84 48.63
CA SER C 889 41.42 8.28 47.29
C SER C 889 42.52 7.24 47.11
N ARG C 890 42.52 6.59 45.94
CA ARG C 890 43.63 5.69 45.62
C ARG C 890 44.96 6.44 45.58
N LYS C 891 44.98 7.64 44.99
CA LYS C 891 46.23 8.39 44.95
C LYS C 891 46.60 8.94 46.32
N HIS C 892 45.60 9.39 47.08
CA HIS C 892 45.85 9.74 48.48
C HIS C 892 46.29 8.51 49.26
N PHE C 893 45.70 7.35 48.95
CA PHE C 893 46.12 6.11 49.60
C PHE C 893 47.59 5.81 49.32
N ALA C 894 48.01 5.99 48.05
CA ALA C 894 49.38 5.66 47.68
C ALA C 894 50.38 6.65 48.27
N LEU C 895 50.10 7.95 48.13
CA LEU C 895 51.04 8.96 48.60
C LEU C 895 51.23 8.89 50.11
N GLU C 896 50.12 8.84 50.84
CA GLU C 896 50.14 8.79 52.30
C GLU C 896 50.14 7.37 52.83
N ARG C 897 50.25 6.36 51.97
CA ARG C 897 50.09 4.97 52.37
C ARG C 897 48.75 4.79 53.08
N GLY C 898 47.73 5.43 52.52
CA GLY C 898 46.42 5.45 53.15
C GLY C 898 46.02 6.84 53.57
N CYS C 899 45.94 7.07 54.88
CA CYS C 899 45.56 8.36 55.44
C CYS C 899 46.54 8.75 56.52
N ARG C 900 46.66 10.06 56.75
CA ARG C 900 47.50 10.60 57.82
C ARG C 900 46.73 11.75 58.47
N LEU C 901 45.97 11.42 59.51
CA LEU C 901 45.23 12.43 60.25
C LEU C 901 46.20 13.36 60.97
N ARG C 902 45.86 14.64 61.01
CA ARG C 902 46.71 15.67 61.60
C ARG C 902 45.92 16.49 62.59
N GLY C 903 46.62 17.02 63.59
CA GLY C 903 45.98 17.82 64.61
C GLY C 903 44.96 17.06 65.43
N LEU C 904 45.26 15.81 65.78
CA LEU C 904 44.33 15.01 66.57
C LEU C 904 44.21 15.55 67.98
N SER C 905 42.99 15.54 68.50
CA SER C 905 42.76 16.01 69.87
C SER C 905 43.48 15.08 70.84
N PRO C 906 44.18 15.61 71.84
CA PRO C 906 44.95 14.73 72.74
C PRO C 906 44.04 13.79 73.51
N GLY C 907 44.53 12.58 73.76
CA GLY C 907 43.81 11.55 74.48
C GLY C 907 43.65 10.31 73.64
N ASN C 908 43.04 9.29 74.27
CA ASN C 908 42.75 8.05 73.56
C ASN C 908 41.92 8.34 72.32
N TYR C 909 42.31 7.75 71.20
CA TYR C 909 41.75 8.09 69.89
C TYR C 909 41.39 6.81 69.16
N SER C 910 40.38 6.90 68.28
CA SER C 910 39.90 5.75 67.54
C SER C 910 39.68 6.15 66.08
N VAL C 911 39.76 5.15 65.20
CA VAL C 911 39.60 5.37 63.76
C VAL C 911 38.94 4.14 63.15
N ARG C 912 38.06 4.37 62.19
CA ARG C 912 37.48 3.32 61.36
C ARG C 912 37.45 3.81 59.92
N ILE C 913 37.54 2.86 58.99
CA ILE C 913 37.61 3.18 57.57
C ILE C 913 36.70 2.23 56.79
N ARG C 914 36.08 2.76 55.74
CA ARG C 914 35.23 1.97 54.85
C ARG C 914 35.58 2.31 53.41
N ALA C 915 35.81 1.30 52.59
CA ALA C 915 36.18 1.49 51.20
C ALA C 915 34.94 1.68 50.34
N THR C 916 35.04 2.55 49.35
CA THR C 916 33.95 2.83 48.42
C THR C 916 34.31 2.28 47.05
N SER C 917 33.48 1.37 46.54
CA SER C 917 33.62 0.86 45.19
C SER C 917 32.62 1.59 44.28
N LEU C 918 32.74 1.35 42.98
CA LEU C 918 31.81 1.97 42.05
C LEU C 918 30.38 1.54 42.32
N ALA C 919 30.18 0.35 42.89
CA ALA C 919 28.85 -0.09 43.29
C ALA C 919 28.38 0.60 44.57
N GLY C 920 29.29 0.86 45.50
CA GLY C 920 28.92 1.51 46.74
C GLY C 920 29.96 1.38 47.83
N ASN C 921 29.50 1.25 49.07
CA ASN C 921 30.38 1.13 50.23
C ASN C 921 30.08 -0.18 50.96
N GLY C 922 31.07 -0.68 51.69
CA GLY C 922 30.95 -1.95 52.35
C GLY C 922 31.03 -1.86 53.86
N SER C 923 31.75 -2.79 54.48
CA SER C 923 31.87 -2.86 55.92
C SER C 923 33.03 -2.01 56.41
N TRP C 924 32.84 -1.37 57.56
CA TRP C 924 33.89 -0.57 58.16
C TRP C 924 35.00 -1.46 58.73
N THR C 925 36.18 -0.89 58.86
CA THR C 925 37.29 -1.60 59.49
C THR C 925 36.97 -1.87 60.95
N GLU C 926 37.60 -2.91 61.49
CA GLU C 926 37.47 -3.18 62.91
C GLU C 926 38.02 -1.98 63.69
N PRO C 927 37.40 -1.60 64.81
CA PRO C 927 37.85 -0.39 65.50
C PRO C 927 39.33 -0.44 65.84
N THR C 928 40.01 0.67 65.56
CA THR C 928 41.41 0.86 65.90
C THR C 928 41.52 1.96 66.94
N TYR C 929 42.46 1.81 67.87
CA TYR C 929 42.63 2.74 68.97
C TYR C 929 44.09 3.09 69.14
N PHE C 930 44.33 4.31 69.65
CA PHE C 930 45.68 4.77 69.93
C PHE C 930 45.57 6.04 70.77
N TYR C 931 46.69 6.42 71.37
CA TYR C 931 46.78 7.59 72.23
C TYR C 931 47.54 8.70 71.51
N VAL C 932 47.03 9.92 71.61
CA VAL C 932 47.66 11.08 70.99
C VAL C 932 47.68 12.25 71.96
N GLY D 32 40.97 26.74 -53.87
CA GLY D 32 40.49 25.40 -53.42
C GLY D 32 39.01 25.20 -53.65
N GLU D 33 38.64 24.56 -54.75
CA GLU D 33 37.26 24.30 -55.09
C GLU D 33 36.70 23.14 -54.28
N VAL D 34 35.39 22.96 -54.35
CA VAL D 34 34.67 21.92 -53.62
C VAL D 34 33.68 21.25 -54.56
N CYS D 35 33.57 19.94 -54.47
CA CYS D 35 32.62 19.16 -55.25
C CYS D 35 32.05 18.05 -54.37
N PRO D 36 30.85 17.57 -54.69
CA PRO D 36 30.28 16.46 -53.92
C PRO D 36 31.02 15.16 -54.20
N GLY D 37 30.89 14.23 -53.25
CA GLY D 37 31.56 12.94 -53.32
C GLY D 37 30.57 11.82 -53.57
N MET D 38 30.86 11.00 -54.58
CA MET D 38 30.02 9.87 -54.96
C MET D 38 30.90 8.63 -55.07
N ASP D 39 30.30 7.52 -55.50
CA ASP D 39 31.00 6.26 -55.73
C ASP D 39 31.15 6.01 -57.22
N ILE D 40 32.10 5.12 -57.54
CA ILE D 40 32.41 4.78 -58.93
C ILE D 40 32.62 3.28 -59.01
N ARG D 41 31.77 2.58 -59.76
CA ARG D 41 31.80 1.13 -59.91
C ARG D 41 32.24 0.78 -61.33
N ASN D 42 33.46 0.28 -61.47
CA ASN D 42 33.98 -0.31 -62.70
C ASN D 42 34.05 0.69 -63.86
N ASN D 43 33.88 1.99 -63.60
CA ASN D 43 33.94 3.01 -64.65
C ASN D 43 34.74 4.19 -64.10
N LEU D 44 36.06 4.15 -64.32
CA LEU D 44 36.95 5.18 -63.83
C LEU D 44 36.82 6.49 -64.59
N THR D 45 36.07 6.52 -65.69
CA THR D 45 36.01 7.70 -66.54
C THR D 45 35.59 8.94 -65.75
N ARG D 46 34.74 8.76 -64.73
CA ARG D 46 34.26 9.89 -63.95
C ARG D 46 35.33 10.50 -63.06
N LEU D 47 36.44 9.81 -62.84
CA LEU D 47 37.52 10.37 -62.04
C LEU D 47 38.09 11.63 -62.68
N HIS D 48 38.03 11.72 -64.02
CA HIS D 48 38.56 12.88 -64.71
C HIS D 48 37.78 14.15 -64.39
N GLU D 49 36.58 14.02 -63.82
CA GLU D 49 35.80 15.18 -63.43
C GLU D 49 36.34 15.85 -62.18
N LEU D 50 37.30 15.24 -61.50
CA LEU D 50 37.86 15.79 -60.27
C LEU D 50 38.91 16.86 -60.53
N GLU D 51 39.29 17.09 -61.79
CA GLU D 51 40.31 18.09 -62.09
C GLU D 51 39.89 19.48 -61.63
N ASN D 52 38.59 19.76 -61.62
CA ASN D 52 38.08 21.07 -61.24
C ASN D 52 37.73 21.16 -59.76
N CYS D 53 38.21 20.21 -58.95
CA CYS D 53 37.80 20.11 -57.55
C CYS D 53 39.05 20.06 -56.67
N SER D 54 38.98 20.76 -55.54
CA SER D 54 39.98 20.65 -54.48
C SER D 54 39.44 19.98 -53.22
N VAL D 55 38.13 20.01 -53.01
CA VAL D 55 37.50 19.38 -51.86
C VAL D 55 36.36 18.51 -52.36
N ILE D 56 36.26 17.29 -51.82
CA ILE D 56 35.17 16.38 -52.15
C ILE D 56 34.18 16.45 -50.99
N GLU D 57 33.08 17.16 -51.20
CA GLU D 57 32.02 17.27 -50.20
C GLU D 57 31.31 15.92 -50.15
N GLY D 58 31.97 14.97 -49.53
CA GLY D 58 31.50 13.60 -49.46
C GLY D 58 32.69 12.65 -49.36
N HIS D 59 32.65 11.62 -50.18
CA HIS D 59 33.69 10.59 -50.23
C HIS D 59 34.09 10.34 -51.68
N LEU D 60 34.97 9.36 -51.86
CA LEU D 60 35.29 8.83 -53.17
C LEU D 60 35.36 7.31 -53.06
N GLN D 61 34.45 6.62 -53.73
CA GLN D 61 34.30 5.17 -53.61
C GLN D 61 34.52 4.54 -54.98
N ILE D 62 35.58 3.76 -55.10
CA ILE D 62 35.97 3.15 -56.36
C ILE D 62 35.98 1.63 -56.14
N LEU D 63 35.12 0.90 -56.87
CA LEU D 63 34.94 -0.52 -56.59
C LEU D 63 34.73 -1.35 -57.84
N LEU D 64 35.29 -2.56 -57.84
CA LEU D 64 35.08 -3.57 -58.89
C LEU D 64 35.54 -3.06 -60.27
N MET D 65 36.83 -2.80 -60.37
CA MET D 65 37.44 -2.35 -61.62
C MET D 65 38.21 -3.51 -62.28
N PHE D 66 37.44 -4.52 -62.69
CA PHE D 66 38.00 -5.54 -63.57
C PHE D 66 38.38 -4.97 -64.93
N LYS D 67 37.90 -3.75 -65.24
CA LYS D 67 38.19 -3.10 -66.50
C LYS D 67 39.57 -2.42 -66.49
N THR D 68 39.98 -1.89 -65.36
CA THR D 68 41.13 -0.99 -65.31
C THR D 68 42.44 -1.77 -65.33
N ARG D 69 43.53 -1.03 -65.49
CA ARG D 69 44.86 -1.59 -65.59
C ARG D 69 45.85 -0.59 -65.02
N PRO D 70 47.12 -0.96 -64.88
CA PRO D 70 48.12 -0.01 -64.37
C PRO D 70 48.20 1.28 -65.19
N GLU D 71 47.98 1.21 -66.49
CA GLU D 71 48.00 2.42 -67.31
C GLU D 71 46.96 3.43 -66.85
N ASP D 72 45.93 3.00 -66.14
CA ASP D 72 44.85 3.89 -65.76
C ASP D 72 45.22 4.81 -64.60
N PHE D 73 46.07 4.35 -63.69
CA PHE D 73 46.26 5.03 -62.41
C PHE D 73 47.71 5.28 -62.02
N ARG D 74 48.69 4.86 -62.81
CA ARG D 74 50.08 5.01 -62.39
C ARG D 74 50.47 6.47 -62.16
N ASP D 75 50.05 7.39 -63.02
CA ASP D 75 50.24 8.82 -62.78
C ASP D 75 49.03 9.69 -63.04
N LEU D 76 47.88 9.13 -63.42
CA LEU D 76 46.67 9.92 -63.49
C LEU D 76 46.46 10.66 -62.18
N SER D 77 46.58 12.00 -62.23
CA SER D 77 46.64 12.80 -61.02
C SER D 77 45.69 13.98 -61.12
N PHE D 78 45.15 14.37 -59.95
CA PHE D 78 44.32 15.55 -59.80
C PHE D 78 44.85 16.31 -58.59
N PRO D 79 45.98 17.01 -58.75
CA PRO D 79 46.62 17.62 -57.56
C PRO D 79 45.76 18.64 -56.86
N LYS D 80 44.73 19.19 -57.52
CA LYS D 80 43.88 20.16 -56.86
C LYS D 80 43.21 19.55 -55.63
N LEU D 81 42.75 18.31 -55.75
CA LEU D 81 42.09 17.66 -54.63
C LEU D 81 42.99 17.62 -53.42
N ILE D 82 42.49 18.09 -52.29
CA ILE D 82 43.32 18.29 -51.10
C ILE D 82 42.65 17.72 -49.85
N MET D 83 41.38 17.34 -49.95
CA MET D 83 40.66 16.86 -48.78
C MET D 83 39.37 16.17 -49.20
N ILE D 84 39.01 15.12 -48.47
CA ILE D 84 37.75 14.40 -48.66
C ILE D 84 36.98 14.46 -47.35
N THR D 85 35.74 14.94 -47.41
CA THR D 85 34.98 15.15 -46.19
C THR D 85 34.73 13.83 -45.47
N ASP D 86 34.28 12.81 -46.19
CA ASP D 86 33.80 11.58 -45.54
C ASP D 86 34.89 10.51 -45.46
N TYR D 87 35.33 10.01 -46.61
CA TYR D 87 36.22 8.85 -46.60
C TYR D 87 36.71 8.47 -47.99
N LEU D 88 37.51 7.41 -48.06
CA LEU D 88 38.01 6.86 -49.31
C LEU D 88 37.67 5.38 -49.38
N LEU D 89 37.73 4.82 -50.59
CA LEU D 89 37.51 3.40 -50.78
C LEU D 89 38.28 2.92 -52.00
N LEU D 90 38.82 1.70 -51.91
CA LEU D 90 39.68 1.15 -52.96
C LEU D 90 39.63 -0.36 -52.87
N PHE D 91 38.94 -1.00 -53.80
CA PHE D 91 38.77 -2.45 -53.82
C PHE D 91 38.87 -2.97 -55.24
N ARG D 92 39.70 -4.00 -55.44
CA ARG D 92 39.90 -4.59 -56.77
C ARG D 92 40.25 -3.51 -57.79
N VAL D 93 41.00 -2.51 -57.33
CA VAL D 93 41.40 -1.38 -58.16
C VAL D 93 42.69 -1.80 -58.86
N TYR D 94 42.54 -2.52 -59.97
CA TYR D 94 43.69 -3.14 -60.64
C TYR D 94 44.47 -2.08 -61.41
N GLY D 95 45.62 -1.69 -60.88
CA GLY D 95 46.49 -0.79 -61.62
C GLY D 95 47.21 0.25 -60.78
N LEU D 96 46.62 0.65 -59.66
CA LEU D 96 47.21 1.70 -58.85
C LEU D 96 48.60 1.29 -58.38
N GLU D 97 49.55 2.22 -58.48
CA GLU D 97 50.92 2.00 -58.04
C GLU D 97 51.19 2.66 -56.69
N SER D 98 50.96 3.97 -56.60
CA SER D 98 51.13 4.73 -55.37
C SER D 98 49.89 5.57 -55.11
N LEU D 99 49.46 5.62 -53.85
CA LEU D 99 48.30 6.41 -53.48
C LEU D 99 48.49 7.89 -53.77
N LYS D 100 49.75 8.35 -53.78
CA LYS D 100 50.00 9.75 -54.10
C LYS D 100 49.61 10.10 -55.52
N ASP D 101 49.57 9.11 -56.41
CA ASP D 101 49.45 9.39 -57.84
C ASP D 101 48.22 10.23 -58.14
N LEU D 102 47.05 9.80 -57.67
CA LEU D 102 45.82 10.49 -58.03
C LEU D 102 45.74 11.86 -57.38
N PHE D 103 45.99 11.93 -56.07
CA PHE D 103 45.84 13.17 -55.30
C PHE D 103 47.05 13.34 -54.40
N PRO D 104 48.20 13.72 -54.97
CA PRO D 104 49.39 13.91 -54.14
C PRO D 104 49.19 14.94 -53.05
N ASN D 105 48.37 15.96 -53.29
CA ASN D 105 48.17 17.04 -52.34
C ASN D 105 47.16 16.69 -51.26
N LEU D 106 46.47 15.56 -51.36
CA LEU D 106 45.47 15.19 -50.37
C LEU D 106 46.06 15.26 -48.97
N THR D 107 45.41 16.04 -48.10
CA THR D 107 45.96 16.38 -46.80
C THR D 107 45.08 15.96 -45.63
N VAL D 108 43.76 16.18 -45.73
CA VAL D 108 42.86 16.00 -44.59
C VAL D 108 41.71 15.11 -45.01
N ILE D 109 41.09 14.48 -44.02
CA ILE D 109 39.81 13.79 -44.18
C ILE D 109 38.94 14.18 -43.00
N ARG D 110 37.98 15.08 -43.23
CA ARG D 110 37.10 15.50 -42.16
C ARG D 110 36.33 14.33 -41.58
N GLY D 111 36.05 13.31 -42.39
CA GLY D 111 35.33 12.16 -41.90
C GLY D 111 33.95 12.48 -41.40
N SER D 112 33.25 13.41 -42.06
CA SER D 112 31.90 13.77 -41.63
C SER D 112 31.05 12.51 -41.47
N ARG D 113 31.06 11.66 -42.47
CA ARG D 113 30.54 10.30 -42.35
C ARG D 113 31.66 9.34 -42.74
N LEU D 114 31.74 8.23 -42.01
CA LEU D 114 32.85 7.30 -42.14
C LEU D 114 32.30 5.89 -42.24
N PHE D 115 32.56 5.25 -43.37
CA PHE D 115 32.17 3.85 -43.56
C PHE D 115 32.77 3.03 -42.43
N PHE D 116 31.90 2.44 -41.60
CA PHE D 116 32.36 1.68 -40.45
C PHE D 116 33.37 2.48 -39.65
N ASN D 117 33.13 3.80 -39.58
CA ASN D 117 34.01 4.74 -38.90
C ASN D 117 35.42 4.73 -39.48
N TYR D 118 35.59 4.17 -40.68
CA TYR D 118 36.88 4.15 -41.36
C TYR D 118 36.97 5.33 -42.32
N ALA D 119 38.20 5.60 -42.77
CA ALA D 119 38.45 6.69 -43.69
C ALA D 119 38.82 6.23 -45.09
N LEU D 120 39.44 5.05 -45.23
CA LEU D 120 39.88 4.57 -46.53
C LEU D 120 39.77 3.06 -46.58
N VAL D 121 39.34 2.54 -47.73
CA VAL D 121 39.39 1.11 -48.01
C VAL D 121 40.53 0.90 -48.99
N ILE D 122 41.53 0.13 -48.60
CA ILE D 122 42.53 -0.41 -49.51
C ILE D 122 42.54 -1.91 -49.30
N PHE D 123 41.84 -2.64 -50.15
CA PHE D 123 41.74 -4.09 -49.96
C PHE D 123 41.82 -4.82 -51.29
N GLU D 124 42.72 -5.80 -51.36
CA GLU D 124 42.79 -6.76 -52.45
C GLU D 124 43.14 -6.06 -53.77
N MET D 125 44.28 -5.39 -53.75
CA MET D 125 44.93 -4.89 -54.96
C MET D 125 46.41 -5.21 -54.89
N VAL D 126 46.89 -6.01 -55.85
CA VAL D 126 48.30 -6.40 -55.89
C VAL D 126 49.17 -5.33 -56.53
N HIS D 127 48.58 -4.36 -57.23
CA HIS D 127 49.36 -3.37 -57.97
C HIS D 127 49.93 -2.29 -57.07
N LEU D 128 49.35 -2.06 -55.90
CA LEU D 128 49.80 -0.98 -55.03
C LEU D 128 51.18 -1.30 -54.47
N LYS D 129 52.18 -0.52 -54.88
CA LYS D 129 53.53 -0.67 -54.34
C LYS D 129 53.74 0.14 -53.07
N GLU D 130 52.89 1.13 -52.81
CA GLU D 130 53.03 2.03 -51.67
C GLU D 130 51.83 2.96 -51.67
N LEU D 131 51.76 3.79 -50.63
CA LEU D 131 50.81 4.91 -50.60
C LEU D 131 51.48 6.24 -50.89
N GLY D 132 52.64 6.49 -50.27
CA GLY D 132 53.48 7.62 -50.63
C GLY D 132 52.80 8.96 -50.71
N LEU D 133 51.63 9.11 -50.09
CA LEU D 133 50.92 10.39 -50.09
C LEU D 133 51.70 11.36 -49.22
N TYR D 134 52.49 12.22 -49.85
CA TYR D 134 53.41 13.11 -49.16
C TYR D 134 52.76 14.41 -48.72
N ASN D 135 51.44 14.43 -48.57
CA ASN D 135 50.75 15.61 -48.07
C ASN D 135 49.72 15.31 -46.99
N LEU D 136 49.45 14.05 -46.69
CA LEU D 136 48.50 13.73 -45.63
C LEU D 136 48.97 14.32 -44.31
N MET D 137 48.05 15.00 -43.62
CA MET D 137 48.36 15.59 -42.32
C MET D 137 47.51 15.01 -41.20
N ASN D 138 46.18 15.01 -41.36
CA ASN D 138 45.29 14.65 -40.27
C ASN D 138 44.06 13.95 -40.83
N ILE D 139 43.49 13.08 -40.00
CA ILE D 139 42.19 12.47 -40.24
C ILE D 139 41.31 12.89 -39.07
N THR D 140 40.43 13.86 -39.31
CA THR D 140 39.66 14.45 -38.21
C THR D 140 38.81 13.41 -37.50
N ARG D 141 38.52 12.28 -38.14
CA ARG D 141 37.68 11.25 -37.56
C ARG D 141 37.91 9.94 -38.30
N GLY D 142 38.04 8.86 -37.54
CA GLY D 142 38.15 7.53 -38.10
C GLY D 142 39.55 6.95 -37.98
N SER D 143 39.64 5.67 -38.36
CA SER D 143 40.88 4.92 -38.32
C SER D 143 41.23 4.46 -39.73
N VAL D 144 42.29 3.67 -39.85
CA VAL D 144 42.84 3.27 -41.14
C VAL D 144 42.46 1.82 -41.42
N ARG D 145 42.08 1.54 -42.66
CA ARG D 145 41.92 0.16 -43.12
C ARG D 145 42.80 -0.07 -44.33
N ILE D 146 43.57 -1.15 -44.28
CA ILE D 146 44.31 -1.66 -45.44
C ILE D 146 44.40 -3.17 -45.27
N GLU D 147 44.31 -3.90 -46.38
CA GLU D 147 44.39 -5.36 -46.26
C GLU D 147 44.57 -6.00 -47.63
N LYS D 148 45.25 -7.15 -47.63
CA LYS D 148 45.35 -8.05 -48.77
C LYS D 148 45.92 -7.38 -50.01
N ASN D 149 46.54 -6.21 -49.88
CA ASN D 149 47.08 -5.49 -51.03
C ASN D 149 48.53 -5.90 -51.20
N ASN D 150 48.77 -6.82 -52.13
CA ASN D 150 50.13 -7.29 -52.36
C ASN D 150 51.00 -6.18 -52.92
N GLU D 151 52.30 -6.25 -52.61
CA GLU D 151 53.29 -5.30 -53.08
C GLU D 151 53.19 -3.97 -52.32
N LEU D 152 52.17 -3.81 -51.49
CA LEU D 152 51.93 -2.56 -50.79
C LEU D 152 52.81 -2.50 -49.55
N CYS D 153 53.82 -1.65 -49.57
CA CYS D 153 54.79 -1.52 -48.49
C CYS D 153 54.57 -0.20 -47.75
N TYR D 154 55.34 -0.02 -46.67
CA TYR D 154 55.35 1.22 -45.90
C TYR D 154 53.98 1.48 -45.26
N LEU D 155 53.52 0.51 -44.47
CA LEU D 155 52.30 0.62 -43.70
C LEU D 155 52.56 0.68 -42.21
N ALA D 156 53.37 -0.23 -41.68
CA ALA D 156 53.77 -0.15 -40.28
C ALA D 156 54.64 1.07 -40.03
N THR D 157 55.33 1.56 -41.06
CA THR D 157 56.16 2.75 -40.91
C THR D 157 55.34 3.99 -40.56
N ILE D 158 54.03 3.95 -40.79
CA ILE D 158 53.19 5.11 -40.54
C ILE D 158 52.97 5.26 -39.04
N ASP D 159 53.16 6.47 -38.53
CA ASP D 159 52.87 6.82 -37.14
C ASP D 159 51.50 7.50 -37.14
N TRP D 160 50.45 6.69 -37.08
CA TRP D 160 49.08 7.19 -37.06
C TRP D 160 48.75 7.99 -35.82
N SER D 161 49.59 7.94 -34.78
CA SER D 161 49.27 8.64 -33.54
C SER D 161 49.04 10.13 -33.78
N ARG D 162 49.77 10.73 -34.70
CA ARG D 162 49.68 12.16 -34.97
C ARG D 162 48.70 12.51 -36.09
N ILE D 163 48.20 11.51 -36.82
CA ILE D 163 47.41 11.78 -38.02
C ILE D 163 45.92 11.68 -37.70
N LEU D 164 45.48 10.51 -37.24
CA LEU D 164 44.05 10.24 -37.10
C LEU D 164 43.60 10.52 -35.69
N ASP D 165 42.45 11.21 -35.58
CA ASP D 165 41.85 11.43 -34.26
C ASP D 165 41.36 10.13 -33.64
N SER D 166 41.09 9.11 -34.47
CA SER D 166 40.68 7.80 -33.98
C SER D 166 41.66 6.76 -34.48
N VAL D 167 42.33 6.08 -33.55
CA VAL D 167 43.35 5.09 -33.90
C VAL D 167 43.06 3.79 -33.16
N GLU D 168 41.79 3.57 -32.80
CA GLU D 168 41.46 2.39 -32.01
C GLU D 168 41.91 1.11 -32.69
N ASP D 169 41.66 1.00 -33.99
CA ASP D 169 42.15 -0.15 -34.76
C ASP D 169 42.36 0.32 -36.19
N ASN D 170 43.60 0.66 -36.53
CA ASN D 170 43.98 0.98 -37.89
C ASN D 170 44.24 -0.36 -38.61
N TYR D 171 43.14 -0.96 -39.07
CA TYR D 171 43.17 -2.33 -39.55
C TYR D 171 44.13 -2.48 -40.74
N ILE D 172 45.24 -3.15 -40.51
CA ILE D 172 46.27 -3.34 -41.53
C ILE D 172 46.81 -4.76 -41.43
N VAL D 173 46.39 -5.64 -42.34
CA VAL D 173 46.80 -7.03 -42.30
C VAL D 173 46.90 -7.58 -43.71
N LEU D 174 47.72 -8.60 -43.89
CA LEU D 174 47.80 -9.40 -45.11
C LEU D 174 48.40 -8.64 -46.29
N ASN D 175 48.92 -7.44 -46.08
CA ASN D 175 49.61 -6.72 -47.13
C ASN D 175 51.09 -7.08 -47.11
N LYS D 176 51.85 -6.52 -48.04
CA LYS D 176 53.29 -6.78 -48.08
C LYS D 176 53.96 -6.29 -46.80
N ASP D 177 53.58 -5.11 -46.33
CA ASP D 177 54.10 -4.59 -45.07
C ASP D 177 53.08 -4.82 -43.95
N ASN D 195 66.28 9.38 -43.03
CA ASN D 195 65.82 10.35 -44.01
C ASN D 195 64.58 11.08 -43.52
N CYS D 196 63.74 10.38 -42.78
CA CYS D 196 62.43 10.85 -42.38
C CYS D 196 62.32 10.85 -40.86
N PRO D 197 61.37 11.60 -40.31
CA PRO D 197 61.22 11.63 -38.85
C PRO D 197 61.00 10.24 -38.29
N ALA D 198 61.63 9.97 -37.14
CA ALA D 198 61.59 8.66 -36.52
C ALA D 198 60.88 8.73 -35.18
N THR D 199 60.02 7.75 -34.91
CA THR D 199 59.31 7.64 -33.65
C THR D 199 59.25 6.18 -33.25
N VAL D 200 59.17 5.96 -31.93
CA VAL D 200 59.09 4.61 -31.40
C VAL D 200 57.94 4.52 -30.40
N VAL D 206 61.95 4.05 -35.07
CA VAL D 206 62.08 3.75 -36.48
C VAL D 206 61.61 4.94 -37.31
N GLU D 207 62.22 5.12 -38.48
CA GLU D 207 61.81 6.21 -39.36
C GLU D 207 60.34 6.07 -39.73
N ARG D 208 59.63 7.19 -39.71
CA ARG D 208 58.22 7.24 -40.07
C ARG D 208 58.09 7.91 -41.43
N CYS D 209 57.49 7.21 -42.38
CA CYS D 209 57.43 7.70 -43.75
C CYS D 209 56.51 6.80 -44.56
N TRP D 210 55.82 7.41 -45.52
CA TRP D 210 55.06 6.64 -46.50
C TRP D 210 55.98 5.94 -47.49
N THR D 211 57.12 6.54 -47.80
CA THR D 211 58.19 5.89 -48.54
C THR D 211 59.51 6.49 -48.06
N HIS D 212 60.61 5.80 -48.38
CA HIS D 212 61.92 6.32 -48.01
C HIS D 212 62.13 7.72 -48.56
N SER D 213 61.51 8.03 -49.69
CA SER D 213 61.55 9.39 -50.26
C SER D 213 60.37 10.23 -49.79
N HIS D 214 59.17 9.65 -49.77
CA HIS D 214 57.97 10.37 -49.31
C HIS D 214 57.95 10.36 -47.78
N CYS D 215 58.85 11.17 -47.22
CA CYS D 215 58.98 11.23 -45.77
C CYS D 215 57.69 11.75 -45.14
N GLN D 216 57.38 11.24 -43.96
CA GLN D 216 56.16 11.63 -43.27
C GLN D 216 56.16 13.14 -43.04
N LYS D 217 55.04 13.78 -43.38
CA LYS D 217 54.91 15.23 -43.26
C LYS D 217 54.49 15.58 -41.84
N VAL D 218 55.43 15.42 -40.93
CA VAL D 218 55.21 15.70 -39.51
C VAL D 218 55.41 17.19 -39.28
N CYS D 219 54.32 17.91 -39.06
CA CYS D 219 54.41 19.33 -38.78
C CYS D 219 55.01 19.56 -37.39
N PRO D 220 55.61 20.72 -37.15
CA PRO D 220 56.03 21.05 -35.79
C PRO D 220 54.84 21.03 -34.85
N THR D 221 55.10 20.58 -33.62
CA THR D 221 54.02 20.39 -32.65
C THR D 221 53.19 21.66 -32.46
N ILE D 222 53.82 22.83 -32.63
CA ILE D 222 53.11 24.09 -32.46
C ILE D 222 52.03 24.32 -33.50
N CYS D 223 52.04 23.56 -34.59
CA CYS D 223 51.03 23.74 -35.64
C CYS D 223 49.69 23.12 -35.29
N LYS D 224 49.63 22.24 -34.29
CA LYS D 224 48.39 21.61 -33.90
C LYS D 224 47.75 20.91 -35.09
N SER D 225 46.50 20.46 -34.95
CA SER D 225 45.77 19.87 -36.06
C SER D 225 45.50 20.87 -37.17
N HIS D 226 45.67 22.16 -36.91
CA HIS D 226 45.44 23.17 -37.94
C HIS D 226 46.35 22.98 -39.14
N GLY D 227 47.48 22.29 -38.96
CA GLY D 227 48.32 21.91 -40.07
C GLY D 227 49.45 22.87 -40.34
N CYS D 228 50.28 22.48 -41.31
CA CYS D 228 51.44 23.25 -41.71
C CYS D 228 51.56 23.22 -43.22
N THR D 229 52.27 24.22 -43.76
CA THR D 229 52.52 24.26 -45.19
C THR D 229 53.34 23.04 -45.61
N ALA D 230 53.47 22.86 -46.93
CA ALA D 230 54.27 21.76 -47.44
C ALA D 230 55.71 21.85 -46.97
N GLU D 231 56.18 23.03 -46.59
CA GLU D 231 57.53 23.20 -46.08
C GLU D 231 57.63 22.94 -44.58
N GLY D 232 56.51 22.69 -43.91
CA GLY D 232 56.51 22.42 -42.49
C GLY D 232 56.20 23.61 -41.61
N LEU D 233 55.73 24.72 -42.17
CA LEU D 233 55.40 25.91 -41.40
C LEU D 233 53.90 25.92 -41.10
N CYS D 234 53.57 26.21 -39.84
CA CYS D 234 52.20 26.07 -39.37
C CYS D 234 51.24 26.94 -40.19
N CYS D 235 49.95 26.63 -40.05
CA CYS D 235 48.88 27.39 -40.66
C CYS D 235 48.10 28.15 -39.59
N HIS D 236 47.14 28.94 -40.03
CA HIS D 236 46.30 29.70 -39.12
C HIS D 236 45.38 28.76 -38.34
N SER D 237 44.93 29.25 -37.18
CA SER D 237 44.06 28.44 -36.33
C SER D 237 42.80 28.01 -37.07
N GLU D 238 42.29 28.86 -37.95
CA GLU D 238 41.12 28.49 -38.75
C GLU D 238 41.45 27.44 -39.79
N CYS D 239 42.73 27.32 -40.19
CA CYS D 239 43.12 26.33 -41.18
C CYS D 239 43.11 24.93 -40.57
N LEU D 240 43.20 23.93 -41.45
CA LEU D 240 43.26 22.54 -41.01
C LEU D 240 44.06 21.75 -42.05
N GLY D 241 45.16 21.13 -41.62
CA GLY D 241 45.94 20.28 -42.48
C GLY D 241 47.07 20.99 -43.20
N ASN D 242 46.75 21.94 -44.07
CA ASN D 242 47.75 22.59 -44.89
C ASN D 242 47.22 23.95 -45.33
N CYS D 243 48.13 24.79 -45.80
CA CYS D 243 47.78 26.08 -46.36
C CYS D 243 48.83 26.47 -47.39
N SER D 244 48.40 27.13 -48.46
CA SER D 244 49.36 27.56 -49.47
C SER D 244 50.40 28.52 -48.88
N GLN D 245 50.00 29.32 -47.90
CA GLN D 245 50.92 30.19 -47.19
C GLN D 245 50.66 30.07 -45.69
N PRO D 246 51.68 30.24 -44.87
CA PRO D 246 51.51 30.02 -43.42
C PRO D 246 50.73 31.13 -42.75
N ASP D 247 50.04 30.74 -41.67
CA ASP D 247 49.37 31.69 -40.77
C ASP D 247 48.47 32.65 -41.52
N ASP D 248 47.70 32.15 -42.49
CA ASP D 248 46.78 32.99 -43.25
C ASP D 248 45.42 32.28 -43.35
N PRO D 249 44.36 32.81 -42.73
CA PRO D 249 43.05 32.13 -42.81
C PRO D 249 42.51 32.03 -44.22
N THR D 250 42.93 32.91 -45.14
CA THR D 250 42.46 32.86 -46.52
C THR D 250 43.20 31.84 -47.37
N LYS D 251 44.33 31.32 -46.90
CA LYS D 251 45.16 30.41 -47.65
C LYS D 251 45.04 28.97 -47.17
N CYS D 252 44.06 28.67 -46.32
CA CYS D 252 43.92 27.32 -45.80
C CYS D 252 43.42 26.37 -46.88
N VAL D 253 43.55 25.08 -46.59
CA VAL D 253 42.98 24.03 -47.44
C VAL D 253 41.70 23.46 -46.83
N ALA D 254 41.67 23.30 -45.52
CA ALA D 254 40.48 22.89 -44.79
C ALA D 254 40.34 23.79 -43.57
N CYS D 255 39.09 24.08 -43.20
CA CYS D 255 38.78 25.07 -42.17
C CYS D 255 38.40 24.38 -40.87
N ARG D 256 38.89 24.94 -39.77
CA ARG D 256 38.47 24.46 -38.45
C ARG D 256 36.98 24.71 -38.23
N ASN D 257 36.52 25.92 -38.55
CA ASN D 257 35.11 26.28 -38.35
C ASN D 257 34.32 26.25 -39.65
N PHE D 258 34.70 27.08 -40.63
CA PHE D 258 33.90 27.21 -41.84
C PHE D 258 34.76 27.75 -42.97
N TYR D 259 34.61 27.15 -44.15
CA TYR D 259 35.13 27.67 -45.41
C TYR D 259 34.13 28.65 -46.02
N LEU D 260 34.58 29.87 -46.28
CA LEU D 260 33.74 30.91 -46.85
C LEU D 260 34.43 31.51 -48.07
N ASP D 261 33.90 31.22 -49.26
CA ASP D 261 34.31 31.89 -50.49
C ASP D 261 35.83 31.92 -50.64
N GLY D 262 36.45 30.75 -50.47
CA GLY D 262 37.88 30.63 -50.57
C GLY D 262 38.64 31.01 -49.32
N ARG D 263 37.95 31.38 -48.24
CA ARG D 263 38.59 31.81 -47.01
C ARG D 263 37.91 31.14 -45.82
N CYS D 264 38.71 30.76 -44.83
CA CYS D 264 38.17 30.17 -43.62
C CYS D 264 37.65 31.27 -42.69
N VAL D 265 36.48 31.02 -42.09
CA VAL D 265 35.86 31.98 -41.18
C VAL D 265 35.32 31.23 -39.98
N GLU D 266 35.35 31.90 -38.83
CA GLU D 266 34.77 31.33 -37.63
C GLU D 266 33.27 31.11 -37.79
N THR D 267 32.57 32.05 -38.41
CA THR D 267 31.13 31.99 -38.59
C THR D 267 30.79 32.31 -40.03
N CYS D 268 29.60 31.83 -40.44
CA CYS D 268 29.14 32.02 -41.80
C CYS D 268 28.13 33.16 -41.85
N PRO D 269 28.36 34.20 -42.66
CA PRO D 269 27.39 35.29 -42.74
C PRO D 269 26.28 34.96 -43.73
N PRO D 270 25.02 34.98 -43.30
CA PRO D 270 23.92 34.78 -44.24
C PRO D 270 23.94 35.85 -45.32
N PRO D 271 23.32 35.59 -46.48
CA PRO D 271 22.55 34.39 -46.87
C PRO D 271 23.47 33.19 -46.99
N TYR D 272 24.77 33.42 -46.87
CA TYR D 272 25.76 32.34 -46.78
C TYR D 272 25.77 31.83 -45.34
N TYR D 273 24.75 31.04 -45.02
CA TYR D 273 24.58 30.50 -43.68
C TYR D 273 25.69 29.49 -43.37
N HIS D 274 25.63 28.95 -42.16
CA HIS D 274 26.57 27.91 -41.75
C HIS D 274 26.26 26.60 -42.44
N PHE D 275 27.31 25.91 -42.90
CA PHE D 275 27.16 24.63 -43.61
C PHE D 275 27.89 23.55 -42.83
N GLN D 276 27.14 22.83 -41.99
CA GLN D 276 27.61 21.58 -41.39
C GLN D 276 29.00 21.73 -40.80
N ASP D 277 29.23 22.85 -40.12
CA ASP D 277 30.52 23.13 -39.48
C ASP D 277 31.67 23.07 -40.46
N TRP D 278 31.39 23.14 -41.76
CA TRP D 278 32.40 23.00 -42.78
C TRP D 278 32.60 24.26 -43.62
N ARG D 279 31.53 24.82 -44.17
CA ARG D 279 31.67 25.91 -45.11
C ARG D 279 30.42 26.78 -45.03
N CYS D 280 30.27 27.67 -46.00
CA CYS D 280 29.16 28.61 -46.05
C CYS D 280 28.45 28.46 -47.39
N VAL D 281 27.12 28.45 -47.37
CA VAL D 281 26.31 28.28 -48.57
C VAL D 281 25.23 29.34 -48.60
N ASN D 282 25.06 29.99 -49.75
CA ASN D 282 24.06 31.03 -49.89
C ASN D 282 22.67 30.46 -49.68
N PHE D 283 21.77 31.31 -49.21
CA PHE D 283 20.41 30.86 -48.92
C PHE D 283 19.72 30.31 -50.17
N SER D 284 20.05 30.83 -51.35
CA SER D 284 19.47 30.26 -52.57
C SER D 284 19.88 28.81 -52.73
N PHE D 285 21.15 28.50 -52.47
CA PHE D 285 21.57 27.10 -52.51
C PHE D 285 20.95 26.30 -51.38
N CYS D 286 20.70 26.94 -50.23
CA CYS D 286 19.97 26.26 -49.16
C CYS D 286 18.59 25.83 -49.64
N GLN D 287 17.88 26.72 -50.33
CA GLN D 287 16.59 26.36 -50.90
C GLN D 287 16.75 25.29 -51.98
N ASP D 288 17.81 25.38 -52.78
CA ASP D 288 18.04 24.37 -53.81
C ASP D 288 18.18 22.99 -53.20
N LEU D 289 18.96 22.88 -52.12
CA LEU D 289 19.04 21.64 -51.38
C LEU D 289 17.70 21.25 -50.80
N HIS D 290 16.95 22.26 -50.33
CA HIS D 290 15.66 22.00 -49.71
C HIS D 290 14.69 21.33 -50.69
N HIS D 291 14.66 21.80 -51.92
CA HIS D 291 13.67 21.36 -52.91
C HIS D 291 14.15 20.19 -53.77
N LYS D 292 15.42 20.17 -54.14
CA LYS D 292 15.95 19.15 -55.04
C LYS D 292 15.16 19.12 -56.35
N TYR D 304 16.49 20.93 -45.99
CA TYR D 304 17.56 21.85 -45.64
C TYR D 304 17.00 23.17 -45.18
N VAL D 305 17.33 23.55 -43.94
CA VAL D 305 16.60 24.59 -43.23
C VAL D 305 17.55 25.29 -42.27
N ILE D 306 17.31 26.58 -42.08
CA ILE D 306 18.15 27.42 -41.24
C ILE D 306 17.88 27.10 -39.78
N HIS D 307 18.93 26.75 -39.04
CA HIS D 307 18.86 26.55 -37.60
C HIS D 307 20.16 27.01 -36.99
N ASN D 308 20.09 27.83 -35.95
CA ASN D 308 21.28 28.43 -35.37
C ASN D 308 22.09 29.15 -36.45
N ASN D 309 21.37 29.79 -37.37
CA ASN D 309 21.96 30.40 -38.55
C ASN D 309 22.62 29.37 -39.46
N LYS D 310 22.24 28.10 -39.33
CA LYS D 310 22.83 27.01 -40.07
C LYS D 310 21.75 26.31 -40.89
N CYS D 311 21.97 26.21 -42.20
CA CYS D 311 21.04 25.54 -43.11
C CYS D 311 21.17 24.03 -42.94
N ILE D 312 20.82 23.55 -41.76
CA ILE D 312 20.92 22.13 -41.46
C ILE D 312 19.89 21.40 -42.31
N PRO D 313 20.10 20.12 -42.62
CA PRO D 313 19.15 19.42 -43.50
C PRO D 313 17.71 19.51 -43.01
N GLU D 314 17.51 19.44 -41.70
CA GLU D 314 16.17 19.51 -41.13
C GLU D 314 16.26 20.15 -39.75
N CYS D 315 15.14 20.72 -39.32
CA CYS D 315 15.10 21.41 -38.04
C CYS D 315 15.21 20.41 -36.89
N PRO D 316 15.66 20.86 -35.72
CA PRO D 316 15.69 19.95 -34.57
C PRO D 316 14.29 19.65 -34.06
N SER D 317 14.20 18.81 -33.02
CA SER D 317 12.91 18.47 -32.45
C SER D 317 12.24 19.70 -31.86
N GLY D 318 10.92 19.75 -31.95
CA GLY D 318 10.18 20.90 -31.46
C GLY D 318 10.29 22.11 -32.35
N TYR D 319 10.45 21.92 -33.65
CA TYR D 319 10.63 23.01 -34.59
C TYR D 319 9.62 22.89 -35.72
N THR D 320 9.36 24.03 -36.36
CA THR D 320 8.42 24.10 -37.46
C THR D 320 8.93 25.09 -38.49
N MET D 321 8.47 24.90 -39.73
CA MET D 321 8.93 25.73 -40.84
C MET D 321 8.48 27.17 -40.69
N ASN D 322 9.31 28.08 -41.21
CA ASN D 322 8.93 29.49 -41.40
C ASN D 322 9.63 29.95 -42.68
N SER D 323 8.91 29.90 -43.80
CA SER D 323 9.48 30.30 -45.08
C SER D 323 9.89 31.78 -45.04
N LEU D 326 12.86 29.39 -45.00
CA LEU D 326 13.41 28.12 -44.55
C LEU D 326 13.97 28.25 -43.13
N LEU D 327 13.26 29.01 -42.31
CA LEU D 327 13.67 29.26 -40.93
C LEU D 327 13.07 28.22 -40.00
N CYS D 328 13.88 27.72 -39.07
CA CYS D 328 13.47 26.68 -38.13
C CYS D 328 12.89 27.33 -36.88
N THR D 329 11.68 27.88 -37.03
CA THR D 329 10.99 28.40 -35.86
C THR D 329 10.53 27.25 -34.97
N PRO D 330 10.68 27.37 -33.65
CA PRO D 330 10.20 26.31 -32.77
C PRO D 330 8.71 26.06 -32.97
N CYS D 331 8.32 24.79 -32.88
CA CYS D 331 6.92 24.41 -32.94
C CYS D 331 6.36 24.39 -31.52
N LEU D 332 5.18 23.81 -31.36
CA LEU D 332 4.55 23.66 -30.05
C LEU D 332 5.22 22.59 -29.19
N GLY D 333 6.41 22.12 -29.57
CA GLY D 333 7.06 21.00 -28.94
C GLY D 333 6.77 19.71 -29.66
N PRO D 334 5.55 19.18 -29.54
CA PRO D 334 5.15 18.07 -30.41
C PRO D 334 5.19 18.48 -31.87
N CYS D 335 5.60 17.54 -32.73
CA CYS D 335 5.74 17.80 -34.15
C CYS D 335 4.70 17.00 -34.94
N PRO D 336 3.97 17.63 -35.89
CA PRO D 336 2.95 16.87 -36.63
C PRO D 336 3.55 15.86 -37.61
N LYS D 337 4.31 14.90 -37.12
CA LYS D 337 5.00 13.96 -38.00
C LYS D 337 3.98 13.17 -38.80
N VAL D 338 4.16 13.13 -40.13
CA VAL D 338 3.23 12.47 -41.04
C VAL D 338 3.72 11.04 -41.20
N CYS D 339 3.23 10.17 -40.33
CA CYS D 339 3.63 8.77 -40.32
C CYS D 339 2.92 8.03 -41.44
N HIS D 340 3.58 7.88 -42.57
CA HIS D 340 3.02 7.09 -43.66
C HIS D 340 3.13 5.63 -43.25
N LEU D 341 2.04 5.08 -42.71
CA LEU D 341 2.10 3.80 -42.02
C LEU D 341 2.66 2.72 -42.92
N LEU D 342 3.44 1.84 -42.31
CA LEU D 342 3.79 0.58 -42.95
C LEU D 342 2.53 -0.06 -43.50
N GLU D 343 2.53 -0.32 -44.81
CA GLU D 343 1.34 -0.79 -45.50
C GLU D 343 0.16 0.14 -45.25
N GLY D 344 0.44 1.35 -44.78
CA GLY D 344 -0.63 2.23 -44.34
C GLY D 344 -1.41 1.70 -43.16
N GLU D 345 -0.87 0.74 -42.42
CA GLU D 345 -1.67 0.05 -41.41
C GLU D 345 -0.82 -0.36 -40.22
N LYS D 346 -1.51 -0.63 -39.11
CA LYS D 346 -0.91 -1.33 -37.98
C LYS D 346 -2.05 -1.82 -37.10
N THR D 347 -2.11 -3.12 -36.86
CA THR D 347 -3.09 -3.67 -35.94
C THR D 347 -2.63 -3.47 -34.50
N ILE D 348 -3.58 -3.26 -33.61
CA ILE D 348 -3.28 -2.89 -32.23
C ILE D 348 -4.08 -3.77 -31.29
N ASP D 349 -3.38 -4.54 -30.45
CA ASP D 349 -4.03 -5.30 -29.40
C ASP D 349 -3.31 -5.13 -28.06
N SER D 350 -2.01 -4.82 -28.12
CA SER D 350 -1.17 -4.78 -26.94
C SER D 350 -0.38 -3.49 -26.90
N VAL D 351 0.04 -3.12 -25.68
CA VAL D 351 0.63 -1.80 -25.46
C VAL D 351 1.93 -1.64 -26.25
N THR D 352 2.73 -2.69 -26.32
CA THR D 352 4.02 -2.59 -26.99
C THR D 352 3.87 -2.00 -28.38
N SER D 353 2.84 -2.44 -29.11
CA SER D 353 2.63 -1.94 -30.47
C SER D 353 2.56 -0.42 -30.48
N ALA D 354 1.70 0.15 -29.64
CA ALA D 354 1.55 1.61 -29.62
C ALA D 354 2.83 2.29 -29.15
N GLN D 355 3.46 1.74 -28.11
CA GLN D 355 4.69 2.33 -27.62
C GLN D 355 5.71 2.43 -28.74
N GLU D 356 5.81 1.38 -29.55
CA GLU D 356 6.74 1.40 -30.67
C GLU D 356 6.50 2.61 -31.55
N LEU D 357 5.24 2.94 -31.79
CA LEU D 357 4.87 3.98 -32.74
C LEU D 357 4.46 5.27 -32.07
N ARG D 358 4.99 5.52 -30.87
CA ARG D 358 4.65 6.74 -30.16
C ARG D 358 5.02 7.96 -30.99
N GLY D 359 4.15 8.97 -30.95
CA GLY D 359 4.45 10.27 -31.51
C GLY D 359 4.01 10.51 -32.92
N CYS D 360 3.24 9.59 -33.53
CA CYS D 360 2.80 9.76 -34.91
C CYS D 360 1.67 10.78 -34.95
N THR D 361 2.06 12.03 -34.68
CA THR D 361 1.11 13.13 -34.63
C THR D 361 0.38 13.33 -35.95
N VAL D 362 0.94 12.82 -37.05
CA VAL D 362 0.26 12.77 -38.33
C VAL D 362 0.62 11.43 -38.96
N ILE D 363 -0.17 11.03 -39.95
CA ILE D 363 -0.15 9.65 -40.42
C ILE D 363 -0.48 9.62 -41.92
N ASN D 364 -0.28 8.44 -42.52
CA ASN D 364 -0.90 8.09 -43.81
C ASN D 364 -1.28 6.62 -43.72
N GLY D 365 -2.56 6.34 -43.47
CA GLY D 365 -3.05 4.98 -43.44
C GLY D 365 -4.24 4.84 -42.50
N SER D 366 -4.73 3.61 -42.41
CA SER D 366 -5.77 3.25 -41.45
C SER D 366 -5.15 2.51 -40.28
N LEU D 367 -6.00 1.95 -39.41
CA LEU D 367 -5.51 1.24 -38.25
C LEU D 367 -6.48 0.11 -37.91
N ILE D 368 -5.95 -0.86 -37.18
CA ILE D 368 -6.72 -2.03 -36.75
C ILE D 368 -6.50 -2.23 -35.26
N ILE D 369 -7.55 -2.62 -34.55
CA ILE D 369 -7.57 -2.58 -33.10
C ILE D 369 -8.16 -3.88 -32.57
N ASN D 370 -7.44 -4.53 -31.66
CA ASN D 370 -7.94 -5.73 -30.99
C ASN D 370 -7.54 -5.72 -29.51
N ILE D 371 -7.76 -4.60 -28.84
CA ILE D 371 -7.17 -4.40 -27.53
C ILE D 371 -7.56 -5.52 -26.57
N ARG D 372 -6.73 -5.69 -25.54
CA ARG D 372 -6.83 -6.78 -24.59
C ARG D 372 -7.10 -6.28 -23.17
N GLY D 373 -7.83 -5.18 -23.04
CA GLY D 373 -8.03 -4.55 -21.74
C GLY D 373 -9.28 -5.05 -21.02
N GLY D 374 -9.14 -5.24 -19.70
CA GLY D 374 -10.24 -5.75 -18.90
C GLY D 374 -10.38 -5.26 -17.46
N ASN D 375 -9.75 -4.14 -17.11
CA ASN D 375 -9.91 -3.58 -15.76
C ASN D 375 -9.43 -2.12 -15.78
N ASN D 376 -9.32 -1.54 -14.59
CA ASN D 376 -8.93 -0.14 -14.45
C ASN D 376 -7.44 0.04 -14.73
N LEU D 377 -7.04 -0.01 -16.01
CA LEU D 377 -5.62 0.05 -16.35
C LEU D 377 -5.33 0.89 -17.59
N ALA D 378 -6.28 1.69 -18.07
CA ALA D 378 -6.12 2.38 -19.33
C ALA D 378 -5.02 3.45 -19.29
N ALA D 379 -4.58 3.86 -18.09
CA ALA D 379 -3.56 4.89 -18.02
C ALA D 379 -2.32 4.51 -18.83
N GLU D 380 -2.06 3.21 -18.95
CA GLU D 380 -0.89 2.75 -19.70
C GLU D 380 -0.98 3.13 -21.17
N LEU D 381 -2.16 3.49 -21.65
CA LEU D 381 -2.47 3.40 -23.07
C LEU D 381 -2.49 4.75 -23.78
N GLU D 382 -3.33 5.68 -23.33
CA GLU D 382 -3.53 6.86 -24.16
C GLU D 382 -2.26 7.66 -24.38
N ALA D 383 -1.25 7.48 -23.52
CA ALA D 383 -0.01 8.20 -23.74
C ALA D 383 0.50 7.96 -25.15
N ASN D 384 0.24 6.79 -25.71
CA ASN D 384 0.56 6.50 -27.09
C ASN D 384 -0.54 6.91 -28.06
N LEU D 385 -1.68 7.35 -27.58
CA LEU D 385 -2.89 7.35 -28.39
C LEU D 385 -3.41 8.76 -28.61
N GLY D 386 -4.29 8.87 -29.60
CA GLY D 386 -4.95 10.11 -29.89
C GLY D 386 -4.16 11.07 -30.74
N LEU D 387 -3.13 10.58 -31.42
CA LEU D 387 -2.09 11.46 -31.95
C LEU D 387 -2.64 12.45 -32.99
N ILE D 388 -3.77 12.15 -33.61
CA ILE D 388 -4.28 12.98 -34.70
C ILE D 388 -5.75 13.25 -34.48
N GLU D 389 -6.25 14.28 -35.15
CA GLU D 389 -7.67 14.60 -35.11
C GLU D 389 -8.48 13.81 -36.13
N GLU D 390 -7.84 13.03 -36.98
CA GLU D 390 -8.52 12.38 -38.09
C GLU D 390 -7.71 11.17 -38.51
N ILE D 391 -8.32 10.32 -39.32
CA ILE D 391 -7.61 9.22 -39.98
C ILE D 391 -7.98 9.24 -41.46
N SER D 392 -6.98 9.40 -42.32
CA SER D 392 -7.23 9.49 -43.75
C SER D 392 -7.94 8.25 -44.25
N GLY D 393 -7.46 7.09 -43.86
CA GLY D 393 -8.10 5.84 -44.19
C GLY D 393 -9.13 5.47 -43.16
N TYR D 394 -9.50 4.21 -43.15
CA TYR D 394 -10.42 3.69 -42.18
C TYR D 394 -9.74 3.56 -40.82
N LEU D 395 -10.44 2.96 -39.87
CA LEU D 395 -9.85 2.32 -38.71
C LEU D 395 -10.74 1.15 -38.35
N LYS D 396 -10.13 0.02 -37.99
CA LYS D 396 -10.91 -1.17 -37.71
C LYS D 396 -10.65 -1.62 -36.29
N ILE D 397 -11.68 -2.21 -35.68
CA ILE D 397 -11.58 -2.79 -34.36
C ILE D 397 -12.54 -3.98 -34.29
N ARG D 398 -12.10 -5.05 -33.63
CA ARG D 398 -12.93 -6.23 -33.46
C ARG D 398 -12.41 -7.04 -32.29
N ARG D 399 -13.32 -7.79 -31.67
CA ARG D 399 -12.98 -8.78 -30.66
C ARG D 399 -12.19 -8.18 -29.50
N SER D 400 -12.21 -6.86 -29.36
CA SER D 400 -11.47 -6.24 -28.27
C SER D 400 -11.99 -6.76 -26.94
N TYR D 401 -11.14 -6.63 -25.93
CA TYR D 401 -11.43 -7.19 -24.61
C TYR D 401 -12.42 -6.29 -23.88
N ALA D 402 -12.53 -6.44 -22.55
CA ALA D 402 -13.65 -5.93 -21.79
C ALA D 402 -13.62 -4.41 -21.66
N LEU D 403 -12.87 -3.74 -22.54
CA LEU D 403 -12.78 -2.29 -22.57
C LEU D 403 -14.12 -1.65 -22.27
N VAL D 404 -14.06 -0.52 -21.57
CA VAL D 404 -15.25 0.27 -21.26
C VAL D 404 -15.31 1.54 -22.09
N SER D 405 -14.16 2.18 -22.31
CA SER D 405 -14.10 3.48 -22.96
C SER D 405 -13.51 3.33 -24.35
N LEU D 406 -14.20 3.91 -25.34
CA LEU D 406 -13.63 4.09 -26.67
C LEU D 406 -13.31 5.54 -26.93
N SER D 407 -12.89 6.27 -25.91
CA SER D 407 -12.70 7.71 -26.00
C SER D 407 -11.24 8.14 -25.93
N PHE D 408 -10.39 7.35 -25.29
CA PHE D 408 -9.05 7.81 -24.92
C PHE D 408 -8.15 7.91 -26.14
N PHE D 409 -8.49 8.83 -27.04
CA PHE D 409 -7.72 9.02 -28.26
C PHE D 409 -7.62 10.49 -28.59
N ARG D 410 -7.44 11.30 -27.54
CA ARG D 410 -7.10 12.70 -27.66
C ARG D 410 -7.75 13.37 -28.88
N LYS D 411 -6.98 13.55 -29.94
CA LYS D 411 -7.36 14.49 -30.99
C LYS D 411 -8.46 13.94 -31.89
N LEU D 412 -8.50 12.63 -32.10
CA LEU D 412 -9.26 12.07 -33.22
C LEU D 412 -10.64 12.70 -33.35
N ARG D 413 -10.99 13.08 -34.58
CA ARG D 413 -12.27 13.72 -34.85
C ARG D 413 -12.96 13.26 -36.14
N LEU D 414 -12.24 12.72 -37.13
CA LEU D 414 -12.83 12.43 -38.43
C LEU D 414 -12.10 11.28 -39.11
N ILE D 415 -12.83 10.21 -39.39
CA ILE D 415 -12.34 9.14 -40.25
C ILE D 415 -12.59 9.60 -41.68
N ARG D 416 -11.55 10.10 -42.35
CA ARG D 416 -11.69 10.37 -43.77
C ARG D 416 -11.99 9.09 -44.52
N GLY D 417 -11.59 7.95 -43.95
CA GLY D 417 -11.96 6.67 -44.53
C GLY D 417 -11.50 6.49 -45.94
N GLU D 418 -10.52 7.27 -46.39
CA GLU D 418 -10.08 7.18 -47.77
C GLU D 418 -9.71 5.76 -48.13
N THR D 419 -8.83 5.16 -47.35
CA THR D 419 -8.67 3.70 -47.35
C THR D 419 -9.97 3.07 -46.87
N LEU D 420 -10.64 2.35 -47.76
CA LEU D 420 -11.93 1.76 -47.45
C LEU D 420 -11.74 0.35 -46.92
N GLU D 421 -12.38 0.06 -45.79
CA GLU D 421 -12.44 -1.31 -45.30
C GLU D 421 -13.21 -2.16 -46.30
N ILE D 422 -12.90 -3.47 -46.29
CA ILE D 422 -13.56 -4.40 -47.19
C ILE D 422 -15.05 -4.16 -47.17
N GLY D 423 -15.69 -4.33 -48.32
CA GLY D 423 -17.06 -3.92 -48.47
C GLY D 423 -17.22 -2.43 -48.60
N ASN D 424 -16.18 -1.73 -49.04
CA ASN D 424 -16.21 -0.28 -49.15
C ASN D 424 -16.51 0.39 -47.82
N TYR D 425 -16.21 -0.31 -46.73
CA TYR D 425 -16.39 0.26 -45.41
C TYR D 425 -15.27 1.23 -45.10
N SER D 426 -15.48 2.06 -44.08
CA SER D 426 -14.44 2.91 -43.54
C SER D 426 -14.32 2.83 -42.02
N PHE D 427 -15.21 2.10 -41.35
CA PHE D 427 -15.01 1.68 -39.97
C PHE D 427 -15.70 0.34 -39.76
N TYR D 428 -15.24 -0.38 -38.75
CA TYR D 428 -15.86 -1.65 -38.39
C TYR D 428 -15.78 -1.83 -36.89
N ALA D 429 -16.80 -2.46 -36.33
CA ALA D 429 -16.80 -2.84 -34.92
C ALA D 429 -17.69 -4.05 -34.74
N LEU D 430 -17.12 -5.14 -34.25
CA LEU D 430 -17.89 -6.34 -33.96
C LEU D 430 -17.13 -7.18 -32.95
N ASP D 431 -17.88 -7.95 -32.17
CA ASP D 431 -17.32 -8.79 -31.12
C ASP D 431 -16.65 -7.94 -30.05
N ASN D 432 -16.75 -6.62 -30.19
CA ASN D 432 -16.30 -5.71 -29.14
C ASN D 432 -17.45 -5.47 -28.17
N GLN D 433 -18.02 -6.59 -27.73
CA GLN D 433 -19.23 -6.56 -26.91
C GLN D 433 -18.81 -6.28 -25.48
N ASN D 434 -18.04 -5.23 -25.30
CA ASN D 434 -17.34 -4.92 -24.06
C ASN D 434 -17.52 -3.49 -23.61
N LEU D 435 -17.54 -2.54 -24.56
CA LEU D 435 -17.43 -1.13 -24.22
C LEU D 435 -18.70 -0.62 -23.57
N ARG D 436 -18.52 0.33 -22.67
CA ARG D 436 -19.64 1.08 -22.10
C ARG D 436 -19.33 2.57 -22.04
N GLN D 437 -18.25 3.01 -22.68
CA GLN D 437 -17.92 4.42 -22.79
C GLN D 437 -17.25 4.62 -24.14
N LEU D 438 -17.68 5.64 -24.88
CA LEU D 438 -17.16 5.83 -26.23
C LEU D 438 -16.52 7.19 -26.42
N TRP D 439 -17.23 8.28 -26.12
CA TRP D 439 -16.72 9.61 -26.41
C TRP D 439 -17.58 10.63 -25.69
N ASP D 440 -16.99 11.79 -25.43
CA ASP D 440 -17.74 12.94 -24.93
C ASP D 440 -18.10 13.87 -26.08
N TRP D 441 -18.89 13.33 -27.00
CA TRP D 441 -19.36 14.12 -28.12
C TRP D 441 -20.15 15.33 -27.66
N SER D 442 -20.69 15.28 -26.44
CA SER D 442 -21.36 16.45 -25.89
C SER D 442 -20.49 17.68 -26.02
N LYS D 443 -19.20 17.54 -25.70
CA LYS D 443 -18.23 18.60 -25.90
C LYS D 443 -17.18 18.19 -26.92
N HIS D 444 -17.41 17.11 -27.67
CA HIS D 444 -16.48 16.65 -28.66
C HIS D 444 -17.21 16.50 -29.98
N ASN D 445 -16.50 16.77 -31.07
CA ASN D 445 -17.08 16.82 -32.41
C ASN D 445 -16.66 15.59 -33.19
N LEU D 446 -17.64 14.92 -33.79
CA LEU D 446 -17.41 13.76 -34.64
C LEU D 446 -17.81 14.08 -36.08
N THR D 447 -17.24 13.31 -37.00
CA THR D 447 -17.59 13.39 -38.41
C THR D 447 -16.92 12.20 -39.10
N ILE D 448 -17.55 11.72 -40.16
CA ILE D 448 -16.99 10.65 -40.98
C ILE D 448 -17.27 10.96 -42.44
N THR D 449 -16.29 10.72 -43.29
CA THR D 449 -16.39 11.15 -44.68
C THR D 449 -17.18 10.17 -45.53
N GLN D 450 -16.72 8.92 -45.61
CA GLN D 450 -17.22 8.00 -46.62
C GLN D 450 -17.15 6.58 -46.11
N GLY D 451 -17.85 5.69 -46.82
CA GLY D 451 -17.76 4.26 -46.56
C GLY D 451 -18.77 3.80 -45.53
N LYS D 452 -19.14 2.52 -45.64
CA LYS D 452 -20.00 1.91 -44.64
C LYS D 452 -19.23 1.72 -43.35
N LEU D 453 -19.97 1.68 -42.24
CA LEU D 453 -19.40 1.53 -40.91
C LEU D 453 -20.09 0.38 -40.20
N PHE D 454 -19.31 -0.42 -39.49
CA PHE D 454 -19.83 -1.63 -38.86
C PHE D 454 -19.71 -1.57 -37.35
N PHE D 455 -20.82 -1.86 -36.68
CA PHE D 455 -20.89 -1.85 -35.23
C PHE D 455 -21.48 -3.13 -34.67
N HIS D 456 -22.02 -4.00 -35.51
CA HIS D 456 -22.90 -5.06 -35.06
C HIS D 456 -22.23 -5.93 -34.00
N TYR D 457 -23.07 -6.67 -33.29
CA TYR D 457 -22.62 -7.62 -32.27
C TYR D 457 -21.69 -6.94 -31.27
N ASN D 458 -22.12 -5.79 -30.79
CA ASN D 458 -21.50 -5.18 -29.63
C ASN D 458 -22.57 -4.55 -28.77
N PRO D 459 -23.67 -5.25 -28.48
CA PRO D 459 -24.82 -4.64 -27.80
C PRO D 459 -24.64 -4.41 -26.32
N LYS D 460 -23.43 -4.47 -25.77
CA LYS D 460 -23.23 -4.05 -24.39
C LYS D 460 -23.82 -2.68 -24.19
N LEU D 461 -23.48 -1.75 -25.06
CA LEU D 461 -24.16 -0.47 -25.18
C LEU D 461 -25.01 -0.54 -26.44
N CYS D 462 -26.29 -0.25 -26.31
CA CYS D 462 -27.21 -0.46 -27.41
C CYS D 462 -27.27 0.80 -28.27
N LEU D 463 -28.28 0.88 -29.14
CA LEU D 463 -28.37 1.96 -30.10
C LEU D 463 -28.53 3.31 -29.42
N SER D 464 -28.88 3.33 -28.14
CA SER D 464 -29.14 4.59 -27.44
C SER D 464 -28.16 5.68 -27.82
N GLU D 465 -26.87 5.41 -27.65
CA GLU D 465 -25.86 6.42 -27.94
C GLU D 465 -25.26 6.24 -29.32
N ILE D 466 -25.40 5.05 -29.91
CA ILE D 466 -25.13 4.90 -31.33
C ILE D 466 -25.80 6.03 -32.08
N HIS D 467 -27.10 6.22 -31.82
CA HIS D 467 -27.87 7.30 -32.40
C HIS D 467 -27.02 8.54 -32.50
N LYS D 468 -26.51 8.96 -31.35
CA LYS D 468 -25.70 10.15 -31.29
C LYS D 468 -24.50 10.00 -32.20
N MET D 469 -23.90 8.81 -32.21
CA MET D 469 -22.67 8.63 -32.97
C MET D 469 -22.91 8.84 -34.46
N GLU D 470 -23.89 8.14 -35.05
CA GLU D 470 -24.07 8.35 -36.49
C GLU D 470 -24.60 9.75 -36.75
N GLU D 471 -25.39 10.30 -35.84
CA GLU D 471 -25.91 11.64 -36.04
C GLU D 471 -24.79 12.66 -36.15
N VAL D 472 -23.90 12.66 -35.15
CA VAL D 472 -22.82 13.63 -35.16
C VAL D 472 -21.81 13.32 -36.27
N SER D 473 -21.63 12.03 -36.58
CA SER D 473 -20.76 11.70 -37.69
C SER D 473 -21.35 12.10 -39.03
N GLY D 474 -22.63 12.44 -39.06
CA GLY D 474 -23.29 12.72 -40.33
C GLY D 474 -23.32 11.52 -41.24
N THR D 475 -23.49 10.33 -40.70
CA THR D 475 -23.37 9.09 -41.46
C THR D 475 -24.71 8.37 -41.59
N LYS D 476 -25.82 9.09 -41.42
CA LYS D 476 -27.13 8.45 -41.48
C LYS D 476 -27.31 7.69 -42.79
N GLY D 477 -26.85 8.26 -43.89
CA GLY D 477 -26.99 7.65 -45.19
C GLY D 477 -25.90 6.65 -45.53
N ARG D 478 -24.99 6.35 -44.61
CA ARG D 478 -23.86 5.48 -44.90
C ARG D 478 -23.95 4.12 -44.19
N GLN D 479 -25.00 3.86 -43.42
CA GLN D 479 -25.14 2.55 -42.80
C GLN D 479 -26.61 2.14 -42.80
N GLU D 480 -26.83 0.90 -42.36
CA GLU D 480 -28.15 0.37 -42.06
C GLU D 480 -28.06 -0.37 -40.75
N ARG D 481 -29.22 -0.78 -40.23
CA ARG D 481 -29.23 -1.52 -38.96
C ARG D 481 -28.37 -2.76 -39.02
N ASN D 482 -28.16 -3.32 -40.22
CA ASN D 482 -27.27 -4.46 -40.39
C ASN D 482 -25.92 -4.24 -39.72
N ASP D 483 -25.46 -3.00 -39.63
CA ASP D 483 -24.14 -2.70 -39.10
C ASP D 483 -24.08 -2.72 -37.58
N ILE D 484 -25.21 -2.77 -36.90
CA ILE D 484 -25.29 -2.38 -35.49
C ILE D 484 -26.04 -3.43 -34.69
N ALA D 485 -25.54 -3.71 -33.50
CA ALA D 485 -26.24 -4.54 -32.51
C ALA D 485 -25.34 -4.72 -31.28
N GLN D 492 -26.73 -8.11 -20.48
CA GLN D 492 -25.56 -7.51 -21.13
C GLN D 492 -25.90 -6.13 -21.66
N ALA D 493 -27.16 -5.97 -22.06
CA ALA D 493 -27.58 -4.72 -22.69
C ALA D 493 -27.59 -3.62 -21.64
N SER D 494 -26.42 -3.09 -21.27
CA SER D 494 -26.32 -1.97 -20.29
C SER D 494 -26.65 -0.66 -21.02
N CYS D 495 -27.93 -0.44 -21.33
CA CYS D 495 -28.40 0.75 -22.10
C CYS D 495 -29.53 1.35 -21.24
N GLU D 496 -29.16 2.16 -20.25
CA GLU D 496 -30.13 2.68 -19.25
C GLU D 496 -31.33 3.38 -19.91
N ASN D 497 -32.51 2.74 -19.90
CA ASN D 497 -33.73 3.36 -20.41
C ASN D 497 -34.21 4.52 -19.54
N GLU D 498 -33.63 4.71 -18.36
CA GLU D 498 -34.01 5.83 -17.51
C GLU D 498 -32.76 6.40 -16.84
N LEU D 499 -32.85 7.66 -16.44
CA LEU D 499 -31.81 8.32 -15.66
C LEU D 499 -32.47 9.00 -14.48
N LEU D 500 -32.32 8.41 -13.30
CA LEU D 500 -32.84 8.94 -12.06
C LEU D 500 -32.35 10.36 -11.87
N LYS D 501 -33.00 11.12 -10.98
CA LYS D 501 -32.65 12.50 -10.70
C LYS D 501 -32.43 12.67 -9.21
N PHE D 502 -31.37 13.40 -8.85
CA PHE D 502 -31.15 13.77 -7.46
C PHE D 502 -32.22 14.78 -7.03
N SER D 503 -32.55 14.77 -5.74
CA SER D 503 -33.53 15.74 -5.25
C SER D 503 -32.96 16.74 -4.25
N TYR D 504 -32.38 16.29 -3.14
CA TYR D 504 -31.84 17.26 -2.20
C TYR D 504 -30.54 16.77 -1.58
N ILE D 505 -29.67 17.75 -1.31
CA ILE D 505 -28.36 17.55 -0.71
C ILE D 505 -28.16 18.64 0.34
N ARG D 506 -27.50 18.27 1.43
CA ARG D 506 -27.05 19.23 2.42
C ARG D 506 -25.65 18.85 2.87
N THR D 507 -24.86 19.84 3.25
CA THR D 507 -23.42 19.70 3.34
C THR D 507 -22.91 20.08 4.73
N SER D 508 -22.10 19.20 5.30
CA SER D 508 -21.15 19.57 6.33
C SER D 508 -19.78 19.70 5.68
N PHE D 509 -18.76 19.94 6.52
CA PHE D 509 -17.40 19.96 6.02
C PHE D 509 -16.91 18.57 5.63
N ASP D 510 -17.50 17.52 6.17
CA ASP D 510 -17.06 16.16 5.85
C ASP D 510 -18.19 15.18 5.63
N LYS D 511 -19.44 15.58 5.76
CA LYS D 511 -20.57 14.69 5.76
C LYS D 511 -21.76 15.39 5.11
N ILE D 512 -22.29 14.81 4.05
CA ILE D 512 -23.16 15.52 3.12
C ILE D 512 -24.44 14.71 2.91
N LEU D 513 -25.58 15.37 3.08
CA LEU D 513 -26.87 14.75 2.88
C LEU D 513 -27.16 14.52 1.40
N LEU D 514 -28.01 13.53 1.14
CA LEU D 514 -28.66 13.40 -0.15
C LEU D 514 -30.12 13.04 0.10
N ARG D 515 -30.98 13.37 -0.86
CA ARG D 515 -32.38 13.02 -0.76
C ARG D 515 -32.93 12.80 -2.16
N TRP D 516 -33.75 11.77 -2.31
CA TRP D 516 -34.58 11.61 -3.50
C TRP D 516 -35.85 10.89 -3.10
N GLU D 517 -36.56 10.35 -4.10
CA GLU D 517 -37.98 10.04 -3.97
C GLU D 517 -38.26 8.56 -4.23
N PRO D 518 -39.45 8.06 -3.90
CA PRO D 518 -39.74 6.63 -4.14
C PRO D 518 -39.91 6.31 -5.61
N TYR D 519 -38.83 6.38 -6.39
CA TYR D 519 -38.89 5.95 -7.77
C TYR D 519 -39.15 4.46 -7.84
N TRP D 520 -39.92 4.03 -8.84
CA TRP D 520 -40.23 2.63 -9.00
C TRP D 520 -40.38 2.29 -10.46
N PRO D 521 -39.91 1.13 -10.89
CA PRO D 521 -40.32 0.62 -12.19
C PRO D 521 -41.80 0.30 -12.16
N PRO D 522 -42.47 0.28 -13.32
CA PRO D 522 -43.89 -0.09 -13.32
C PRO D 522 -44.10 -1.41 -12.62
N ASP D 523 -43.21 -2.38 -12.86
CA ASP D 523 -43.04 -3.51 -11.95
C ASP D 523 -42.06 -3.05 -10.88
N PHE D 524 -42.58 -2.19 -9.99
CA PHE D 524 -41.80 -1.67 -8.88
C PHE D 524 -40.93 -2.75 -8.25
N ARG D 525 -41.37 -4.00 -8.31
CA ARG D 525 -40.57 -5.09 -7.76
C ARG D 525 -39.18 -5.13 -8.38
N ASP D 526 -39.05 -4.70 -9.64
CA ASP D 526 -37.77 -4.81 -10.32
C ASP D 526 -36.68 -4.05 -9.59
N LEU D 527 -37.02 -2.96 -8.92
CA LEU D 527 -36.02 -2.15 -8.23
C LEU D 527 -35.36 -2.96 -7.11
N LEU D 528 -34.04 -2.88 -7.05
CA LEU D 528 -33.26 -3.49 -5.98
C LEU D 528 -32.44 -2.47 -5.22
N GLY D 529 -32.65 -1.18 -5.48
CA GLY D 529 -31.95 -0.12 -4.79
C GLY D 529 -31.12 0.71 -5.74
N PHE D 530 -29.97 1.17 -5.24
CA PHE D 530 -29.22 2.17 -5.97
C PHE D 530 -27.73 2.00 -5.68
N MET D 531 -26.92 2.07 -6.74
CA MET D 531 -25.47 1.97 -6.63
C MET D 531 -24.84 3.33 -6.83
N LEU D 532 -24.20 3.84 -5.78
CA LEU D 532 -23.46 5.09 -5.84
C LEU D 532 -22.00 4.85 -6.19
N PHE D 533 -21.46 5.71 -7.02
CA PHE D 533 -20.02 5.89 -7.11
C PHE D 533 -19.72 7.37 -7.06
N TYR D 534 -18.59 7.71 -6.46
CA TYR D 534 -18.17 9.07 -6.25
C TYR D 534 -16.65 9.11 -6.34
N LYS D 535 -16.10 10.31 -6.16
CA LYS D 535 -14.67 10.44 -5.90
C LYS D 535 -14.34 11.90 -5.62
N GLU D 536 -13.23 12.15 -4.94
CA GLU D 536 -12.78 13.53 -4.77
C GLU D 536 -12.48 14.13 -6.14
N ALA D 537 -12.97 15.36 -6.35
CA ALA D 537 -12.92 16.00 -7.65
C ALA D 537 -12.29 17.39 -7.52
N PRO D 538 -11.02 17.45 -7.13
CA PRO D 538 -10.33 18.75 -7.14
C PRO D 538 -10.20 19.33 -8.53
N TYR D 539 -10.16 18.47 -9.56
CA TYR D 539 -10.01 18.92 -10.93
C TYR D 539 -10.87 18.06 -11.83
N GLN D 540 -11.20 18.60 -13.00
CA GLN D 540 -12.15 18.00 -13.94
C GLN D 540 -11.44 17.30 -15.08
N ASN D 541 -10.29 16.68 -14.80
CA ASN D 541 -9.57 15.97 -15.86
C ASN D 541 -10.44 14.94 -16.54
N VAL D 542 -11.25 14.22 -15.78
CA VAL D 542 -12.16 13.23 -16.35
C VAL D 542 -13.60 13.64 -16.05
N VAL D 558 -19.29 4.99 -4.11
CA VAL D 558 -18.83 3.68 -4.51
C VAL D 558 -19.53 2.66 -3.63
N VAL D 559 -20.85 2.84 -3.48
CA VAL D 559 -21.64 2.04 -2.55
C VAL D 559 -23.00 1.79 -3.18
N ASP D 560 -23.74 0.82 -2.64
CA ASP D 560 -25.05 0.46 -3.14
C ASP D 560 -26.14 0.77 -2.12
N ILE D 561 -27.37 0.75 -2.63
CA ILE D 561 -28.56 1.05 -1.84
C ILE D 561 -29.62 0.02 -2.19
N ASP D 562 -30.66 -0.02 -1.38
CA ASP D 562 -31.83 -0.87 -1.56
C ASP D 562 -33.03 -0.03 -1.98
N PRO D 563 -34.13 -0.68 -2.38
CA PRO D 563 -35.30 0.08 -2.84
C PRO D 563 -35.97 0.83 -1.72
N PRO D 564 -36.68 1.93 -2.02
CA PRO D 564 -37.54 2.57 -1.02
C PRO D 564 -38.81 1.78 -0.77
N LEU D 565 -39.76 2.37 -0.05
CA LEU D 565 -41.11 1.81 0.06
C LEU D 565 -42.12 2.80 -0.49
N ARG D 566 -43.36 2.35 -0.59
CA ARG D 566 -44.43 3.14 -1.19
C ARG D 566 -45.16 3.95 -0.14
N ASN D 574 -41.32 7.79 1.95
CA ASN D 574 -41.14 7.00 0.74
C ASN D 574 -39.95 7.52 -0.06
N HIS D 575 -39.48 8.71 0.32
CA HIS D 575 -38.51 9.46 -0.46
C HIS D 575 -37.13 9.34 0.16
N PRO D 576 -36.21 8.59 -0.44
CA PRO D 576 -34.94 8.27 0.21
C PRO D 576 -33.92 9.39 0.13
N GLY D 577 -32.73 9.09 0.64
CA GLY D 577 -31.67 10.07 0.80
C GLY D 577 -30.37 9.39 1.14
N TRP D 578 -29.37 10.18 1.52
CA TRP D 578 -28.12 9.58 1.95
C TRP D 578 -27.22 10.61 2.62
N LEU D 579 -26.40 10.10 3.54
CA LEU D 579 -25.34 10.85 4.19
C LEU D 579 -24.09 9.98 4.28
N MET D 580 -22.93 10.62 4.23
CA MET D 580 -21.65 9.97 4.43
C MET D 580 -20.89 10.70 5.52
N ARG D 581 -19.67 10.25 5.78
CA ARG D 581 -18.73 11.01 6.59
C ARG D 581 -17.34 11.09 5.98
N GLY D 582 -16.92 10.10 5.20
CA GLY D 582 -15.52 10.01 4.81
C GLY D 582 -14.93 11.29 4.25
N LEU D 583 -15.75 12.27 3.91
CA LEU D 583 -15.26 13.45 3.23
C LEU D 583 -14.44 14.32 4.18
N LYS D 584 -13.91 15.39 3.63
CA LYS D 584 -13.02 16.33 4.31
C LYS D 584 -13.48 17.75 4.02
N PRO D 585 -13.11 18.72 4.85
CA PRO D 585 -13.59 20.09 4.64
C PRO D 585 -13.24 20.60 3.26
N TRP D 586 -14.12 21.43 2.72
CA TRP D 586 -13.88 22.19 1.49
C TRP D 586 -13.18 21.33 0.44
N THR D 587 -13.66 20.10 0.24
CA THR D 587 -13.10 19.17 -0.72
C THR D 587 -14.13 18.83 -1.78
N GLN D 588 -13.87 19.23 -3.02
CA GLN D 588 -14.78 18.94 -4.11
C GLN D 588 -14.81 17.46 -4.41
N TYR D 589 -16.00 16.95 -4.71
CA TYR D 589 -16.21 15.55 -5.02
C TYR D 589 -17.20 15.42 -6.14
N ALA D 590 -16.93 14.47 -7.05
CA ALA D 590 -17.87 14.09 -8.09
C ALA D 590 -18.69 12.92 -7.58
N ILE D 591 -20.01 13.02 -7.71
CA ILE D 591 -20.92 12.04 -7.13
C ILE D 591 -21.98 11.69 -8.15
N PHE D 592 -22.36 10.42 -8.17
CA PHE D 592 -23.24 9.91 -9.21
C PHE D 592 -23.66 8.49 -8.86
N VAL D 593 -24.90 8.16 -9.22
CA VAL D 593 -25.54 6.93 -8.79
C VAL D 593 -26.21 6.28 -9.99
N LYS D 594 -26.40 4.97 -9.88
CA LYS D 594 -27.29 4.25 -10.80
C LYS D 594 -28.00 3.17 -10.00
N THR D 595 -29.17 2.77 -10.50
CA THR D 595 -30.04 1.90 -9.74
C THR D 595 -29.42 0.53 -9.53
N LEU D 596 -29.66 -0.04 -8.34
CA LEU D 596 -29.54 -1.46 -8.11
C LEU D 596 -30.88 -2.09 -8.46
N VAL D 597 -30.89 -2.94 -9.49
CA VAL D 597 -32.13 -3.39 -10.11
C VAL D 597 -32.09 -4.88 -10.35
N THR D 598 -33.28 -5.46 -10.50
CA THR D 598 -33.40 -6.87 -10.86
C THR D 598 -33.07 -7.09 -12.33
N PHE D 599 -32.41 -8.20 -12.61
CA PHE D 599 -32.08 -8.58 -13.98
C PHE D 599 -33.25 -9.40 -14.51
N SER D 600 -34.19 -8.72 -15.16
CA SER D 600 -35.39 -9.39 -15.67
C SER D 600 -35.14 -10.02 -17.03
N ASP D 601 -34.03 -10.76 -17.13
CA ASP D 601 -33.72 -11.61 -18.28
C ASP D 601 -34.24 -11.05 -19.59
N GLU D 602 -35.21 -11.75 -20.20
CA GLU D 602 -35.71 -11.34 -21.52
C GLU D 602 -36.10 -9.87 -21.51
N ARG D 603 -36.77 -9.44 -20.44
CA ARG D 603 -37.08 -8.03 -20.23
C ARG D 603 -36.14 -7.45 -19.17
N ARG D 604 -34.89 -7.90 -19.18
CA ARG D 604 -33.89 -7.34 -18.30
C ARG D 604 -34.03 -5.83 -18.36
N THR D 605 -34.41 -5.21 -17.26
CA THR D 605 -34.69 -3.78 -17.28
C THR D 605 -33.47 -3.03 -17.78
N TYR D 606 -33.70 -2.09 -18.70
CA TYR D 606 -32.60 -1.52 -19.45
C TYR D 606 -31.80 -0.49 -18.64
N GLY D 607 -32.43 0.19 -17.68
CA GLY D 607 -31.67 0.90 -16.67
C GLY D 607 -32.15 2.28 -16.26
N ALA D 608 -31.89 2.63 -15.01
CA ALA D 608 -32.31 3.89 -14.41
C ALA D 608 -31.06 4.59 -13.85
N LYS D 609 -30.38 5.36 -14.68
CA LYS D 609 -29.20 6.07 -14.24
C LYS D 609 -29.58 7.14 -13.23
N SER D 610 -28.61 7.97 -12.88
CA SER D 610 -28.84 9.12 -12.03
C SER D 610 -27.99 10.26 -12.57
N ASP D 611 -27.83 11.31 -11.78
CA ASP D 611 -27.12 12.51 -12.21
C ASP D 611 -25.65 12.46 -11.77
N ILE D 612 -24.92 13.53 -12.10
CA ILE D 612 -23.53 13.71 -11.70
C ILE D 612 -23.41 15.08 -11.05
N ILE D 613 -22.57 15.17 -10.03
CA ILE D 613 -22.41 16.43 -9.31
C ILE D 613 -20.99 16.51 -8.77
N TYR D 614 -20.30 17.60 -9.12
CA TYR D 614 -19.08 17.99 -8.42
C TYR D 614 -19.49 18.77 -7.18
N VAL D 615 -19.09 18.29 -6.01
CA VAL D 615 -19.55 18.87 -4.76
C VAL D 615 -18.39 19.02 -3.81
N GLN D 616 -18.28 20.19 -3.20
CA GLN D 616 -17.23 20.52 -2.24
C GLN D 616 -17.84 20.69 -0.86
N THR D 617 -17.23 20.07 0.14
CA THR D 617 -17.77 20.13 1.48
C THR D 617 -17.55 21.51 2.08
N ASP D 618 -18.05 21.69 3.30
CA ASP D 618 -17.82 22.92 4.03
C ASP D 618 -16.37 23.01 4.47
N ALA D 619 -15.85 24.23 4.50
CA ALA D 619 -14.56 24.47 5.14
C ALA D 619 -14.70 24.30 6.65
N THR D 620 -13.57 24.24 7.35
CA THR D 620 -13.59 24.18 8.80
C THR D 620 -12.30 24.76 9.35
N ASN D 621 -12.17 24.72 10.67
CA ASN D 621 -11.00 25.29 11.30
C ASN D 621 -9.75 24.54 10.84
N PRO D 622 -8.74 25.21 10.35
CA PRO D 622 -7.58 24.51 9.81
C PRO D 622 -6.78 23.80 10.88
N SER D 623 -5.65 23.23 10.50
CA SER D 623 -4.69 22.70 11.46
C SER D 623 -3.74 23.81 11.90
N VAL D 624 -2.84 23.48 12.82
CA VAL D 624 -1.90 24.48 13.35
C VAL D 624 -0.90 24.83 12.25
N PRO D 625 -0.52 26.10 12.08
CA PRO D 625 0.51 26.44 11.09
C PRO D 625 1.89 26.16 11.66
N LEU D 626 2.73 25.52 10.87
CA LEU D 626 3.97 24.96 11.37
C LEU D 626 5.16 25.85 11.04
N ASP D 627 6.36 25.37 11.35
CA ASP D 627 7.62 26.08 11.20
C ASP D 627 7.64 27.39 11.99
N PRO D 628 7.11 27.43 13.21
CA PRO D 628 7.12 28.70 13.97
C PRO D 628 8.51 29.00 14.48
N ILE D 629 9.18 29.97 13.85
CA ILE D 629 10.51 30.37 14.25
C ILE D 629 10.53 31.89 14.41
N SER D 630 10.79 32.35 15.62
CA SER D 630 10.72 33.77 15.96
C SER D 630 12.11 34.38 15.84
N VAL D 631 12.60 34.42 14.61
CA VAL D 631 13.96 34.90 14.37
C VAL D 631 14.02 36.40 14.55
N SER D 632 15.13 36.86 15.15
CA SER D 632 15.31 38.25 15.53
C SER D 632 16.23 38.93 14.51
N ASN D 633 15.70 39.94 13.83
CA ASN D 633 16.53 40.76 12.96
C ASN D 633 17.23 41.87 13.71
N SER D 634 16.62 42.36 14.79
CA SER D 634 17.19 43.43 15.57
C SER D 634 16.75 43.28 17.01
N SER D 635 17.42 44.04 17.89
CA SER D 635 17.13 44.01 19.31
C SER D 635 15.64 43.93 19.60
N SER D 636 14.88 44.89 19.10
CA SER D 636 13.44 44.97 19.31
C SER D 636 12.64 44.44 18.13
N GLN D 637 13.31 43.87 17.13
CA GLN D 637 12.65 43.38 15.93
C GLN D 637 12.77 41.87 15.85
N ILE D 638 11.65 41.20 15.62
CA ILE D 638 11.59 39.75 15.47
C ILE D 638 11.04 39.45 14.10
N ILE D 639 11.86 38.84 13.24
CA ILE D 639 11.40 38.34 11.95
C ILE D 639 10.86 36.95 12.22
N LEU D 640 9.63 36.90 12.70
CA LEU D 640 8.96 35.63 12.91
C LEU D 640 8.69 34.95 11.58
N LYS D 641 8.67 33.63 11.60
CA LYS D 641 8.39 32.85 10.40
C LYS D 641 7.68 31.58 10.78
N TRP D 642 6.73 31.18 9.94
CA TRP D 642 5.98 29.95 10.12
C TRP D 642 5.84 29.29 8.75
N LYS D 643 4.97 28.30 8.65
CA LYS D 643 4.57 27.77 7.36
C LYS D 643 3.18 27.18 7.50
N PRO D 644 2.46 27.03 6.40
CA PRO D 644 1.03 26.70 6.47
C PRO D 644 0.78 25.46 7.33
N PRO D 645 -0.46 25.23 7.71
CA PRO D 645 -0.78 24.07 8.54
C PRO D 645 -0.87 22.80 7.70
N SER D 646 -1.17 21.71 8.38
CA SER D 646 -1.44 20.46 7.69
C SER D 646 -2.84 20.43 7.08
N ASP D 647 -3.73 21.32 7.51
CA ASP D 647 -5.14 21.26 7.12
C ASP D 647 -5.64 22.67 6.87
N PRO D 648 -5.58 23.16 5.63
CA PRO D 648 -6.14 24.48 5.36
C PRO D 648 -7.61 24.57 5.69
N ASN D 649 -8.37 23.50 5.47
CA ASN D 649 -9.76 23.41 5.89
C ASN D 649 -10.56 24.63 5.44
N GLY D 650 -10.20 25.17 4.29
CA GLY D 650 -10.93 26.26 3.69
C GLY D 650 -10.00 27.23 3.00
N ASN D 651 -10.59 28.09 2.19
CA ASN D 651 -9.80 29.13 1.56
C ASN D 651 -9.10 29.94 2.64
N ILE D 652 -7.78 29.84 2.69
CA ILE D 652 -7.02 30.47 3.76
C ILE D 652 -7.25 31.97 3.70
N THR D 653 -7.42 32.59 4.87
CA THR D 653 -7.75 34.00 4.96
C THR D 653 -6.64 34.83 5.58
N HIS D 654 -6.12 34.45 6.74
CA HIS D 654 -5.12 35.27 7.39
C HIS D 654 -4.36 34.44 8.43
N TYR D 655 -3.21 34.96 8.84
CA TYR D 655 -2.45 34.39 9.94
C TYR D 655 -2.77 35.25 11.16
N LEU D 656 -3.65 34.73 12.02
CA LEU D 656 -4.08 35.45 13.21
C LEU D 656 -2.99 35.36 14.28
N VAL D 657 -1.95 36.17 14.07
CA VAL D 657 -0.81 36.10 14.97
C VAL D 657 -1.17 36.70 16.32
N PHE D 658 -0.40 36.32 17.34
CA PHE D 658 -0.62 36.79 18.70
C PHE D 658 0.68 36.65 19.46
N TRP D 659 1.07 37.70 20.17
CA TRP D 659 2.30 37.69 20.94
C TRP D 659 2.08 38.42 22.25
N GLU D 660 3.09 38.36 23.11
CA GLU D 660 3.03 38.99 24.41
C GLU D 660 4.41 38.89 25.07
N ARG D 661 4.80 39.94 25.77
CA ARG D 661 6.03 39.91 26.55
C ARG D 661 5.83 39.03 27.78
N GLN D 662 6.85 38.26 28.13
CA GLN D 662 6.78 37.36 29.27
C GLN D 662 7.39 38.01 30.50
N ALA D 663 6.70 37.88 31.63
CA ALA D 663 7.25 38.29 32.91
C ALA D 663 8.35 37.33 33.28
N GLU D 664 9.58 37.84 33.41
CA GLU D 664 10.74 36.98 33.57
C GLU D 664 10.64 36.16 34.86
N ASP D 665 11.32 35.03 34.88
CA ASP D 665 11.18 34.07 35.96
C ASP D 665 11.54 34.69 37.30
N SER D 666 10.78 34.34 38.33
CA SER D 666 11.07 34.81 39.68
C SER D 666 12.25 34.07 40.28
N GLU D 667 12.58 32.88 39.75
CA GLU D 667 13.74 32.16 40.25
C GLU D 667 15.01 32.97 40.10
N LEU D 668 15.11 33.77 39.03
CA LEU D 668 16.25 34.65 38.86
C LEU D 668 16.28 35.77 39.88
N PHE D 669 15.13 36.16 40.43
CA PHE D 669 15.08 37.12 41.52
C PHE D 669 15.23 36.46 42.88
N GLU D 670 15.15 35.13 42.95
CA GLU D 670 15.30 34.40 44.20
C GLU D 670 16.69 33.81 44.40
N LEU D 671 17.37 33.43 43.32
CA LEU D 671 18.65 32.75 43.43
C LEU D 671 19.79 33.73 43.64
N ASP D 672 20.90 33.22 44.16
CA ASP D 672 22.14 33.95 44.30
C ASP D 672 23.23 33.19 43.56
N TYR D 673 24.03 33.91 42.78
CA TYR D 673 25.02 33.28 41.91
C TYR D 673 26.44 33.79 42.18
N CYS D 674 26.70 34.37 43.33
CA CYS D 674 27.98 35.01 43.61
C CYS D 674 28.99 34.02 44.19
N LEU D 675 29.39 33.08 43.33
CA LEU D 675 30.54 32.23 43.59
C LEU D 675 31.60 32.50 42.54
N LYS D 676 32.85 32.64 42.98
CA LYS D 676 33.95 32.80 42.03
C LYS D 676 33.92 31.64 41.05
N GLY D 677 34.06 31.96 39.76
CA GLY D 677 33.60 31.06 38.72
C GLY D 677 32.10 31.20 38.58
N LEU D 678 31.68 32.39 38.15
CA LEU D 678 30.28 32.81 38.20
C LEU D 678 29.32 31.68 37.85
N LYS D 679 28.20 31.64 38.58
CA LYS D 679 27.13 30.67 38.39
C LYS D 679 25.91 31.30 37.70
N LEU D 680 26.15 32.16 36.72
CA LEU D 680 25.05 32.89 36.10
C LEU D 680 23.99 31.93 35.58
N PRO D 681 22.69 32.24 35.77
CA PRO D 681 21.65 31.31 35.30
C PRO D 681 21.51 31.31 33.78
N SER D 682 20.68 30.43 33.25
CA SER D 682 20.49 30.31 31.81
C SER D 682 19.07 29.83 31.53
N ARG D 683 18.41 30.51 30.59
CA ARG D 683 17.09 30.08 30.12
C ARG D 683 17.00 30.26 28.60
N GLU D 781 -7.13 41.75 32.65
CA GLU D 781 -7.03 40.92 31.47
C GLU D 781 -5.69 41.14 30.77
N GLU D 782 -5.45 40.37 29.72
CA GLU D 782 -4.28 40.56 28.87
C GLU D 782 -4.66 40.20 27.43
N HIS D 783 -5.03 41.23 26.66
CA HIS D 783 -5.21 41.05 25.23
C HIS D 783 -3.83 40.88 24.60
N ARG D 784 -3.51 39.66 24.21
CA ARG D 784 -2.24 39.44 23.53
C ARG D 784 -2.24 40.24 22.24
N PRO D 785 -1.28 41.12 22.02
CA PRO D 785 -1.23 41.84 20.74
C PRO D 785 -1.13 40.86 19.59
N PHE D 786 -1.76 41.22 18.48
CA PHE D 786 -2.09 40.26 17.44
C PHE D 786 -1.97 40.91 16.07
N GLU D 787 -2.29 40.14 15.05
CA GLU D 787 -2.45 40.65 13.70
C GLU D 787 -2.95 39.52 12.81
N LYS D 788 -3.72 39.91 11.79
CA LYS D 788 -4.15 38.98 10.75
C LYS D 788 -3.15 39.02 9.61
N VAL D 789 -1.96 38.51 9.89
CA VAL D 789 -0.91 38.46 8.87
C VAL D 789 -1.41 37.64 7.70
N VAL D 790 -1.47 38.24 6.53
CA VAL D 790 -2.06 37.64 5.34
C VAL D 790 -1.01 37.59 4.25
N ASN D 791 -0.90 36.44 3.58
CA ASN D 791 0.02 36.19 2.47
C ASN D 791 1.47 36.20 2.91
N LYS D 792 1.75 36.50 4.17
CA LYS D 792 3.10 36.50 4.71
C LYS D 792 3.23 35.32 5.65
N GLU D 793 4.18 34.45 5.39
CA GLU D 793 4.48 33.36 6.29
C GLU D 793 5.44 33.80 7.40
N SER D 794 5.65 35.09 7.54
CA SER D 794 6.64 35.64 8.44
C SER D 794 6.16 37.02 8.88
N LEU D 795 6.81 37.56 9.91
CA LEU D 795 6.46 38.88 10.38
C LEU D 795 7.63 39.49 11.13
N VAL D 796 7.80 40.80 10.96
CA VAL D 796 8.80 41.58 11.69
C VAL D 796 8.03 42.30 12.80
N ILE D 797 8.11 41.75 14.01
CA ILE D 797 7.38 42.32 15.13
C ILE D 797 8.24 43.39 15.79
N SER D 798 7.65 44.56 16.00
CA SER D 798 8.36 45.74 16.49
C SER D 798 7.84 46.13 17.86
N GLY D 799 8.54 47.09 18.48
CA GLY D 799 8.18 47.58 19.79
C GLY D 799 8.54 46.64 20.93
N LEU D 800 9.37 45.65 20.68
CA LEU D 800 9.69 44.63 21.67
C LEU D 800 10.89 45.07 22.51
N ARG D 801 11.42 44.13 23.28
CA ARG D 801 12.61 44.38 24.09
C ARG D 801 13.65 43.30 23.82
N HIS D 802 14.87 43.74 23.53
CA HIS D 802 16.01 42.86 23.36
C HIS D 802 16.05 41.75 24.40
N PHE D 803 16.19 40.52 23.93
CA PHE D 803 16.42 39.36 24.79
C PHE D 803 15.39 39.30 25.91
N THR D 804 14.14 39.62 25.59
CA THR D 804 13.05 39.57 26.53
C THR D 804 12.13 38.41 26.19
N GLY D 805 11.70 37.68 27.21
CA GLY D 805 10.78 36.59 27.00
C GLY D 805 9.49 37.08 26.39
N TYR D 806 9.05 36.43 25.32
CA TYR D 806 7.78 36.75 24.67
C TYR D 806 7.08 35.45 24.31
N ARG D 807 5.81 35.34 24.67
CA ARG D 807 5.01 34.20 24.29
C ARG D 807 4.25 34.53 23.01
N ILE D 808 4.34 33.64 22.03
CA ILE D 808 3.76 33.87 20.72
C ILE D 808 2.56 32.94 20.53
N GLU D 809 1.64 33.38 19.69
CA GLU D 809 0.40 32.66 19.42
C GLU D 809 -0.04 33.00 18.02
N LEU D 810 -0.51 32.00 17.28
CA LEU D 810 -0.98 32.22 15.92
C LEU D 810 -2.01 31.16 15.59
N GLN D 811 -3.28 31.55 15.50
CA GLN D 811 -4.34 30.66 15.04
C GLN D 811 -4.39 30.73 13.52
N ALA D 812 -4.39 29.56 12.89
CA ALA D 812 -4.60 29.50 11.45
C ALA D 812 -6.08 29.66 11.13
N CYS D 813 -6.40 30.54 10.19
CA CYS D 813 -7.80 30.90 9.93
C CYS D 813 -8.02 30.98 8.43
N ASN D 814 -8.80 30.05 7.90
CA ASN D 814 -9.35 30.20 6.56
C ASN D 814 -10.64 31.01 6.59
N GLN D 815 -10.93 31.65 7.71
CA GLN D 815 -11.98 32.64 7.81
C GLN D 815 -11.43 33.85 8.54
N ASP D 816 -11.93 35.03 8.16
CA ASP D 816 -11.46 36.28 8.73
C ASP D 816 -12.57 37.12 9.36
N THR D 817 -13.82 36.65 9.34
CA THR D 817 -14.92 37.36 9.95
C THR D 817 -14.69 37.45 11.45
N PRO D 818 -15.54 38.13 12.21
CA PRO D 818 -15.41 38.03 13.67
C PRO D 818 -15.45 36.60 14.16
N GLU D 819 -16.31 35.78 13.58
CA GLU D 819 -16.33 34.35 13.82
C GLU D 819 -15.55 33.67 12.69
N GLU D 820 -14.61 32.80 13.05
CA GLU D 820 -13.68 32.28 12.06
C GLU D 820 -13.41 30.81 12.26
N ARG D 821 -13.23 30.10 11.15
CA ARG D 821 -12.66 28.77 11.13
C ARG D 821 -11.17 28.92 11.41
N CYS D 822 -10.85 29.07 12.70
CA CYS D 822 -9.48 29.26 13.14
C CYS D 822 -8.98 28.01 13.85
N SER D 823 -7.79 27.56 13.44
CA SER D 823 -7.18 26.43 14.11
C SER D 823 -6.67 26.83 15.48
N VAL D 824 -6.51 25.83 16.35
CA VAL D 824 -5.79 26.07 17.60
C VAL D 824 -4.43 26.63 17.26
N ALA D 825 -4.04 27.68 17.97
CA ALA D 825 -2.90 28.48 17.54
C ALA D 825 -1.60 27.70 17.62
N ALA D 826 -0.65 28.12 16.80
CA ALA D 826 0.75 27.79 17.03
C ALA D 826 1.32 28.75 18.07
N TYR D 827 2.34 28.29 18.78
CA TYR D 827 2.89 29.07 19.88
C TYR D 827 4.39 28.88 19.97
N VAL D 828 5.05 29.86 20.59
CA VAL D 828 6.45 29.75 20.95
C VAL D 828 6.76 30.85 21.96
N SER D 829 7.57 30.51 22.95
CA SER D 829 7.99 31.48 23.96
C SER D 829 9.24 32.21 23.47
N ALA D 830 9.01 33.08 22.49
CA ALA D 830 10.12 33.74 21.80
C ALA D 830 10.87 34.69 22.74
N ARG D 831 12.17 34.79 22.51
CA ARG D 831 13.04 35.76 23.17
C ARG D 831 13.76 36.57 22.10
N THR D 832 13.73 37.89 22.24
CA THR D 832 14.34 38.75 21.24
C THR D 832 15.86 38.63 21.29
N MET D 833 16.54 39.31 20.38
CA MET D 833 17.98 39.32 20.45
C MET D 833 18.46 40.42 21.38
N PRO D 834 19.58 40.21 22.07
CA PRO D 834 20.01 41.13 23.12
C PRO D 834 20.66 42.39 22.53
N GLU D 835 21.18 43.22 23.42
CA GLU D 835 21.94 44.41 23.08
C GLU D 835 23.15 44.49 23.99
N ALA D 836 24.25 45.03 23.47
CA ALA D 836 25.41 45.30 24.31
C ALA D 836 25.35 46.72 24.87
N LYS D 837 24.17 47.07 25.38
CA LYS D 837 23.95 48.27 26.18
C LYS D 837 23.03 48.03 27.35
N ALA D 838 22.18 47.01 27.31
CA ALA D 838 21.15 46.78 28.31
C ALA D 838 21.65 46.00 29.52
N ASP D 839 22.84 45.43 29.45
CA ASP D 839 23.48 44.78 30.58
C ASP D 839 24.64 45.59 31.12
N ASP D 840 24.67 46.89 30.83
CA ASP D 840 25.72 47.77 31.29
C ASP D 840 25.32 48.46 32.58
N ILE D 841 26.27 49.19 33.16
CA ILE D 841 26.04 49.99 34.36
C ILE D 841 26.40 51.43 34.02
N VAL D 842 25.46 52.35 34.25
CA VAL D 842 25.67 53.75 33.87
C VAL D 842 26.61 54.41 34.85
N GLY D 843 27.62 55.09 34.32
CA GLY D 843 28.55 55.85 35.12
C GLY D 843 29.42 54.99 36.00
N PRO D 844 30.22 55.62 36.85
CA PRO D 844 31.06 54.87 37.78
C PRO D 844 30.24 54.33 38.94
N VAL D 845 30.89 53.51 39.76
CA VAL D 845 30.25 52.89 40.91
C VAL D 845 30.16 53.91 42.04
N THR D 846 28.95 54.24 42.46
CA THR D 846 28.77 55.09 43.62
C THR D 846 29.38 54.42 44.84
N HIS D 847 30.07 55.22 45.66
CA HIS D 847 30.89 54.67 46.73
C HIS D 847 30.82 55.57 47.96
N GLU D 848 31.11 54.96 49.12
CA GLU D 848 31.33 55.68 50.35
C GLU D 848 32.23 54.83 51.23
N ILE D 849 33.05 55.48 52.05
CA ILE D 849 34.14 54.82 52.77
C ILE D 849 34.04 55.14 54.25
N PHE D 850 34.63 54.27 55.06
CA PHE D 850 34.67 54.43 56.50
C PHE D 850 36.11 54.35 56.98
N GLU D 851 36.36 54.93 58.15
CA GLU D 851 37.73 55.01 58.68
C GLU D 851 38.36 53.65 58.89
N ASN D 852 37.57 52.60 59.09
CA ASN D 852 38.08 51.26 59.34
C ASN D 852 38.33 50.48 58.07
N ASN D 853 38.59 51.16 56.96
CA ASN D 853 38.90 50.51 55.68
C ASN D 853 37.75 49.64 55.22
N VAL D 854 36.54 50.19 55.29
CA VAL D 854 35.33 49.53 54.82
C VAL D 854 34.72 50.40 53.72
N VAL D 855 34.47 49.80 52.57
CA VAL D 855 33.95 50.49 51.39
C VAL D 855 32.55 49.99 51.10
N HIS D 856 31.63 50.93 50.89
CA HIS D 856 30.24 50.62 50.55
C HIS D 856 29.98 51.16 49.15
N LEU D 857 29.39 50.33 48.29
CA LEU D 857 29.26 50.64 46.88
C LEU D 857 27.80 50.62 46.46
N MET D 858 27.48 51.42 45.44
CA MET D 858 26.14 51.54 44.90
C MET D 858 26.25 51.89 43.42
N TRP D 859 25.23 51.53 42.65
CA TRP D 859 25.22 51.79 41.23
C TRP D 859 23.79 51.61 40.71
N GLN D 860 23.61 51.86 39.41
CA GLN D 860 22.30 51.84 38.78
C GLN D 860 22.35 50.97 37.53
N GLU D 861 21.18 50.47 37.14
CA GLU D 861 21.07 49.56 36.00
C GLU D 861 20.05 50.10 35.01
N PRO D 862 20.18 49.75 33.73
CA PRO D 862 19.14 50.11 32.77
C PRO D 862 17.84 49.39 33.09
N LYS D 863 16.73 50.07 32.80
CA LYS D 863 15.40 49.54 33.09
C LYS D 863 14.80 48.77 31.92
N GLU D 864 15.54 48.59 30.84
CA GLU D 864 15.18 47.70 29.74
C GLU D 864 16.35 46.76 29.50
N PRO D 865 16.60 45.83 30.43
CA PRO D 865 17.78 44.97 30.35
C PRO D 865 17.61 43.91 29.26
N ASN D 866 18.67 43.13 29.08
CA ASN D 866 18.64 41.99 28.17
C ASN D 866 17.82 40.89 28.85
N GLY D 867 16.50 41.05 28.75
CA GLY D 867 15.60 40.21 29.51
C GLY D 867 15.52 40.65 30.95
N LEU D 868 16.58 40.37 31.71
CA LEU D 868 16.66 40.82 33.10
C LEU D 868 18.08 40.67 33.64
N ILE D 869 18.59 41.72 34.28
CA ILE D 869 19.89 41.67 34.93
C ILE D 869 19.73 40.97 36.27
N VAL D 870 20.58 39.96 36.51
CA VAL D 870 20.44 39.11 37.69
C VAL D 870 21.60 39.29 38.68
N LEU D 871 22.77 39.72 38.22
CA LEU D 871 23.91 39.90 39.12
C LEU D 871 24.84 40.95 38.52
N TYR D 872 25.83 41.34 39.32
CA TYR D 872 26.78 42.38 38.93
C TYR D 872 28.18 41.93 39.27
N GLU D 873 29.01 41.77 38.24
CA GLU D 873 30.42 41.49 38.48
C GLU D 873 31.11 42.71 39.08
N VAL D 874 31.94 42.47 40.08
CA VAL D 874 32.58 43.54 40.86
C VAL D 874 34.08 43.34 40.84
N SER D 875 34.81 44.42 40.60
CA SER D 875 36.26 44.42 40.67
C SER D 875 36.72 45.70 41.37
N TYR D 876 37.84 45.58 42.09
CA TYR D 876 38.38 46.69 42.86
C TYR D 876 39.88 46.55 42.98
N ARG D 877 40.55 47.69 43.18
CA ARG D 877 42.00 47.70 43.27
C ARG D 877 42.45 48.90 44.09
N ARG D 878 43.61 48.77 44.72
CA ARG D 878 44.31 49.86 45.36
C ARG D 878 45.64 50.08 44.65
N TYR D 879 46.03 51.35 44.49
CA TYR D 879 47.28 51.65 43.80
C TYR D 879 48.43 50.95 44.50
N GLY D 880 49.30 50.33 43.69
CA GLY D 880 50.38 49.51 44.20
C GLY D 880 50.01 48.05 44.36
N ASP D 881 48.74 47.75 44.59
CA ASP D 881 48.24 46.39 44.68
C ASP D 881 47.68 45.95 43.33
N GLU D 882 47.03 44.80 43.31
CA GLU D 882 46.44 44.25 42.10
C GLU D 882 44.93 44.14 42.26
N GLU D 883 44.23 44.26 41.14
CA GLU D 883 42.77 44.21 41.16
C GLU D 883 42.27 42.83 41.56
N LEU D 884 41.15 42.81 42.29
CA LEU D 884 40.51 41.58 42.72
C LEU D 884 39.04 41.62 42.33
N HIS D 885 38.48 40.45 42.05
CA HIS D 885 37.14 40.33 41.49
C HIS D 885 36.16 39.89 42.57
N LEU D 886 34.89 40.24 42.36
CA LEU D 886 33.82 39.87 43.28
C LEU D 886 32.49 39.96 42.53
N CYS D 887 31.48 39.31 43.08
CA CYS D 887 30.15 39.29 42.50
C CYS D 887 29.15 39.96 43.44
N VAL D 888 28.11 40.53 42.83
CA VAL D 888 26.97 41.09 43.56
C VAL D 888 25.70 40.65 42.86
N SER D 889 24.87 39.87 43.54
CA SER D 889 23.56 39.51 43.03
C SER D 889 22.55 40.61 43.38
N ARG D 890 21.36 40.50 42.80
CA ARG D 890 20.32 41.48 43.11
C ARG D 890 19.95 41.44 44.58
N LYS D 891 19.90 40.23 45.17
CA LYS D 891 19.70 40.13 46.61
C LYS D 891 20.88 40.74 47.37
N HIS D 892 22.11 40.44 46.94
CA HIS D 892 23.27 41.09 47.52
C HIS D 892 23.25 42.59 47.25
N PHE D 893 22.74 43.00 46.09
CA PHE D 893 22.60 44.41 45.80
C PHE D 893 21.68 45.10 46.80
N ALA D 894 20.55 44.46 47.11
CA ALA D 894 19.61 45.05 48.06
C ALA D 894 20.17 45.06 49.47
N LEU D 895 20.70 43.92 49.93
CA LEU D 895 21.18 43.82 51.30
C LEU D 895 22.34 44.79 51.55
N GLU D 896 23.28 44.86 50.61
CA GLU D 896 24.47 45.69 50.75
C GLU D 896 24.40 46.94 49.86
N ARG D 897 23.19 47.43 49.58
CA ARG D 897 23.01 48.60 48.74
C ARG D 897 23.92 48.53 47.53
N GLY D 898 24.08 47.32 46.98
CA GLY D 898 25.10 47.07 45.99
C GLY D 898 26.16 46.13 46.52
N CYS D 899 27.35 46.66 46.79
CA CYS D 899 28.47 45.88 47.29
C CYS D 899 29.12 46.59 48.48
N ARG D 900 29.68 45.80 49.38
CA ARG D 900 30.44 46.33 50.50
C ARG D 900 31.73 45.53 50.63
N LEU D 901 32.83 46.23 50.92
CA LEU D 901 34.14 45.63 51.10
C LEU D 901 34.69 46.00 52.46
N ARG D 902 35.42 45.07 53.08
CA ARG D 902 35.93 45.24 54.42
C ARG D 902 37.40 44.84 54.47
N GLY D 903 38.10 45.37 55.46
CA GLY D 903 39.50 45.03 55.66
C GLY D 903 40.39 45.43 54.50
N LEU D 904 40.23 46.64 53.99
CA LEU D 904 40.99 47.09 52.83
C LEU D 904 42.30 47.72 53.26
N SER D 905 43.33 47.53 52.45
CA SER D 905 44.62 48.15 52.72
C SER D 905 44.52 49.66 52.51
N PRO D 906 45.14 50.46 53.37
CA PRO D 906 44.97 51.92 53.28
C PRO D 906 45.60 52.48 52.02
N GLY D 907 44.99 53.54 51.49
CA GLY D 907 45.50 54.22 50.32
C GLY D 907 44.43 54.51 49.29
N ASN D 908 44.81 55.17 48.20
CA ASN D 908 43.86 55.47 47.13
C ASN D 908 43.31 54.17 46.56
N TYR D 909 42.01 54.17 46.26
CA TYR D 909 41.28 52.95 45.95
C TYR D 909 40.56 53.13 44.62
N SER D 910 40.23 52.00 44.00
CA SER D 910 39.48 52.00 42.74
C SER D 910 38.50 50.83 42.74
N VAL D 911 37.41 51.00 41.98
CA VAL D 911 36.38 49.99 41.90
C VAL D 911 35.77 50.04 40.50
N ARG D 912 35.46 48.85 39.97
CA ARG D 912 34.73 48.72 38.72
C ARG D 912 33.75 47.57 38.83
N ILE D 913 32.56 47.76 38.28
CA ILE D 913 31.48 46.78 38.36
C ILE D 913 30.86 46.60 36.99
N ARG D 914 30.49 45.37 36.65
CA ARG D 914 29.90 45.04 35.37
C ARG D 914 28.62 44.24 35.61
N ALA D 915 27.52 44.70 35.05
CA ALA D 915 26.24 44.03 35.20
C ALA D 915 26.16 42.85 34.24
N THR D 916 25.63 41.72 34.73
CA THR D 916 25.49 40.52 33.94
C THR D 916 24.01 40.19 33.82
N SER D 917 23.51 40.14 32.59
CA SER D 917 22.15 39.73 32.30
C SER D 917 22.15 38.29 31.79
N LEU D 918 20.96 37.75 31.57
CA LEU D 918 20.87 36.41 31.00
C LEU D 918 21.41 36.35 29.59
N ALA D 919 21.55 37.49 28.92
CA ALA D 919 22.25 37.54 27.65
C ALA D 919 23.76 37.61 27.81
N GLY D 920 24.25 37.76 29.05
CA GLY D 920 25.68 37.83 29.31
C GLY D 920 26.07 39.10 30.03
N ASN D 921 27.37 39.38 30.03
CA ASN D 921 27.90 40.58 30.68
C ASN D 921 27.81 41.77 29.75
N GLY D 922 27.68 42.96 30.34
CA GLY D 922 27.66 44.21 29.61
C GLY D 922 28.97 44.95 29.70
N SER D 923 28.87 46.27 29.87
CA SER D 923 30.04 47.13 29.96
C SER D 923 30.37 47.44 31.41
N TRP D 924 31.66 47.58 31.69
CA TRP D 924 32.11 47.92 33.02
C TRP D 924 31.75 49.36 33.37
N THR D 925 31.66 49.63 34.67
CA THR D 925 31.47 51.00 35.13
C THR D 925 32.73 51.81 34.86
N GLU D 926 32.56 53.12 34.80
CA GLU D 926 33.71 54.00 34.68
C GLU D 926 34.62 53.81 35.89
N PRO D 927 35.94 53.82 35.71
CA PRO D 927 36.83 53.54 36.85
C PRO D 927 36.55 54.46 38.03
N THR D 928 36.06 53.89 39.12
CA THR D 928 35.82 54.64 40.34
C THR D 928 37.13 54.84 41.08
N TYR D 929 37.20 55.93 41.85
CA TYR D 929 38.39 56.22 42.63
C TYR D 929 38.00 56.88 43.94
N PHE D 930 38.68 56.48 45.01
CA PHE D 930 38.46 57.05 46.33
C PHE D 930 39.56 56.55 47.25
N TYR D 931 39.67 57.18 48.42
CA TYR D 931 40.72 56.88 49.38
C TYR D 931 40.14 56.12 50.56
N VAL D 932 40.81 55.04 50.95
CA VAL D 932 40.39 54.24 52.09
C VAL D 932 41.49 54.21 53.14
#